data_1RMJ
#
_entry.id   1RMJ
#
_entity_poly.entity_id   1
_entity_poly.type   'polypeptide(L)'
_entity_poly.pdbx_seq_one_letter_code
;SYYHHHHHHDYDIPTTENLYFQGAMGSGPCRRHLDSVLQQLQTEVYRGAQTLYVPNCDHRGFYRKRQCRSSQGQRRGPCW
CVDRMGKSLPGSPDGNGSSSCPTGSSG
;
_entity_poly.pdbx_strand_id   A
#
# COMPACT_ATOMS: atom_id res chain seq x y z
N SER A 1 20.28 10.12 4.90
CA SER A 1 20.98 9.90 6.20
C SER A 1 22.14 10.89 6.35
N TYR A 2 22.04 11.81 7.29
CA TYR A 2 23.15 12.81 7.47
C TYR A 2 23.77 12.72 8.87
N TYR A 3 23.07 12.15 9.85
CA TYR A 3 23.64 12.06 11.24
C TYR A 3 25.09 11.57 11.17
N HIS A 4 25.33 10.51 10.46
CA HIS A 4 26.71 9.99 10.32
C HIS A 4 26.93 9.59 8.86
N HIS A 5 27.90 10.17 8.22
CA HIS A 5 28.14 9.84 6.78
C HIS A 5 28.80 8.46 6.62
N HIS A 6 28.20 7.44 7.17
CA HIS A 6 28.76 6.07 7.02
C HIS A 6 27.70 5.23 6.29
N HIS A 7 27.21 5.75 5.19
CA HIS A 7 26.17 5.03 4.41
C HIS A 7 26.72 4.64 3.04
N HIS A 8 26.86 3.37 2.78
CA HIS A 8 27.38 2.92 1.46
C HIS A 8 26.19 2.71 0.51
N HIS A 9 25.39 1.69 0.76
CA HIS A 9 24.20 1.39 -0.08
C HIS A 9 24.50 1.61 -1.58
N ASP A 10 24.25 2.79 -2.10
CA ASP A 10 24.52 3.05 -3.54
C ASP A 10 25.59 4.13 -3.68
N TYR A 11 26.62 3.83 -4.44
CA TYR A 11 27.71 4.82 -4.68
C TYR A 11 27.81 5.07 -6.19
N ASP A 12 28.50 4.19 -6.89
CA ASP A 12 28.64 4.31 -8.38
C ASP A 12 29.14 2.97 -8.93
N ILE A 13 28.52 1.89 -8.53
CA ILE A 13 28.96 0.54 -9.00
C ILE A 13 27.76 -0.28 -9.48
N PRO A 14 27.77 -0.64 -10.74
CA PRO A 14 26.66 -1.45 -11.31
C PRO A 14 26.69 -2.87 -10.73
N THR A 15 26.08 -3.08 -9.60
CA THR A 15 26.08 -4.45 -8.99
C THR A 15 24.63 -4.90 -8.70
N THR A 16 24.47 -6.08 -8.16
CA THR A 16 23.11 -6.59 -7.86
C THR A 16 22.47 -5.75 -6.75
N GLU A 17 23.15 -5.59 -5.66
CA GLU A 17 22.60 -4.77 -4.53
C GLU A 17 22.33 -3.36 -5.00
N ASN A 18 23.12 -2.88 -5.92
CA ASN A 18 22.91 -1.50 -6.44
C ASN A 18 21.74 -1.49 -7.41
N LEU A 19 21.62 -2.52 -8.19
CA LEU A 19 20.49 -2.63 -9.15
C LEU A 19 19.19 -2.87 -8.37
N TYR A 20 19.29 -3.52 -7.23
CA TYR A 20 18.07 -3.78 -6.40
C TYR A 20 17.63 -2.52 -5.64
N PHE A 21 18.27 -1.41 -5.87
CA PHE A 21 17.89 -0.15 -5.14
C PHE A 21 16.40 0.10 -5.28
N GLN A 22 15.77 -0.35 -6.34
CA GLN A 22 14.30 -0.16 -6.45
C GLN A 22 13.68 -0.74 -5.18
N GLY A 23 13.24 0.10 -4.28
CA GLY A 23 12.68 -0.36 -2.97
C GLY A 23 11.59 -1.41 -3.14
N ALA A 24 11.95 -2.59 -3.58
CA ALA A 24 10.96 -3.69 -3.74
C ALA A 24 10.73 -4.36 -2.39
N MET A 25 9.74 -5.20 -2.29
CA MET A 25 9.48 -5.89 -1.00
C MET A 25 9.86 -7.36 -1.11
N GLY A 26 9.25 -8.23 -0.34
CA GLY A 26 9.60 -9.67 -0.40
C GLY A 26 8.83 -10.34 -1.55
N SER A 27 9.30 -10.17 -2.77
CA SER A 27 8.62 -10.78 -3.93
C SER A 27 7.13 -10.41 -3.97
N GLY A 28 6.82 -9.14 -4.15
CA GLY A 28 5.40 -8.72 -4.19
C GLY A 28 5.21 -7.65 -5.27
N PRO A 29 4.26 -7.88 -6.15
CA PRO A 29 4.00 -6.92 -7.26
C PRO A 29 3.35 -5.62 -6.76
N CYS A 30 2.75 -5.63 -5.59
CA CYS A 30 2.09 -4.38 -5.09
C CYS A 30 3.14 -3.27 -4.89
N ARG A 31 4.28 -3.57 -4.30
CA ARG A 31 5.30 -2.49 -4.10
C ARG A 31 5.69 -1.90 -5.45
N ARG A 32 5.93 -2.73 -6.44
CA ARG A 32 6.29 -2.18 -7.78
C ARG A 32 5.16 -1.28 -8.28
N HIS A 33 3.94 -1.70 -8.06
CA HIS A 33 2.78 -0.88 -8.47
C HIS A 33 2.70 0.37 -7.59
N LEU A 34 2.98 0.21 -6.31
CA LEU A 34 2.93 1.38 -5.39
C LEU A 34 4.02 2.38 -5.74
N ASP A 35 5.25 1.93 -5.85
CA ASP A 35 6.37 2.87 -6.18
C ASP A 35 6.09 3.57 -7.52
N SER A 36 5.66 2.84 -8.50
CA SER A 36 5.36 3.45 -9.82
C SER A 36 4.23 4.47 -9.68
N VAL A 37 3.14 4.08 -9.05
CA VAL A 37 2.01 5.04 -8.88
C VAL A 37 2.38 6.12 -7.86
N LEU A 38 2.89 5.75 -6.72
CA LEU A 38 3.20 6.78 -5.71
C LEU A 38 4.30 7.72 -6.21
N GLN A 39 5.29 7.25 -6.94
CA GLN A 39 6.34 8.20 -7.39
C GLN A 39 5.77 9.17 -8.43
N GLN A 40 5.15 8.68 -9.48
CA GLN A 40 4.56 9.62 -10.49
C GLN A 40 3.19 10.14 -10.10
N LEU A 41 2.30 9.26 -9.73
CA LEU A 41 0.92 9.71 -9.46
C LEU A 41 0.82 10.48 -8.14
N GLN A 42 1.32 9.98 -7.06
CA GLN A 42 1.17 10.74 -5.78
C GLN A 42 1.72 12.15 -5.91
N THR A 43 2.61 12.39 -6.82
CA THR A 43 3.11 13.76 -6.97
C THR A 43 2.12 14.58 -7.76
N GLU A 44 1.67 14.10 -8.88
CA GLU A 44 0.68 14.93 -9.64
C GLU A 44 -0.75 14.47 -9.34
N VAL A 45 -0.94 13.59 -8.40
CA VAL A 45 -2.36 13.14 -8.11
C VAL A 45 -2.99 13.74 -6.87
N TYR A 46 -2.41 13.42 -5.76
CA TYR A 46 -2.98 13.78 -4.42
C TYR A 46 -3.34 15.22 -4.22
N ARG A 47 -2.44 16.08 -4.46
CA ARG A 47 -2.70 17.51 -4.17
C ARG A 47 -3.85 18.10 -4.98
N GLY A 48 -3.82 17.97 -6.26
CA GLY A 48 -4.88 18.61 -7.07
C GLY A 48 -5.66 17.70 -8.03
N ALA A 49 -5.45 16.39 -8.13
CA ALA A 49 -6.22 15.73 -9.24
C ALA A 49 -7.70 15.43 -8.93
N GLN A 50 -8.06 14.32 -8.32
CA GLN A 50 -9.52 14.16 -7.99
C GLN A 50 -9.81 13.52 -6.63
N THR A 51 -9.54 12.25 -6.60
CA THR A 51 -9.79 11.33 -5.45
C THR A 51 -9.05 10.00 -5.73
N LEU A 52 -7.82 10.10 -6.11
CA LEU A 52 -7.07 8.89 -6.58
C LEU A 52 -6.68 7.95 -5.43
N TYR A 53 -6.95 6.70 -5.66
CA TYR A 53 -6.67 5.64 -4.65
C TYR A 53 -5.26 5.01 -4.83
N VAL A 54 -4.58 4.76 -3.74
CA VAL A 54 -3.23 4.12 -3.81
C VAL A 54 -3.24 2.78 -3.05
N PRO A 55 -2.64 1.79 -3.64
CA PRO A 55 -2.58 0.43 -3.02
C PRO A 55 -1.57 0.36 -1.85
N ASN A 56 -1.80 -0.49 -0.89
CA ASN A 56 -0.85 -0.64 0.26
C ASN A 56 -0.21 -2.02 0.20
N CYS A 57 1.06 -2.11 0.43
CA CYS A 57 1.69 -3.46 0.38
C CYS A 57 2.50 -3.72 1.64
N ASP A 58 2.41 -4.91 2.16
CA ASP A 58 3.19 -5.27 3.37
C ASP A 58 4.63 -5.58 2.96
N HIS A 59 5.51 -5.78 3.90
CA HIS A 59 6.93 -6.10 3.56
C HIS A 59 7.01 -7.22 2.52
N ARG A 60 5.99 -8.05 2.40
CA ARG A 60 6.03 -9.13 1.39
C ARG A 60 5.64 -8.58 -0.02
N GLY A 61 5.56 -7.28 -0.17
CA GLY A 61 5.25 -6.66 -1.50
C GLY A 61 3.84 -6.93 -2.02
N PHE A 62 2.99 -7.62 -1.30
CA PHE A 62 1.61 -7.85 -1.83
C PHE A 62 0.65 -6.78 -1.25
N TYR A 63 -0.55 -6.66 -1.79
CA TYR A 63 -1.52 -5.66 -1.21
C TYR A 63 -2.01 -6.29 0.08
N ARG A 64 -1.30 -6.14 1.17
CA ARG A 64 -1.75 -6.88 2.38
C ARG A 64 -2.91 -6.26 3.16
N LYS A 65 -2.72 -5.11 3.72
CA LYS A 65 -3.82 -4.52 4.55
C LYS A 65 -4.70 -3.44 3.88
N ARG A 66 -4.09 -2.48 3.23
CA ARG A 66 -4.89 -1.31 2.74
C ARG A 66 -5.00 -1.08 1.23
N GLN A 67 -6.12 -0.51 0.91
CA GLN A 67 -6.42 0.00 -0.46
C GLN A 67 -7.23 1.26 -0.16
N CYS A 68 -6.83 2.41 -0.61
CA CYS A 68 -7.60 3.62 -0.20
C CYS A 68 -7.77 4.63 -1.32
N ARG A 69 -8.91 5.27 -1.37
CA ARG A 69 -9.13 6.35 -2.36
C ARG A 69 -8.65 7.64 -1.69
N SER A 70 -7.88 8.44 -2.36
CA SER A 70 -7.35 9.67 -1.69
C SER A 70 -7.98 10.94 -2.28
N SER A 71 -8.62 11.71 -1.43
CA SER A 71 -9.26 12.98 -1.85
C SER A 71 -8.19 14.07 -1.98
N GLN A 72 -8.46 15.11 -2.73
CA GLN A 72 -7.43 16.19 -2.91
C GLN A 72 -7.54 17.26 -1.80
N GLY A 73 -8.72 17.50 -1.27
CA GLY A 73 -8.86 18.57 -0.24
C GLY A 73 -8.91 18.00 1.17
N GLN A 74 -9.90 17.20 1.47
CA GLN A 74 -10.01 16.63 2.85
C GLN A 74 -9.03 15.46 3.02
N ARG A 75 -8.63 15.20 4.24
CA ARG A 75 -7.69 14.07 4.49
C ARG A 75 -8.42 12.72 4.42
N ARG A 76 -9.73 12.74 4.35
CA ARG A 76 -10.50 11.46 4.27
C ARG A 76 -10.12 10.70 3.01
N GLY A 77 -10.25 9.40 3.03
CA GLY A 77 -9.89 8.59 1.83
C GLY A 77 -11.07 8.47 0.88
N PRO A 78 -12.02 7.64 1.25
CA PRO A 78 -11.95 6.86 2.51
C PRO A 78 -11.04 5.63 2.37
N CYS A 79 -10.52 5.18 3.47
CA CYS A 79 -9.64 3.98 3.47
C CYS A 79 -10.44 2.71 3.75
N TRP A 80 -10.00 1.60 3.22
CA TRP A 80 -10.70 0.31 3.51
C TRP A 80 -9.68 -0.83 3.53
N CYS A 81 -9.93 -1.88 4.28
CA CYS A 81 -8.93 -2.99 4.34
C CYS A 81 -9.14 -3.99 3.22
N VAL A 82 -8.10 -4.67 2.85
CA VAL A 82 -8.19 -5.69 1.76
C VAL A 82 -7.40 -6.94 2.16
N ASP A 83 -7.56 -8.03 1.46
CA ASP A 83 -6.80 -9.25 1.81
C ASP A 83 -5.41 -9.14 1.21
N ARG A 84 -4.59 -10.12 1.44
CA ARG A 84 -3.18 -10.08 0.89
C ARG A 84 -3.16 -9.92 -0.64
N MET A 85 -4.25 -10.16 -1.31
CA MET A 85 -4.28 -9.98 -2.79
C MET A 85 -4.68 -8.54 -3.10
N GLY A 86 -5.33 -7.87 -2.17
CA GLY A 86 -5.73 -6.45 -2.40
C GLY A 86 -7.25 -6.35 -2.64
N LYS A 87 -8.01 -7.36 -2.31
CA LYS A 87 -9.47 -7.29 -2.53
C LYS A 87 -10.12 -6.51 -1.38
N SER A 88 -10.94 -5.55 -1.71
CA SER A 88 -11.63 -4.73 -0.69
C SER A 88 -12.50 -5.63 0.19
N LEU A 89 -12.18 -5.72 1.45
CA LEU A 89 -12.99 -6.57 2.37
C LEU A 89 -14.09 -5.71 3.00
N PRO A 90 -15.31 -5.93 2.58
CA PRO A 90 -16.45 -5.15 3.13
C PRO A 90 -16.67 -5.51 4.61
N GLY A 91 -16.68 -6.77 4.91
CA GLY A 91 -16.87 -7.21 6.32
C GLY A 91 -16.74 -8.74 6.38
N SER A 92 -15.72 -9.27 5.77
CA SER A 92 -15.54 -10.76 5.78
C SER A 92 -14.32 -11.14 6.63
N PRO A 93 -14.56 -11.90 7.66
CA PRO A 93 -13.44 -12.34 8.55
C PRO A 93 -12.51 -13.29 7.82
N ASP A 94 -13.00 -13.98 6.82
CA ASP A 94 -12.12 -14.91 6.05
C ASP A 94 -11.12 -14.09 5.21
N GLY A 95 -11.31 -12.80 5.14
CA GLY A 95 -10.38 -11.93 4.35
C GLY A 95 -9.81 -10.85 5.27
N ASN A 96 -10.64 -10.20 6.03
CA ASN A 96 -10.16 -9.13 6.94
C ASN A 96 -9.63 -9.74 8.25
N GLY A 97 -8.55 -10.45 8.16
CA GLY A 97 -7.97 -11.08 9.38
C GLY A 97 -6.58 -10.49 9.62
N SER A 98 -5.94 -10.88 10.71
CA SER A 98 -4.58 -10.33 11.01
C SER A 98 -3.64 -10.52 9.80
N SER A 99 -3.89 -11.52 8.99
CA SER A 99 -3.03 -11.75 7.80
C SER A 99 -3.04 -10.50 6.90
N SER A 100 -4.17 -9.85 6.77
CA SER A 100 -4.24 -8.61 5.92
C SER A 100 -4.09 -7.38 6.81
N CYS A 101 -5.04 -7.17 7.69
CA CYS A 101 -4.96 -6.00 8.62
C CYS A 101 -4.86 -6.53 10.05
N PRO A 102 -4.35 -5.72 10.94
CA PRO A 102 -4.19 -6.15 12.36
C PRO A 102 -5.56 -6.39 13.01
N THR A 103 -6.32 -5.36 13.26
CA THR A 103 -7.65 -5.56 13.90
C THR A 103 -8.69 -4.66 13.22
N GLY A 104 -9.93 -5.09 13.20
CA GLY A 104 -11.00 -4.27 12.56
C GLY A 104 -11.89 -5.12 11.64
N SER A 105 -12.24 -6.32 12.05
CA SER A 105 -13.12 -7.15 11.18
C SER A 105 -14.58 -6.99 11.64
N SER A 106 -15.10 -5.80 11.49
CA SER A 106 -16.50 -5.52 11.91
C SER A 106 -17.48 -6.08 10.87
N GLY A 107 -17.56 -7.38 10.77
CA GLY A 107 -18.49 -8.00 9.78
C GLY A 107 -18.69 -9.47 10.12
N SER A 1 10.49 8.00 43.39
CA SER A 1 9.48 8.55 42.45
C SER A 1 8.55 9.54 43.19
N TYR A 2 8.36 10.71 42.63
CA TYR A 2 7.46 11.71 43.28
C TYR A 2 6.21 11.91 42.43
N TYR A 3 5.04 11.93 43.04
CA TYR A 3 3.74 12.12 42.28
C TYR A 3 3.85 11.62 40.84
N HIS A 4 4.27 10.39 40.66
CA HIS A 4 4.41 9.84 39.28
C HIS A 4 3.04 9.69 38.62
N HIS A 5 2.85 10.32 37.49
CA HIS A 5 1.55 10.23 36.77
C HIS A 5 1.81 10.01 35.28
N HIS A 6 1.74 8.79 34.82
CA HIS A 6 2.00 8.51 33.37
C HIS A 6 1.02 9.30 32.50
N HIS A 7 1.49 9.84 31.41
CA HIS A 7 0.58 10.64 30.53
C HIS A 7 0.25 9.85 29.25
N HIS A 8 -1.01 9.75 28.91
CA HIS A 8 -1.43 9.01 27.67
C HIS A 8 -1.16 7.50 27.83
N HIS A 9 -1.27 6.76 26.76
CA HIS A 9 -1.04 5.28 26.81
C HIS A 9 0.28 4.95 26.11
N ASP A 10 0.50 3.70 25.76
CA ASP A 10 1.78 3.34 25.05
C ASP A 10 1.77 3.95 23.65
N TYR A 11 0.62 3.97 23.03
CA TYR A 11 0.53 4.61 21.68
C TYR A 11 0.37 6.12 21.91
N ASP A 12 1.47 6.79 22.15
CA ASP A 12 1.41 8.25 22.44
C ASP A 12 1.15 9.11 21.20
N ILE A 13 0.86 8.51 20.08
CA ILE A 13 0.58 9.31 18.86
C ILE A 13 -0.64 8.75 18.13
N PRO A 14 -1.74 9.46 18.20
CA PRO A 14 -2.98 9.00 17.53
C PRO A 14 -2.81 9.10 16.01
N THR A 15 -2.26 8.08 15.41
CA THR A 15 -2.04 8.12 13.94
C THR A 15 -2.78 6.97 13.25
N THR A 16 -3.69 7.28 12.38
CA THR A 16 -4.44 6.23 11.65
C THR A 16 -3.60 5.74 10.45
N GLU A 17 -2.96 6.66 9.78
CA GLU A 17 -2.10 6.29 8.61
C GLU A 17 -0.83 5.58 9.06
N ASN A 18 -0.60 5.46 10.34
CA ASN A 18 0.61 4.74 10.83
C ASN A 18 0.58 3.28 10.38
N LEU A 19 -0.58 2.82 10.06
CA LEU A 19 -0.73 1.41 9.57
C LEU A 19 -0.20 1.27 8.14
N TYR A 20 0.07 2.39 7.49
CA TYR A 20 0.58 2.34 6.07
C TYR A 20 2.12 2.34 6.04
N PHE A 21 2.77 2.26 7.17
CA PHE A 21 4.26 2.26 7.18
C PHE A 21 4.78 1.06 6.40
N GLN A 22 5.08 1.28 5.17
CA GLN A 22 5.58 0.18 4.29
C GLN A 22 7.07 0.37 4.01
N GLY A 23 7.91 -0.13 4.87
CA GLY A 23 9.37 0.00 4.63
C GLY A 23 9.80 -1.08 3.65
N ALA A 24 10.84 -1.81 3.95
CA ALA A 24 11.32 -2.89 3.04
C ALA A 24 10.48 -4.15 3.21
N MET A 25 9.82 -4.59 2.18
CA MET A 25 8.98 -5.83 2.28
C MET A 25 9.65 -6.99 1.52
N GLY A 26 9.11 -8.17 1.62
CA GLY A 26 9.71 -9.35 0.94
C GLY A 26 9.54 -9.28 -0.58
N SER A 27 10.19 -8.33 -1.20
CA SER A 27 10.14 -8.18 -2.70
C SER A 27 8.79 -8.65 -3.29
N GLY A 28 7.73 -7.92 -3.08
CA GLY A 28 6.41 -8.35 -3.65
C GLY A 28 6.04 -7.43 -4.82
N PRO A 29 5.01 -7.81 -5.53
CA PRO A 29 4.54 -7.01 -6.71
C PRO A 29 3.93 -5.67 -6.29
N CYS A 30 3.32 -5.61 -5.13
CA CYS A 30 2.69 -4.32 -4.69
C CYS A 30 3.76 -3.26 -4.46
N ARG A 31 4.87 -3.58 -3.83
CA ARG A 31 5.92 -2.55 -3.60
C ARG A 31 6.31 -1.89 -4.94
N ARG A 32 6.46 -2.67 -5.98
CA ARG A 32 6.81 -2.10 -7.30
C ARG A 32 5.64 -1.24 -7.82
N HIS A 33 4.43 -1.74 -7.69
CA HIS A 33 3.25 -0.95 -8.16
C HIS A 33 3.11 0.31 -7.30
N LEU A 34 3.24 0.17 -6.00
CA LEU A 34 3.13 1.35 -5.10
C LEU A 34 4.17 2.40 -5.50
N ASP A 35 5.41 1.99 -5.61
CA ASP A 35 6.49 2.95 -6.00
C ASP A 35 6.14 3.64 -7.33
N SER A 36 5.72 2.86 -8.29
CA SER A 36 5.36 3.44 -9.62
C SER A 36 4.09 4.29 -9.52
N VAL A 37 3.07 3.78 -8.90
CA VAL A 37 1.79 4.57 -8.79
C VAL A 37 2.01 5.78 -7.89
N LEU A 38 2.59 5.60 -6.74
CA LEU A 38 2.79 6.76 -5.83
C LEU A 38 3.78 7.75 -6.42
N GLN A 39 4.81 7.32 -7.09
CA GLN A 39 5.76 8.33 -7.62
C GLN A 39 5.09 9.16 -8.72
N GLN A 40 4.47 8.55 -9.70
CA GLN A 40 3.80 9.35 -10.77
C GLN A 40 2.43 9.89 -10.34
N LEU A 41 1.56 9.02 -9.88
CA LEU A 41 0.18 9.48 -9.51
C LEU A 41 0.18 10.33 -8.26
N GLN A 42 0.82 9.91 -7.22
CA GLN A 42 0.81 10.77 -6.00
C GLN A 42 1.44 12.11 -6.32
N THR A 43 2.25 12.17 -7.33
CA THR A 43 2.87 13.45 -7.68
C THR A 43 1.91 14.30 -8.52
N GLU A 44 1.33 13.76 -9.57
CA GLU A 44 0.41 14.62 -10.38
C GLU A 44 -1.07 14.37 -10.12
N VAL A 45 -1.40 13.55 -9.17
CA VAL A 45 -2.85 13.29 -8.89
C VAL A 45 -3.35 14.03 -7.65
N TYR A 46 -2.69 13.77 -6.57
CA TYR A 46 -3.11 14.28 -5.22
C TYR A 46 -3.34 15.77 -5.13
N ARG A 47 -2.88 16.52 -6.06
CA ARG A 47 -3.07 17.99 -5.93
C ARG A 47 -4.43 18.47 -6.43
N GLY A 48 -4.79 18.15 -7.64
CA GLY A 48 -6.08 18.65 -8.18
C GLY A 48 -7.01 17.57 -8.74
N ALA A 49 -6.70 16.28 -8.72
CA ALA A 49 -7.67 15.40 -9.46
C ALA A 49 -8.97 15.06 -8.70
N GLN A 50 -9.04 14.00 -7.90
CA GLN A 50 -10.32 13.78 -7.14
C GLN A 50 -10.12 13.29 -5.70
N THR A 51 -9.73 12.06 -5.65
CA THR A 51 -9.52 11.26 -4.41
C THR A 51 -8.82 9.96 -4.86
N LEU A 52 -7.77 10.04 -5.63
CA LEU A 52 -7.17 8.81 -6.22
C LEU A 52 -6.53 7.95 -5.15
N TYR A 53 -6.92 6.71 -5.19
CA TYR A 53 -6.47 5.71 -4.18
C TYR A 53 -5.10 5.07 -4.47
N VAL A 54 -4.33 4.89 -3.43
CA VAL A 54 -3.00 4.23 -3.57
C VAL A 54 -3.03 2.91 -2.78
N PRO A 55 -2.44 1.89 -3.37
CA PRO A 55 -2.43 0.53 -2.74
C PRO A 55 -1.42 0.41 -1.58
N ASN A 56 -1.71 -0.45 -0.64
CA ASN A 56 -0.80 -0.66 0.53
C ASN A 56 -0.15 -2.03 0.43
N CYS A 57 1.11 -2.14 0.71
CA CYS A 57 1.76 -3.47 0.68
C CYS A 57 2.32 -3.80 2.05
N ASP A 58 2.05 -4.97 2.52
CA ASP A 58 2.58 -5.40 3.84
C ASP A 58 3.98 -5.99 3.64
N HIS A 59 4.63 -6.38 4.69
CA HIS A 59 6.00 -6.95 4.57
C HIS A 59 6.08 -8.01 3.45
N ARG A 60 4.98 -8.61 3.03
CA ARG A 60 5.07 -9.62 1.91
C ARG A 60 5.11 -8.94 0.53
N GLY A 61 5.25 -7.63 0.45
CA GLY A 61 5.33 -6.93 -0.86
C GLY A 61 4.01 -7.02 -1.66
N PHE A 62 2.98 -7.64 -1.14
CA PHE A 62 1.69 -7.71 -1.89
C PHE A 62 0.76 -6.59 -1.40
N TYR A 63 -0.31 -6.30 -2.12
CA TYR A 63 -1.27 -5.25 -1.63
C TYR A 63 -2.06 -5.96 -0.54
N ARG A 64 -1.46 -6.18 0.58
CA ARG A 64 -2.16 -7.02 1.59
C ARG A 64 -3.21 -6.35 2.45
N LYS A 65 -2.85 -5.38 3.19
CA LYS A 65 -3.83 -4.80 4.15
C LYS A 65 -4.68 -3.62 3.70
N ARG A 66 -4.09 -2.61 3.12
CA ARG A 66 -4.91 -1.41 2.79
C ARG A 66 -5.01 -1.06 1.31
N GLN A 67 -6.12 -0.46 1.00
CA GLN A 67 -6.38 0.12 -0.34
C GLN A 67 -7.12 1.41 0.01
N CYS A 68 -6.65 2.56 -0.36
CA CYS A 68 -7.38 3.78 0.12
C CYS A 68 -7.49 4.85 -0.94
N ARG A 69 -8.63 5.50 -1.00
CA ARG A 69 -8.79 6.63 -1.96
C ARG A 69 -8.17 7.86 -1.31
N SER A 70 -7.28 8.53 -2.00
CA SER A 70 -6.61 9.72 -1.41
C SER A 70 -7.13 11.01 -2.03
N SER A 71 -7.64 11.87 -1.21
CA SER A 71 -8.20 13.17 -1.65
C SER A 71 -7.11 14.25 -1.56
N GLN A 72 -7.37 15.39 -2.14
CA GLN A 72 -6.35 16.49 -2.11
C GLN A 72 -6.31 17.19 -0.75
N GLY A 73 -7.45 17.44 -0.15
CA GLY A 73 -7.46 18.15 1.16
C GLY A 73 -7.35 17.16 2.33
N GLN A 74 -8.03 17.44 3.43
CA GLN A 74 -7.96 16.54 4.63
C GLN A 74 -9.00 15.41 4.51
N ARG A 75 -9.67 15.29 3.40
CA ARG A 75 -10.68 14.20 3.23
C ARG A 75 -10.00 12.81 3.32
N ARG A 76 -8.67 12.78 3.36
CA ARG A 76 -7.88 11.50 3.44
C ARG A 76 -8.79 10.27 3.51
N GLY A 77 -9.12 9.72 2.38
CA GLY A 77 -10.00 8.53 2.34
C GLY A 77 -10.88 8.59 1.08
N PRO A 78 -11.87 7.74 1.04
CA PRO A 78 -12.12 6.78 2.15
C PRO A 78 -11.16 5.58 2.11
N CYS A 79 -10.80 5.11 3.26
CA CYS A 79 -9.88 3.93 3.36
C CYS A 79 -10.68 2.63 3.54
N TRP A 80 -10.11 1.53 3.16
CA TRP A 80 -10.80 0.22 3.36
C TRP A 80 -9.77 -0.91 3.32
N CYS A 81 -9.96 -1.94 4.10
CA CYS A 81 -8.97 -3.06 4.14
C CYS A 81 -9.18 -3.99 2.95
N VAL A 82 -8.16 -4.75 2.60
CA VAL A 82 -8.26 -5.67 1.43
C VAL A 82 -7.45 -6.94 1.68
N ASP A 83 -7.59 -7.94 0.83
CA ASP A 83 -6.80 -9.19 1.02
C ASP A 83 -5.45 -9.04 0.33
N ARG A 84 -4.64 -10.06 0.40
CA ARG A 84 -3.27 -10.02 -0.25
C ARG A 84 -3.31 -9.50 -1.70
N MET A 85 -4.40 -9.72 -2.39
CA MET A 85 -4.47 -9.25 -3.80
C MET A 85 -4.81 -7.76 -3.85
N GLY A 86 -5.38 -7.24 -2.80
CA GLY A 86 -5.72 -5.79 -2.77
C GLY A 86 -7.21 -5.58 -3.04
N LYS A 87 -8.03 -6.59 -2.84
CA LYS A 87 -9.48 -6.39 -3.10
C LYS A 87 -10.18 -6.08 -1.78
N SER A 88 -11.18 -5.25 -1.83
CA SER A 88 -11.92 -4.85 -0.60
C SER A 88 -12.51 -6.06 0.11
N LEU A 89 -12.17 -6.22 1.36
CA LEU A 89 -12.71 -7.35 2.16
C LEU A 89 -14.06 -6.96 2.77
N PRO A 90 -15.01 -7.86 2.71
CA PRO A 90 -16.36 -7.59 3.26
C PRO A 90 -16.33 -7.61 4.79
N GLY A 91 -16.14 -8.76 5.39
CA GLY A 91 -16.10 -8.83 6.88
C GLY A 91 -17.51 -9.11 7.40
N SER A 92 -17.62 -9.73 8.54
CA SER A 92 -18.97 -10.03 9.11
C SER A 92 -19.66 -8.74 9.55
N PRO A 93 -20.95 -8.83 9.79
CA PRO A 93 -21.73 -7.65 10.22
C PRO A 93 -21.26 -7.16 11.60
N ASP A 94 -20.65 -8.02 12.38
CA ASP A 94 -20.14 -7.60 13.72
C ASP A 94 -18.89 -6.72 13.56
N GLY A 95 -18.38 -6.57 12.36
CA GLY A 95 -17.17 -5.74 12.15
C GLY A 95 -15.93 -6.52 12.58
N ASN A 96 -15.77 -7.73 12.09
CA ASN A 96 -14.57 -8.54 12.48
C ASN A 96 -13.30 -7.94 11.87
N GLY A 97 -12.33 -7.62 12.68
CA GLY A 97 -11.08 -7.03 12.15
C GLY A 97 -10.27 -8.07 11.37
N SER A 98 -10.17 -9.28 11.86
CA SER A 98 -9.38 -10.33 11.13
C SER A 98 -9.84 -10.46 9.67
N SER A 99 -11.13 -10.47 9.44
CA SER A 99 -11.63 -10.60 8.04
C SER A 99 -11.39 -9.32 7.23
N SER A 100 -11.19 -8.20 7.88
CA SER A 100 -10.94 -6.93 7.12
C SER A 100 -9.45 -6.63 7.07
N CYS A 101 -8.83 -6.45 8.19
CA CYS A 101 -7.36 -6.15 8.19
C CYS A 101 -6.67 -6.95 9.30
N PRO A 102 -5.52 -7.52 8.96
CA PRO A 102 -4.76 -8.32 9.95
C PRO A 102 -3.98 -7.42 10.93
N THR A 103 -2.80 -6.97 10.56
CA THR A 103 -1.99 -6.12 11.49
C THR A 103 -1.20 -5.05 10.72
N GLY A 104 -0.75 -4.03 11.40
CA GLY A 104 0.04 -2.96 10.72
C GLY A 104 1.48 -3.46 10.56
N SER A 105 2.28 -3.28 11.57
CA SER A 105 3.70 -3.75 11.50
C SER A 105 3.99 -4.66 12.71
N SER A 106 2.98 -5.27 13.27
CA SER A 106 3.20 -6.16 14.45
C SER A 106 3.43 -7.62 14.00
N GLY A 107 2.40 -8.28 13.56
CA GLY A 107 2.55 -9.70 13.10
C GLY A 107 1.18 -10.31 12.83
N SER A 1 57.04 25.67 -17.58
CA SER A 1 57.10 24.39 -16.80
C SER A 1 56.38 23.28 -17.57
N TYR A 2 57.12 22.31 -18.06
CA TYR A 2 56.46 21.18 -18.82
C TYR A 2 55.53 20.42 -17.87
N TYR A 3 54.41 19.97 -18.36
CA TYR A 3 53.44 19.23 -17.49
C TYR A 3 54.18 18.22 -16.60
N HIS A 4 54.21 18.45 -15.31
CA HIS A 4 54.93 17.53 -14.40
C HIS A 4 53.92 16.61 -13.69
N HIS A 5 53.01 17.18 -12.94
CA HIS A 5 51.99 16.35 -12.22
C HIS A 5 50.59 16.84 -12.57
N HIS A 6 49.81 16.03 -13.25
CA HIS A 6 48.44 16.47 -13.63
C HIS A 6 47.53 15.26 -13.91
N HIS A 7 46.59 15.01 -13.05
CA HIS A 7 45.64 13.87 -13.25
C HIS A 7 44.34 14.15 -12.48
N HIS A 8 43.43 14.86 -13.08
CA HIS A 8 42.16 15.20 -12.37
C HIS A 8 41.01 14.33 -12.88
N HIS A 9 40.63 13.33 -12.11
CA HIS A 9 39.50 12.43 -12.51
C HIS A 9 39.27 11.34 -11.46
N ASP A 10 38.32 11.52 -10.58
CA ASP A 10 38.03 10.48 -9.55
C ASP A 10 36.75 9.73 -9.95
N TYR A 11 36.79 8.43 -9.96
CA TYR A 11 35.56 7.67 -10.36
C TYR A 11 35.12 6.72 -9.24
N ASP A 12 35.30 7.10 -8.01
CA ASP A 12 34.87 6.20 -6.89
C ASP A 12 33.50 6.62 -6.36
N ILE A 13 32.48 6.36 -7.12
CA ILE A 13 31.10 6.75 -6.69
C ILE A 13 30.26 5.49 -6.39
N PRO A 14 29.50 5.56 -5.33
CA PRO A 14 28.64 4.42 -4.93
C PRO A 14 27.52 4.21 -5.95
N THR A 15 27.85 3.68 -7.09
CA THR A 15 26.82 3.47 -8.15
C THR A 15 25.81 2.42 -7.72
N THR A 16 26.30 1.37 -7.16
CA THR A 16 25.40 0.27 -6.69
C THR A 16 24.42 0.82 -5.64
N GLU A 17 24.94 1.51 -4.65
CA GLU A 17 24.05 2.08 -3.59
C GLU A 17 23.16 3.18 -4.16
N ASN A 18 23.47 3.66 -5.33
CA ASN A 18 22.64 4.73 -5.96
C ASN A 18 21.60 4.12 -6.89
N LEU A 19 21.78 2.90 -7.28
CA LEU A 19 20.82 2.25 -8.21
C LEU A 19 19.74 1.49 -7.44
N TYR A 20 20.07 0.96 -6.29
CA TYR A 20 19.04 0.20 -5.50
C TYR A 20 18.12 1.15 -4.70
N PHE A 21 18.29 2.43 -4.88
CA PHE A 21 17.46 3.45 -4.13
C PHE A 21 15.99 3.00 -3.98
N GLN A 22 15.41 2.41 -5.00
CA GLN A 22 13.99 1.95 -4.89
C GLN A 22 13.89 0.65 -4.08
N GLY A 23 14.48 0.61 -2.91
CA GLY A 23 14.39 -0.62 -2.06
C GLY A 23 13.14 -0.52 -1.18
N ALA A 24 11.98 -0.59 -1.77
CA ALA A 24 10.73 -0.47 -0.98
C ALA A 24 10.41 -1.76 -0.21
N MET A 25 9.60 -2.64 -0.76
CA MET A 25 9.25 -3.92 -0.03
C MET A 25 9.95 -5.13 -0.64
N GLY A 26 9.58 -6.31 -0.18
CA GLY A 26 10.18 -7.58 -0.70
C GLY A 26 9.69 -7.87 -2.12
N SER A 27 10.17 -7.11 -3.08
CA SER A 27 9.79 -7.31 -4.51
C SER A 27 8.33 -7.79 -4.67
N GLY A 28 7.41 -7.10 -4.06
CA GLY A 28 5.96 -7.51 -4.19
C GLY A 28 5.31 -6.67 -5.29
N PRO A 29 4.26 -7.19 -5.86
CA PRO A 29 3.53 -6.47 -6.94
C PRO A 29 2.93 -5.17 -6.41
N CYS A 30 2.38 -5.19 -5.23
CA CYS A 30 1.79 -3.93 -4.67
C CYS A 30 2.91 -2.90 -4.50
N ARG A 31 4.05 -3.30 -3.99
CA ARG A 31 5.17 -2.33 -3.82
C ARG A 31 5.69 -1.90 -5.21
N ARG A 32 5.81 -2.81 -6.14
CA ARG A 32 6.29 -2.41 -7.51
C ARG A 32 5.26 -1.50 -8.14
N HIS A 33 4.00 -1.79 -7.94
CA HIS A 33 2.95 -0.88 -8.47
C HIS A 33 3.06 0.44 -7.71
N LEU A 34 3.28 0.35 -6.41
CA LEU A 34 3.45 1.59 -5.59
C LEU A 34 4.65 2.37 -6.12
N ASP A 35 5.73 1.70 -6.44
CA ASP A 35 6.92 2.44 -6.98
C ASP A 35 6.48 3.26 -8.20
N SER A 36 5.77 2.64 -9.08
CA SER A 36 5.27 3.36 -10.30
C SER A 36 4.16 4.35 -9.90
N VAL A 37 3.17 3.88 -9.19
CA VAL A 37 2.04 4.77 -8.77
C VAL A 37 2.55 5.86 -7.84
N LEU A 38 3.33 5.54 -6.86
CA LEU A 38 3.81 6.60 -5.96
C LEU A 38 4.70 7.59 -6.71
N GLN A 39 5.51 7.14 -7.64
CA GLN A 39 6.35 8.14 -8.33
C GLN A 39 5.48 9.04 -9.23
N GLN A 40 4.65 8.48 -10.08
CA GLN A 40 3.76 9.33 -10.94
C GLN A 40 2.47 9.74 -10.24
N LEU A 41 1.76 8.78 -9.71
CA LEU A 41 0.43 9.07 -9.10
C LEU A 41 0.55 9.82 -7.78
N GLN A 42 1.47 9.50 -6.90
CA GLN A 42 1.53 10.27 -5.61
C GLN A 42 1.60 11.76 -5.91
N THR A 43 2.08 12.12 -7.06
CA THR A 43 2.10 13.54 -7.44
C THR A 43 0.76 13.86 -8.12
N GLU A 44 0.27 12.98 -8.97
CA GLU A 44 -1.02 13.26 -9.68
C GLU A 44 -2.25 12.64 -8.99
N VAL A 45 -2.18 12.27 -7.73
CA VAL A 45 -3.42 11.60 -7.15
C VAL A 45 -4.44 12.57 -6.52
N TYR A 46 -4.14 13.14 -5.40
CA TYR A 46 -5.11 14.08 -4.76
C TYR A 46 -4.79 15.49 -5.18
N ARG A 47 -3.58 15.84 -4.96
CA ARG A 47 -3.10 17.19 -5.35
C ARG A 47 -3.03 17.25 -6.88
N GLY A 48 -3.01 16.11 -7.53
CA GLY A 48 -2.96 16.13 -9.01
C GLY A 48 -4.37 15.93 -9.56
N ALA A 49 -5.05 14.82 -9.31
CA ALA A 49 -6.43 14.77 -9.86
C ALA A 49 -7.46 15.22 -8.80
N GLN A 50 -7.94 14.32 -7.96
CA GLN A 50 -8.87 14.75 -6.86
C GLN A 50 -8.64 14.04 -5.52
N THR A 51 -8.89 12.76 -5.59
CA THR A 51 -8.86 11.83 -4.42
C THR A 51 -8.37 10.45 -4.87
N LEU A 52 -7.28 10.39 -5.55
CA LEU A 52 -6.84 9.10 -6.11
C LEU A 52 -6.31 8.17 -5.03
N TYR A 53 -6.70 6.93 -5.14
CA TYR A 53 -6.34 5.88 -4.15
C TYR A 53 -4.92 5.32 -4.35
N VAL A 54 -4.23 5.07 -3.26
CA VAL A 54 -2.87 4.46 -3.33
C VAL A 54 -2.94 3.09 -2.62
N PRO A 55 -2.36 2.08 -3.22
CA PRO A 55 -2.38 0.72 -2.63
C PRO A 55 -1.47 0.63 -1.40
N ASN A 56 -1.83 -0.19 -0.43
CA ASN A 56 -0.99 -0.32 0.80
C ASN A 56 -0.35 -1.70 0.80
N CYS A 57 0.94 -1.77 0.88
CA CYS A 57 1.61 -3.11 0.89
C CYS A 57 2.42 -3.28 2.17
N ASP A 58 2.67 -4.49 2.56
CA ASP A 58 3.50 -4.76 3.76
C ASP A 58 4.88 -5.21 3.28
N HIS A 59 5.79 -5.52 4.17
CA HIS A 59 7.17 -5.94 3.74
C HIS A 59 7.16 -7.00 2.63
N ARG A 60 6.08 -7.72 2.45
CA ARG A 60 6.05 -8.73 1.33
C ARG A 60 5.74 -8.02 0.01
N GLY A 61 5.60 -6.72 0.05
CA GLY A 61 5.32 -5.95 -1.19
C GLY A 61 3.92 -6.23 -1.77
N PHE A 62 3.09 -7.01 -1.12
CA PHE A 62 1.71 -7.28 -1.67
C PHE A 62 0.69 -6.34 -1.01
N TYR A 63 -0.45 -6.13 -1.63
CA TYR A 63 -1.50 -5.26 -0.95
C TYR A 63 -2.04 -6.14 0.16
N ARG A 64 -1.52 -6.08 1.35
CA ARG A 64 -2.07 -7.09 2.30
C ARG A 64 -3.41 -6.74 2.87
N LYS A 65 -3.44 -5.76 3.70
CA LYS A 65 -4.73 -5.33 4.31
C LYS A 65 -5.37 -4.09 3.73
N ARG A 66 -4.59 -3.08 3.44
CA ARG A 66 -5.23 -1.79 3.05
C ARG A 66 -5.07 -1.32 1.61
N GLN A 67 -6.06 -0.57 1.22
CA GLN A 67 -6.12 0.12 -0.09
C GLN A 67 -6.77 1.48 0.23
N CYS A 68 -6.18 2.59 -0.10
CA CYS A 68 -6.81 3.88 0.35
C CYS A 68 -7.09 4.88 -0.75
N ARG A 69 -8.21 5.54 -0.66
CA ARG A 69 -8.54 6.63 -1.62
C ARG A 69 -7.92 7.88 -1.01
N SER A 70 -7.12 8.62 -1.74
CA SER A 70 -6.45 9.80 -1.13
C SER A 70 -6.90 11.10 -1.79
N SER A 71 -7.47 11.96 -0.98
CA SER A 71 -7.98 13.29 -1.46
C SER A 71 -7.06 14.43 -1.05
N GLN A 72 -7.29 15.59 -1.59
CA GLN A 72 -6.44 16.80 -1.29
C GLN A 72 -6.26 16.99 0.23
N GLY A 73 -7.33 17.05 0.99
CA GLY A 73 -7.15 17.26 2.46
C GLY A 73 -8.47 17.13 3.22
N GLN A 74 -9.54 17.69 2.69
CA GLN A 74 -10.85 17.60 3.42
C GLN A 74 -11.47 16.22 3.26
N ARG A 75 -11.42 15.70 2.08
CA ARG A 75 -11.99 14.34 1.82
C ARG A 75 -11.01 13.23 2.24
N ARG A 76 -9.78 13.60 2.55
CA ARG A 76 -8.71 12.59 2.94
C ARG A 76 -9.27 11.20 3.21
N GLY A 77 -9.20 10.33 2.24
CA GLY A 77 -9.72 8.95 2.40
C GLY A 77 -10.65 8.62 1.22
N PRO A 78 -11.44 7.59 1.38
CA PRO A 78 -11.43 6.74 2.59
C PRO A 78 -10.60 5.46 2.37
N CYS A 79 -10.12 4.89 3.45
CA CYS A 79 -9.33 3.63 3.36
C CYS A 79 -10.25 2.42 3.59
N TRP A 80 -9.98 1.32 2.95
CA TRP A 80 -10.83 0.11 3.16
C TRP A 80 -9.93 -1.13 3.29
N CYS A 81 -10.40 -2.15 3.95
CA CYS A 81 -9.56 -3.39 4.12
C CYS A 81 -9.61 -4.26 2.86
N VAL A 82 -8.53 -4.95 2.59
CA VAL A 82 -8.46 -5.82 1.38
C VAL A 82 -7.62 -7.07 1.69
N ASP A 83 -7.64 -8.03 0.81
CA ASP A 83 -6.83 -9.26 1.05
C ASP A 83 -5.46 -9.09 0.38
N ARG A 84 -4.63 -10.08 0.51
CA ARG A 84 -3.24 -10.04 -0.11
C ARG A 84 -3.25 -9.46 -1.53
N MET A 85 -4.22 -9.84 -2.30
CA MET A 85 -4.31 -9.34 -3.71
C MET A 85 -4.79 -7.88 -3.74
N GLY A 86 -5.39 -7.42 -2.68
CA GLY A 86 -5.88 -6.01 -2.65
C GLY A 86 -7.37 -5.95 -2.97
N LYS A 87 -8.09 -7.03 -2.80
CA LYS A 87 -9.53 -7.00 -3.09
C LYS A 87 -10.29 -6.40 -1.90
N SER A 88 -11.15 -5.46 -2.17
CA SER A 88 -11.93 -4.81 -1.08
C SER A 88 -12.80 -5.84 -0.36
N LEU A 89 -12.52 -6.08 0.89
CA LEU A 89 -13.31 -7.07 1.66
C LEU A 89 -14.55 -6.39 2.27
N PRO A 90 -15.71 -6.82 1.82
CA PRO A 90 -16.97 -6.24 2.34
C PRO A 90 -17.31 -6.85 3.71
N GLY A 91 -17.89 -8.02 3.74
CA GLY A 91 -18.22 -8.65 5.04
C GLY A 91 -19.09 -9.88 4.80
N SER A 92 -18.48 -10.99 4.50
CA SER A 92 -19.28 -12.24 4.26
C SER A 92 -19.85 -12.75 5.60
N PRO A 93 -20.77 -13.69 5.52
CA PRO A 93 -21.40 -14.24 6.75
C PRO A 93 -20.38 -14.95 7.64
N ASP A 94 -19.28 -15.40 7.09
CA ASP A 94 -18.24 -16.07 7.92
C ASP A 94 -17.30 -15.01 8.53
N GLY A 95 -17.66 -13.75 8.48
CA GLY A 95 -16.80 -12.68 9.04
C GLY A 95 -17.23 -11.34 8.44
N ASN A 96 -18.38 -10.85 8.81
CA ASN A 96 -18.85 -9.55 8.24
C ASN A 96 -18.02 -8.39 8.80
N GLY A 97 -18.17 -7.21 8.24
CA GLY A 97 -17.38 -6.05 8.75
C GLY A 97 -15.92 -6.22 8.35
N SER A 98 -15.66 -6.81 7.20
CA SER A 98 -14.25 -7.01 6.76
C SER A 98 -13.68 -5.68 6.22
N SER A 99 -14.53 -4.78 5.78
CA SER A 99 -14.05 -3.48 5.23
C SER A 99 -13.15 -2.75 6.23
N SER A 100 -13.35 -2.97 7.51
CA SER A 100 -12.49 -2.29 8.53
C SER A 100 -11.10 -2.95 8.57
N CYS A 101 -10.05 -2.17 8.63
CA CYS A 101 -8.68 -2.78 8.67
C CYS A 101 -7.95 -2.32 9.95
N PRO A 102 -7.18 -3.23 10.51
CA PRO A 102 -6.43 -2.94 11.75
C PRO A 102 -5.10 -2.22 11.45
N THR A 103 -4.38 -2.68 10.46
CA THR A 103 -3.07 -2.06 10.11
C THR A 103 -3.24 -0.63 9.61
N GLY A 104 -2.76 0.34 10.35
CA GLY A 104 -2.88 1.76 9.91
C GLY A 104 -4.19 2.35 10.44
N SER A 105 -4.09 3.29 11.36
CA SER A 105 -5.33 3.91 11.92
C SER A 105 -5.93 4.92 10.93
N SER A 106 -6.51 4.44 9.85
CA SER A 106 -7.11 5.38 8.85
C SER A 106 -8.47 4.84 8.36
N GLY A 107 -9.14 4.04 9.16
CA GLY A 107 -10.47 3.49 8.75
C GLY A 107 -10.82 2.30 9.63
N SER A 1 15.06 -34.89 -51.40
CA SER A 1 15.63 -33.94 -50.40
C SER A 1 14.79 -32.65 -50.33
N TYR A 2 14.48 -32.08 -51.47
CA TYR A 2 13.66 -30.82 -51.49
C TYR A 2 14.38 -29.72 -50.72
N TYR A 3 15.14 -28.89 -51.40
CA TYR A 3 15.86 -27.79 -50.68
C TYR A 3 14.88 -26.72 -50.19
N HIS A 4 13.89 -27.10 -49.44
CA HIS A 4 12.92 -26.10 -48.92
C HIS A 4 13.24 -25.81 -47.47
N HIS A 5 13.62 -24.59 -47.17
CA HIS A 5 13.97 -24.22 -45.76
C HIS A 5 14.93 -25.25 -45.15
N HIS A 6 16.00 -25.57 -45.83
CA HIS A 6 16.97 -26.55 -45.27
C HIS A 6 17.61 -25.93 -44.02
N HIS A 7 17.97 -24.68 -44.10
CA HIS A 7 18.55 -23.98 -42.91
C HIS A 7 17.40 -23.30 -42.16
N HIS A 8 16.41 -24.07 -41.78
CA HIS A 8 15.23 -23.49 -41.07
C HIS A 8 15.58 -23.11 -39.63
N HIS A 9 15.90 -21.87 -39.40
CA HIS A 9 16.22 -21.43 -38.02
C HIS A 9 14.92 -21.34 -37.22
N ASP A 10 14.89 -21.91 -36.05
CA ASP A 10 13.65 -21.86 -35.23
C ASP A 10 13.88 -20.93 -34.04
N TYR A 11 12.93 -20.09 -33.72
CA TYR A 11 13.13 -19.17 -32.56
C TYR A 11 13.09 -19.97 -31.25
N ASP A 12 13.74 -19.47 -30.23
CA ASP A 12 13.76 -20.19 -28.93
C ASP A 12 12.54 -19.80 -28.10
N ILE A 13 12.71 -19.59 -26.83
CA ILE A 13 11.58 -19.19 -25.96
C ILE A 13 11.88 -17.81 -25.35
N PRO A 14 11.04 -16.85 -25.67
CA PRO A 14 11.22 -15.48 -25.15
C PRO A 14 10.99 -15.46 -23.63
N THR A 15 11.99 -15.11 -22.88
CA THR A 15 11.84 -15.07 -21.40
C THR A 15 11.21 -13.75 -20.95
N THR A 16 9.95 -13.77 -20.68
CA THR A 16 9.23 -12.55 -20.21
C THR A 16 8.99 -12.66 -18.70
N GLU A 17 8.70 -13.85 -18.24
CA GLU A 17 8.43 -14.08 -16.79
C GLU A 17 9.58 -13.56 -15.93
N ASN A 18 10.73 -13.42 -16.51
CA ASN A 18 11.90 -12.90 -15.74
C ASN A 18 11.62 -11.49 -15.20
N LEU A 19 10.67 -10.82 -15.79
CA LEU A 19 10.31 -9.45 -15.33
C LEU A 19 9.71 -9.50 -13.92
N TYR A 20 9.22 -10.63 -13.50
CA TYR A 20 8.62 -10.74 -12.12
C TYR A 20 9.67 -11.17 -11.10
N PHE A 21 10.91 -11.28 -11.50
CA PHE A 21 11.98 -11.71 -10.55
C PHE A 21 12.36 -10.57 -9.61
N GLN A 22 12.80 -9.45 -10.14
CA GLN A 22 13.18 -8.31 -9.27
C GLN A 22 12.17 -7.17 -9.43
N GLY A 23 10.93 -7.49 -9.64
CA GLY A 23 9.90 -6.44 -9.80
C GLY A 23 9.10 -6.34 -8.51
N ALA A 24 8.23 -7.28 -8.27
CA ALA A 24 7.41 -7.24 -7.01
C ALA A 24 8.23 -7.80 -5.85
N MET A 25 7.68 -7.76 -4.65
CA MET A 25 8.42 -8.30 -3.47
C MET A 25 8.11 -9.79 -3.37
N GLY A 26 7.62 -10.25 -2.26
CA GLY A 26 7.27 -11.70 -2.12
C GLY A 26 6.05 -11.99 -3.00
N SER A 27 6.25 -12.02 -4.31
CA SER A 27 5.14 -12.29 -5.28
C SER A 27 4.02 -11.24 -5.15
N GLY A 28 4.28 -10.11 -4.52
CA GLY A 28 3.21 -9.07 -4.38
C GLY A 28 3.48 -7.92 -5.36
N PRO A 29 2.56 -7.72 -6.28
CA PRO A 29 2.71 -6.65 -7.30
C PRO A 29 2.37 -5.25 -6.74
N CYS A 30 1.64 -5.16 -5.65
CA CYS A 30 1.29 -3.82 -5.09
C CYS A 30 2.56 -2.98 -4.89
N ARG A 31 3.68 -3.58 -4.52
CA ARG A 31 4.93 -2.78 -4.36
C ARG A 31 5.28 -2.08 -5.69
N ARG A 32 5.04 -2.74 -6.81
CA ARG A 32 5.34 -2.09 -8.13
C ARG A 32 4.44 -0.87 -8.28
N HIS A 33 3.18 -1.03 -7.93
CA HIS A 33 2.25 0.13 -8.01
C HIS A 33 2.68 1.18 -6.98
N LEU A 34 2.99 0.76 -5.78
CA LEU A 34 3.45 1.73 -4.75
C LEU A 34 4.69 2.47 -5.26
N ASP A 35 5.67 1.75 -5.76
CA ASP A 35 6.90 2.40 -6.29
C ASP A 35 6.52 3.41 -7.39
N SER A 36 5.67 3.01 -8.29
CA SER A 36 5.22 3.91 -9.37
C SER A 36 4.35 5.03 -8.79
N VAL A 37 3.39 4.68 -7.97
CA VAL A 37 2.51 5.70 -7.34
C VAL A 37 3.36 6.67 -6.53
N LEU A 38 4.26 6.18 -5.70
CA LEU A 38 5.09 7.11 -4.90
C LEU A 38 5.91 8.03 -5.81
N GLN A 39 6.46 7.52 -6.89
CA GLN A 39 7.25 8.41 -7.79
C GLN A 39 6.30 9.35 -8.56
N GLN A 40 5.24 8.81 -9.09
CA GLN A 40 4.23 9.60 -9.88
C GLN A 40 3.36 10.50 -8.97
N LEU A 41 3.14 10.11 -7.75
CA LEU A 41 2.22 10.88 -6.85
C LEU A 41 2.48 12.39 -6.89
N GLN A 42 3.70 12.84 -6.90
CA GLN A 42 3.92 14.31 -6.89
C GLN A 42 3.67 14.93 -8.27
N THR A 43 3.74 14.17 -9.31
CA THR A 43 3.50 14.73 -10.66
C THR A 43 2.05 14.50 -11.06
N GLU A 44 1.55 13.37 -10.71
CA GLU A 44 0.13 13.07 -11.00
C GLU A 44 -0.71 13.48 -9.79
N VAL A 45 -0.16 14.30 -8.91
CA VAL A 45 -0.95 14.70 -7.70
C VAL A 45 -2.17 15.50 -8.07
N TYR A 46 -2.06 16.38 -9.00
CA TYR A 46 -3.25 17.23 -9.35
C TYR A 46 -4.18 16.55 -10.34
N ARG A 47 -3.79 15.41 -10.80
CA ARG A 47 -4.68 14.62 -11.69
C ARG A 47 -5.58 13.73 -10.79
N GLY A 48 -5.00 13.26 -9.73
CA GLY A 48 -5.71 12.39 -8.74
C GLY A 48 -5.80 13.09 -7.37
N ALA A 49 -5.43 14.34 -7.27
CA ALA A 49 -5.39 15.03 -5.93
C ALA A 49 -6.67 14.81 -5.13
N GLN A 50 -7.80 14.68 -5.75
CA GLN A 50 -9.03 14.44 -4.95
C GLN A 50 -9.36 12.94 -4.89
N THR A 51 -8.53 12.13 -5.47
CA THR A 51 -8.77 10.66 -5.49
C THR A 51 -7.48 9.89 -5.75
N LEU A 52 -6.40 10.33 -5.19
CA LEU A 52 -5.10 9.65 -5.44
C LEU A 52 -5.08 8.34 -4.69
N TYR A 53 -4.92 7.26 -5.39
CA TYR A 53 -4.93 5.93 -4.75
C TYR A 53 -3.52 5.48 -4.37
N VAL A 54 -3.36 4.94 -3.19
CA VAL A 54 -2.03 4.45 -2.74
C VAL A 54 -2.18 3.03 -2.18
N PRO A 55 -1.50 2.10 -2.80
CA PRO A 55 -1.56 0.69 -2.36
C PRO A 55 -0.72 0.48 -1.10
N ASN A 56 -1.18 -0.32 -0.17
CA ASN A 56 -0.39 -0.54 1.06
C ASN A 56 0.25 -1.93 1.00
N CYS A 57 1.55 -2.01 1.01
CA CYS A 57 2.22 -3.33 0.96
C CYS A 57 3.01 -3.68 2.19
N ASP A 58 3.13 -4.93 2.40
CA ASP A 58 3.97 -5.49 3.49
C ASP A 58 5.24 -6.00 2.82
N HIS A 59 6.21 -6.47 3.55
CA HIS A 59 7.46 -6.97 2.91
C HIS A 59 7.15 -7.92 1.74
N ARG A 60 5.98 -8.52 1.70
CA ARG A 60 5.63 -9.46 0.59
C ARG A 60 5.12 -8.74 -0.68
N GLY A 61 5.22 -7.43 -0.73
CA GLY A 61 4.81 -6.66 -1.96
C GLY A 61 3.31 -6.73 -2.33
N PHE A 62 2.49 -7.42 -1.59
CA PHE A 62 1.04 -7.45 -1.98
C PHE A 62 0.26 -6.37 -1.22
N TYR A 63 -0.92 -6.03 -1.67
CA TYR A 63 -1.75 -5.04 -0.90
C TYR A 63 -2.11 -5.78 0.38
N ARG A 64 -1.36 -5.65 1.43
CA ARG A 64 -1.68 -6.53 2.58
C ARG A 64 -2.93 -6.13 3.35
N LYS A 65 -2.94 -5.02 4.01
CA LYS A 65 -4.17 -4.65 4.76
C LYS A 65 -5.06 -3.60 4.11
N ARG A 66 -4.49 -2.52 3.63
CA ARG A 66 -5.34 -1.41 3.11
C ARG A 66 -5.15 -1.07 1.63
N GLN A 67 -6.17 -0.47 1.09
CA GLN A 67 -6.14 0.07 -0.30
C GLN A 67 -6.69 1.49 -0.13
N CYS A 68 -6.00 2.51 -0.56
CA CYS A 68 -6.54 3.86 -0.28
C CYS A 68 -6.81 4.72 -1.49
N ARG A 69 -7.92 5.41 -1.45
CA ARG A 69 -8.26 6.41 -2.48
C ARG A 69 -8.24 7.71 -1.70
N SER A 70 -7.38 8.63 -2.01
CA SER A 70 -7.27 9.86 -1.15
C SER A 70 -7.91 11.10 -1.77
N SER A 71 -8.44 11.94 -0.92
CA SER A 71 -9.07 13.22 -1.37
C SER A 71 -8.32 14.38 -0.71
N GLN A 72 -8.56 15.59 -1.15
CA GLN A 72 -7.87 16.76 -0.52
C GLN A 72 -8.61 17.21 0.74
N GLY A 73 -9.63 16.50 1.16
CA GLY A 73 -10.40 16.92 2.37
C GLY A 73 -9.92 16.13 3.60
N GLN A 74 -10.81 15.37 4.20
CA GLN A 74 -10.42 14.58 5.40
C GLN A 74 -9.90 13.19 4.98
N ARG A 75 -9.90 12.23 5.89
CA ARG A 75 -9.41 10.87 5.52
C ARG A 75 -10.34 10.21 4.50
N ARG A 76 -11.48 10.79 4.23
CA ARG A 76 -12.40 10.21 3.22
C ARG A 76 -11.66 10.13 1.88
N GLY A 77 -12.13 9.34 0.97
CA GLY A 77 -11.41 9.21 -0.34
C GLY A 77 -12.02 8.10 -1.20
N PRO A 78 -12.32 6.94 -0.63
CA PRO A 78 -12.09 6.59 0.80
C PRO A 78 -10.97 5.53 0.96
N CYS A 79 -10.44 5.42 2.14
CA CYS A 79 -9.42 4.36 2.41
C CYS A 79 -10.15 3.12 2.93
N TRP A 80 -9.71 1.93 2.60
CA TRP A 80 -10.42 0.72 3.13
C TRP A 80 -9.48 -0.48 3.26
N CYS A 81 -9.79 -1.37 4.16
CA CYS A 81 -8.93 -2.58 4.37
C CYS A 81 -9.22 -3.63 3.30
N VAL A 82 -8.26 -4.47 3.02
CA VAL A 82 -8.43 -5.52 1.96
C VAL A 82 -7.56 -6.74 2.30
N ASP A 83 -7.75 -7.83 1.61
CA ASP A 83 -6.89 -9.01 1.86
C ASP A 83 -5.58 -8.78 1.09
N ARG A 84 -4.67 -9.69 1.20
CA ARG A 84 -3.35 -9.51 0.49
C ARG A 84 -3.53 -9.21 -1.01
N MET A 85 -4.67 -9.53 -1.58
CA MET A 85 -4.89 -9.24 -3.04
C MET A 85 -5.45 -7.83 -3.24
N GLY A 86 -6.05 -7.28 -2.21
CA GLY A 86 -6.61 -5.90 -2.34
C GLY A 86 -8.14 -5.93 -2.42
N LYS A 87 -8.78 -7.03 -2.12
CA LYS A 87 -10.26 -7.06 -2.19
C LYS A 87 -10.84 -6.34 -0.96
N SER A 88 -11.72 -5.41 -1.19
CA SER A 88 -12.33 -4.63 -0.08
C SER A 88 -12.92 -5.55 1.00
N LEU A 89 -12.37 -5.50 2.17
CA LEU A 89 -12.88 -6.35 3.29
C LEU A 89 -14.21 -5.80 3.88
N PRO A 90 -14.41 -4.49 3.85
CA PRO A 90 -15.67 -3.92 4.42
C PRO A 90 -16.90 -4.27 3.57
N GLY A 91 -16.78 -4.20 2.29
CA GLY A 91 -17.96 -4.53 1.41
C GLY A 91 -18.31 -3.30 0.57
N SER A 92 -19.36 -2.61 0.91
CA SER A 92 -19.75 -1.40 0.12
C SER A 92 -19.01 -0.16 0.64
N PRO A 93 -18.76 0.77 -0.26
CA PRO A 93 -18.03 2.02 0.10
C PRO A 93 -18.90 2.96 0.96
N ASP A 94 -20.15 2.65 1.17
CA ASP A 94 -21.00 3.56 2.01
C ASP A 94 -20.59 3.45 3.49
N GLY A 95 -19.82 2.45 3.83
CA GLY A 95 -19.37 2.31 5.26
C GLY A 95 -17.99 2.94 5.37
N ASN A 96 -17.92 4.25 5.44
CA ASN A 96 -16.60 4.95 5.53
C ASN A 96 -15.91 4.69 6.87
N GLY A 97 -15.67 3.45 7.20
CA GLY A 97 -14.98 3.11 8.48
C GLY A 97 -13.93 2.01 8.24
N SER A 98 -13.66 1.70 6.99
CA SER A 98 -12.66 0.64 6.66
C SER A 98 -11.23 1.22 6.63
N SER A 99 -11.08 2.51 6.76
CA SER A 99 -9.70 3.12 6.73
C SER A 99 -8.81 2.49 7.80
N SER A 100 -9.31 2.37 9.01
CA SER A 100 -8.50 1.77 10.10
C SER A 100 -8.50 0.24 10.00
N CYS A 101 -7.36 -0.37 10.16
CA CYS A 101 -7.27 -1.86 10.10
C CYS A 101 -6.84 -2.40 11.48
N PRO A 102 -7.21 -3.62 11.77
CA PRO A 102 -6.86 -4.21 13.08
C PRO A 102 -5.43 -4.78 13.07
N THR A 103 -5.27 -6.04 12.76
CA THR A 103 -3.91 -6.65 12.75
C THR A 103 -3.63 -7.35 11.42
N GLY A 104 -2.49 -7.96 11.28
CA GLY A 104 -2.15 -8.66 10.01
C GLY A 104 -2.91 -9.98 9.93
N SER A 105 -2.34 -11.03 10.43
CA SER A 105 -3.04 -12.35 10.38
C SER A 105 -4.08 -12.45 11.50
N SER A 106 -4.99 -13.37 11.39
CA SER A 106 -6.04 -13.52 12.46
C SER A 106 -5.37 -13.93 13.79
N GLY A 107 -4.35 -14.74 13.73
CA GLY A 107 -3.64 -15.19 14.96
C GLY A 107 -2.29 -15.80 14.58
N SER A 1 52.69 29.01 -16.30
CA SER A 1 52.20 28.08 -15.24
C SER A 1 51.57 26.83 -15.87
N TYR A 2 50.64 27.00 -16.77
CA TYR A 2 49.98 25.81 -17.41
C TYR A 2 49.33 24.91 -16.36
N TYR A 3 48.07 25.13 -16.08
CA TYR A 3 47.38 24.29 -15.05
C TYR A 3 47.09 22.91 -15.63
N HIS A 4 47.95 21.96 -15.36
CA HIS A 4 47.74 20.58 -15.91
C HIS A 4 46.64 19.85 -15.14
N HIS A 5 45.43 20.35 -15.21
CA HIS A 5 44.31 19.67 -14.50
C HIS A 5 44.11 18.26 -15.07
N HIS A 6 44.34 17.24 -14.30
CA HIS A 6 44.16 15.85 -14.82
C HIS A 6 44.04 14.85 -13.67
N HIS A 7 43.05 13.98 -13.71
CA HIS A 7 42.88 12.98 -12.62
C HIS A 7 43.53 11.65 -13.03
N HIS A 8 43.98 10.87 -12.09
CA HIS A 8 44.62 9.57 -12.45
C HIS A 8 43.52 8.52 -12.63
N HIS A 9 42.74 8.64 -13.69
CA HIS A 9 41.62 7.68 -13.94
C HIS A 9 40.79 7.53 -12.67
N ASP A 10 40.24 8.61 -12.18
CA ASP A 10 39.43 8.57 -10.94
C ASP A 10 38.08 7.90 -11.21
N TYR A 11 38.07 6.59 -11.23
CA TYR A 11 36.80 5.87 -11.50
C TYR A 11 36.01 5.71 -10.20
N ASP A 12 34.72 5.83 -10.25
CA ASP A 12 33.89 5.68 -9.02
C ASP A 12 32.67 4.83 -9.35
N ILE A 13 32.60 3.65 -8.79
CA ILE A 13 31.44 2.76 -9.07
C ILE A 13 30.39 2.90 -7.96
N PRO A 14 29.23 3.40 -8.33
CA PRO A 14 28.14 3.60 -7.35
C PRO A 14 27.57 2.27 -6.87
N THR A 15 28.27 1.60 -6.00
CA THR A 15 27.77 0.29 -5.48
C THR A 15 26.65 0.51 -4.46
N THR A 16 26.71 1.61 -3.79
CA THR A 16 25.67 1.95 -2.78
C THR A 16 24.39 2.38 -3.49
N GLU A 17 24.51 3.34 -4.36
CA GLU A 17 23.32 3.84 -5.12
C GLU A 17 22.60 2.70 -5.83
N ASN A 18 23.32 1.66 -6.13
CA ASN A 18 22.67 0.48 -6.80
C ASN A 18 21.60 -0.12 -5.90
N LEU A 19 21.77 0.05 -4.63
CA LEU A 19 20.78 -0.48 -3.64
C LEU A 19 19.73 0.58 -3.26
N TYR A 20 19.76 1.75 -3.88
CA TYR A 20 18.78 2.81 -3.50
C TYR A 20 17.34 2.45 -3.90
N PHE A 21 17.12 1.28 -4.41
CA PHE A 21 15.74 0.87 -4.79
C PHE A 21 14.96 0.59 -3.50
N GLN A 22 13.77 1.06 -3.44
CA GLN A 22 12.94 0.84 -2.22
C GLN A 22 12.46 -0.62 -2.16
N GLY A 23 13.35 -1.51 -1.86
CA GLY A 23 12.96 -2.96 -1.78
C GLY A 23 12.66 -3.33 -0.33
N ALA A 24 11.95 -2.49 0.40
CA ALA A 24 11.61 -2.81 1.82
C ALA A 24 10.84 -4.14 1.87
N MET A 25 9.91 -4.32 0.96
CA MET A 25 9.15 -5.61 0.95
C MET A 25 9.62 -6.47 -0.23
N GLY A 26 9.28 -7.73 -0.23
CA GLY A 26 9.73 -8.65 -1.32
C GLY A 26 9.06 -8.34 -2.66
N SER A 27 9.30 -7.17 -3.21
CA SER A 27 8.72 -6.78 -4.53
C SER A 27 7.36 -7.45 -4.80
N GLY A 28 6.42 -7.27 -3.91
CA GLY A 28 5.07 -7.90 -4.09
C GLY A 28 4.27 -7.09 -5.12
N PRO A 29 3.01 -7.41 -5.24
CA PRO A 29 2.14 -6.68 -6.21
C PRO A 29 1.89 -5.25 -5.75
N CYS A 30 1.77 -5.04 -4.48
CA CYS A 30 1.52 -3.67 -3.94
C CYS A 30 2.78 -2.80 -4.06
N ARG A 31 3.94 -3.34 -3.79
CA ARG A 31 5.20 -2.51 -3.89
C ARG A 31 5.34 -1.86 -5.28
N ARG A 32 5.13 -2.61 -6.33
CA ARG A 32 5.27 -2.01 -7.70
C ARG A 32 4.19 -0.96 -7.94
N HIS A 33 3.00 -1.20 -7.47
CA HIS A 33 1.91 -0.21 -7.66
C HIS A 33 2.19 1.01 -6.79
N LEU A 34 2.59 0.79 -5.55
CA LEU A 34 2.91 1.94 -4.66
C LEU A 34 4.01 2.80 -5.29
N ASP A 35 5.02 2.17 -5.86
CA ASP A 35 6.12 2.95 -6.52
C ASP A 35 5.50 3.86 -7.58
N SER A 36 4.64 3.32 -8.40
CA SER A 36 3.98 4.14 -9.45
C SER A 36 3.03 5.16 -8.80
N VAL A 37 2.21 4.71 -7.88
CA VAL A 37 1.27 5.64 -7.21
C VAL A 37 2.04 6.73 -6.46
N LEU A 38 3.05 6.37 -5.70
CA LEU A 38 3.81 7.41 -4.97
C LEU A 38 4.62 8.28 -5.95
N GLN A 39 5.18 7.71 -6.99
CA GLN A 39 5.94 8.56 -7.96
C GLN A 39 4.95 9.43 -8.76
N GLN A 40 3.84 8.86 -9.18
CA GLN A 40 2.83 9.65 -9.95
C GLN A 40 2.08 10.63 -9.02
N LEU A 41 1.85 10.26 -7.79
CA LEU A 41 1.08 11.15 -6.86
C LEU A 41 1.63 12.59 -6.86
N GLN A 42 2.91 12.77 -6.90
CA GLN A 42 3.46 14.17 -6.89
C GLN A 42 3.34 14.83 -8.26
N THR A 43 3.26 14.05 -9.29
CA THR A 43 3.16 14.63 -10.66
C THR A 43 1.70 14.59 -11.14
N GLU A 44 0.98 13.59 -10.75
CA GLU A 44 -0.44 13.46 -11.17
C GLU A 44 -1.36 14.08 -10.12
N VAL A 45 -0.98 15.19 -9.54
CA VAL A 45 -1.85 15.81 -8.50
C VAL A 45 -3.21 16.20 -9.08
N TYR A 46 -3.33 16.27 -10.38
CA TYR A 46 -4.67 16.59 -10.97
C TYR A 46 -5.66 15.61 -10.38
N ARG A 47 -5.25 14.40 -10.38
CA ARG A 47 -6.03 13.30 -9.78
C ARG A 47 -5.63 13.17 -8.31
N GLY A 48 -4.38 13.41 -8.02
CA GLY A 48 -3.85 13.30 -6.63
C GLY A 48 -4.73 14.09 -5.67
N ALA A 49 -5.01 15.33 -5.99
CA ALA A 49 -5.88 16.14 -5.09
C ALA A 49 -7.34 15.72 -5.23
N GLN A 50 -7.65 14.85 -6.17
CA GLN A 50 -9.07 14.43 -6.33
C GLN A 50 -9.35 13.04 -5.79
N THR A 51 -8.64 12.07 -6.27
CA THR A 51 -8.89 10.66 -5.81
C THR A 51 -7.73 9.69 -6.10
N LEU A 52 -6.53 10.11 -5.91
CA LEU A 52 -5.40 9.15 -6.17
C LEU A 52 -5.34 8.21 -4.99
N TYR A 53 -5.44 6.95 -5.25
CA TYR A 53 -5.47 5.94 -4.15
C TYR A 53 -4.10 5.33 -3.86
N VAL A 54 -3.77 5.16 -2.60
CA VAL A 54 -2.49 4.54 -2.21
C VAL A 54 -2.78 3.22 -1.46
N PRO A 55 -2.18 2.15 -1.93
CA PRO A 55 -2.40 0.82 -1.33
C PRO A 55 -1.45 0.54 -0.15
N ASN A 56 -1.89 -0.24 0.81
CA ASN A 56 -1.01 -0.60 1.97
C ASN A 56 -0.33 -1.94 1.66
N CYS A 57 0.94 -2.08 1.91
CA CYS A 57 1.61 -3.37 1.58
C CYS A 57 2.46 -3.86 2.76
N ASP A 58 2.47 -5.14 3.01
CA ASP A 58 3.30 -5.71 4.11
C ASP A 58 4.66 -6.15 3.55
N HIS A 59 5.53 -6.65 4.40
CA HIS A 59 6.92 -7.04 3.95
C HIS A 59 6.94 -7.89 2.67
N ARG A 60 5.90 -8.60 2.33
CA ARG A 60 5.96 -9.39 1.05
C ARG A 60 5.40 -8.56 -0.13
N GLY A 61 5.21 -7.26 0.07
CA GLY A 61 4.69 -6.40 -1.03
C GLY A 61 3.23 -6.70 -1.36
N PHE A 62 2.59 -7.59 -0.67
CA PHE A 62 1.14 -7.86 -0.98
C PHE A 62 0.29 -6.77 -0.32
N TYR A 63 -0.86 -6.46 -0.89
CA TYR A 63 -1.75 -5.45 -0.22
C TYR A 63 -2.23 -6.12 1.04
N ARG A 64 -1.67 -5.83 2.18
CA ARG A 64 -2.11 -6.63 3.35
C ARG A 64 -3.45 -6.21 3.91
N LYS A 65 -3.54 -5.06 4.49
CA LYS A 65 -4.83 -4.66 5.09
C LYS A 65 -5.66 -3.64 4.28
N ARG A 66 -5.04 -2.54 3.92
CA ARG A 66 -5.84 -1.42 3.30
C ARG A 66 -5.47 -0.98 1.88
N GLN A 67 -6.45 -0.37 1.26
CA GLN A 67 -6.31 0.29 -0.07
C GLN A 67 -7.16 1.56 0.08
N CYS A 68 -6.69 2.72 -0.30
CA CYS A 68 -7.53 3.94 -0.06
C CYS A 68 -7.50 4.92 -1.20
N ARG A 69 -8.60 5.58 -1.45
CA ARG A 69 -8.63 6.65 -2.49
C ARG A 69 -8.34 7.96 -1.77
N SER A 70 -7.43 8.76 -2.27
CA SER A 70 -7.09 10.02 -1.53
C SER A 70 -7.54 11.26 -2.29
N SER A 71 -8.01 12.24 -1.57
CA SER A 71 -8.45 13.52 -2.20
C SER A 71 -7.81 14.70 -1.46
N GLN A 72 -7.85 15.89 -2.02
CA GLN A 72 -7.23 17.06 -1.33
C GLN A 72 -7.80 17.24 0.08
N GLY A 73 -9.03 16.87 0.30
CA GLY A 73 -9.63 17.00 1.67
C GLY A 73 -9.18 15.82 2.51
N GLN A 74 -9.37 14.61 2.02
CA GLN A 74 -8.95 13.41 2.80
C GLN A 74 -7.71 12.79 2.12
N ARG A 75 -6.54 13.13 2.60
CA ARG A 75 -5.29 12.56 1.99
C ARG A 75 -5.25 11.04 2.20
N ARG A 76 -6.01 10.54 3.13
CA ARG A 76 -6.05 9.07 3.37
C ARG A 76 -7.47 8.66 3.72
N GLY A 77 -8.31 8.63 2.74
CA GLY A 77 -9.74 8.26 2.97
C GLY A 77 -10.54 8.56 1.69
N PRO A 78 -11.56 7.77 1.43
CA PRO A 78 -11.93 6.64 2.33
C PRO A 78 -11.02 5.42 2.17
N CYS A 79 -10.68 4.82 3.27
CA CYS A 79 -9.83 3.60 3.26
C CYS A 79 -10.70 2.34 3.33
N TRP A 80 -10.30 1.28 2.69
CA TRP A 80 -11.10 0.02 2.79
C TRP A 80 -10.15 -1.19 2.94
N CYS A 81 -10.61 -2.26 3.52
CA CYS A 81 -9.73 -3.44 3.73
C CYS A 81 -9.57 -4.24 2.44
N VAL A 82 -8.46 -4.92 2.27
CA VAL A 82 -8.25 -5.70 1.01
C VAL A 82 -7.54 -7.04 1.29
N ASP A 83 -7.53 -7.93 0.32
CA ASP A 83 -6.84 -9.23 0.50
C ASP A 83 -5.40 -9.08 0.02
N ARG A 84 -4.63 -10.11 0.12
CA ARG A 84 -3.19 -10.05 -0.31
C ARG A 84 -3.05 -9.51 -1.74
N MET A 85 -4.01 -9.75 -2.59
CA MET A 85 -3.92 -9.26 -4.00
C MET A 85 -4.41 -7.81 -4.11
N GLY A 86 -5.10 -7.33 -3.11
CA GLY A 86 -5.60 -5.92 -3.16
C GLY A 86 -7.12 -5.89 -3.41
N LYS A 87 -7.78 -7.02 -3.39
CA LYS A 87 -9.24 -7.03 -3.60
C LYS A 87 -9.93 -6.41 -2.39
N SER A 88 -10.80 -5.46 -2.61
CA SER A 88 -11.49 -4.80 -1.46
C SER A 88 -12.38 -5.80 -0.71
N LEU A 89 -11.96 -6.22 0.47
CA LEU A 89 -12.78 -7.17 1.27
C LEU A 89 -13.71 -6.38 2.19
N PRO A 90 -14.98 -6.68 2.15
CA PRO A 90 -15.95 -5.98 3.03
C PRO A 90 -15.72 -6.38 4.48
N GLY A 91 -15.55 -7.65 4.74
CA GLY A 91 -15.31 -8.12 6.13
C GLY A 91 -15.59 -9.61 6.23
N SER A 92 -14.59 -10.40 6.59
CA SER A 92 -14.81 -11.87 6.71
C SER A 92 -15.73 -12.14 7.91
N PRO A 93 -16.48 -13.20 7.84
CA PRO A 93 -17.41 -13.54 8.95
C PRO A 93 -16.64 -13.87 10.23
N ASP A 94 -15.47 -14.39 10.11
CA ASP A 94 -14.66 -14.69 11.32
C ASP A 94 -14.22 -13.38 11.98
N GLY A 95 -14.30 -12.27 11.27
CA GLY A 95 -13.89 -10.95 11.84
C GLY A 95 -12.52 -11.06 12.52
N ASN A 96 -11.64 -11.88 12.01
CA ASN A 96 -10.29 -12.03 12.65
C ASN A 96 -9.47 -10.75 12.43
N GLY A 97 -9.17 -10.04 13.48
CA GLY A 97 -8.37 -8.78 13.34
C GLY A 97 -9.25 -7.71 12.68
N SER A 98 -10.53 -7.74 12.94
CA SER A 98 -11.46 -6.71 12.33
C SER A 98 -10.96 -5.29 12.63
N SER A 99 -10.32 -5.08 13.75
CA SER A 99 -9.79 -3.72 14.07
C SER A 99 -8.86 -3.25 12.94
N SER A 100 -7.94 -4.08 12.55
CA SER A 100 -7.02 -3.72 11.43
C SER A 100 -7.64 -4.21 10.12
N CYS A 101 -7.69 -5.49 9.93
CA CYS A 101 -8.32 -6.07 8.71
C CYS A 101 -8.78 -7.50 9.02
N PRO A 102 -9.95 -7.83 8.53
CA PRO A 102 -10.51 -9.19 8.76
C PRO A 102 -9.81 -10.21 7.86
N THR A 103 -9.35 -9.76 6.74
CA THR A 103 -8.67 -10.68 5.77
C THR A 103 -7.62 -11.54 6.48
N GLY A 104 -7.43 -12.75 6.00
CA GLY A 104 -6.42 -13.66 6.63
C GLY A 104 -6.19 -14.86 5.72
N SER A 105 -6.07 -16.02 6.29
CA SER A 105 -5.85 -17.25 5.46
C SER A 105 -7.15 -17.64 4.74
N SER A 106 -7.50 -16.92 3.70
CA SER A 106 -8.75 -17.23 2.95
C SER A 106 -8.44 -17.72 1.53
N GLY A 107 -7.30 -17.37 0.98
CA GLY A 107 -6.97 -17.81 -0.40
C GLY A 107 -7.69 -16.91 -1.41
N SER A 1 8.69 12.54 36.25
CA SER A 1 8.64 12.13 37.69
C SER A 1 10.06 11.86 38.22
N TYR A 2 10.79 10.99 37.57
CA TYR A 2 12.19 10.69 38.02
C TYR A 2 13.11 10.59 36.81
N TYR A 3 14.23 9.93 36.94
CA TYR A 3 15.17 9.82 35.77
C TYR A 3 14.57 8.91 34.69
N HIS A 4 13.57 9.40 33.99
CA HIS A 4 12.93 8.59 32.91
C HIS A 4 12.24 9.50 31.90
N HIS A 5 12.84 10.63 31.61
CA HIS A 5 12.22 11.59 30.63
C HIS A 5 12.63 11.19 29.21
N HIS A 6 12.87 12.14 28.33
CA HIS A 6 13.29 11.79 26.94
C HIS A 6 14.54 10.90 26.96
N HIS A 7 15.34 10.96 28.01
CA HIS A 7 16.57 10.12 28.08
C HIS A 7 17.41 10.35 26.82
N HIS A 8 18.17 9.38 26.40
CA HIS A 8 18.99 9.57 25.16
C HIS A 8 18.05 9.49 23.94
N HIS A 9 17.21 10.48 23.78
CA HIS A 9 16.24 10.49 22.64
C HIS A 9 16.97 10.78 21.33
N ASP A 10 17.77 9.84 20.86
CA ASP A 10 18.53 10.06 19.59
C ASP A 10 17.54 10.13 18.42
N TYR A 11 17.11 11.31 18.07
CA TYR A 11 16.15 11.46 16.95
C TYR A 11 16.46 12.70 16.10
N ASP A 12 17.64 13.24 16.19
CA ASP A 12 17.98 14.46 15.38
C ASP A 12 18.53 14.07 14.01
N ILE A 13 18.21 12.90 13.54
CA ILE A 13 18.71 12.46 12.21
C ILE A 13 17.50 12.12 11.32
N PRO A 14 17.55 12.54 10.08
CA PRO A 14 16.43 12.25 9.15
C PRO A 14 16.33 10.75 8.92
N THR A 15 15.21 10.16 9.27
CA THR A 15 15.03 8.70 9.11
C THR A 15 15.62 8.20 7.79
N THR A 16 16.65 7.41 7.86
CA THR A 16 17.30 6.88 6.63
C THR A 16 16.44 5.77 6.02
N GLU A 17 16.06 4.83 6.84
CA GLU A 17 15.19 3.70 6.34
C GLU A 17 13.73 4.19 6.17
N ASN A 18 13.50 5.48 6.15
CA ASN A 18 12.09 5.97 6.00
C ASN A 18 11.50 5.45 4.69
N LEU A 19 12.29 5.40 3.67
CA LEU A 19 11.79 4.88 2.37
C LEU A 19 11.63 3.36 2.45
N TYR A 20 12.42 2.71 3.27
CA TYR A 20 12.30 1.22 3.39
C TYR A 20 11.23 0.85 4.41
N PHE A 21 10.60 1.81 5.01
CA PHE A 21 9.51 1.51 6.00
C PHE A 21 8.42 0.72 5.26
N GLN A 22 8.05 1.19 4.10
CA GLN A 22 7.03 0.48 3.28
C GLN A 22 7.66 0.08 1.93
N GLY A 23 8.96 0.01 1.88
CA GLY A 23 9.67 -0.37 0.63
C GLY A 23 10.49 -1.66 0.83
N ALA A 24 10.84 -1.99 2.06
CA ALA A 24 11.68 -3.20 2.33
C ALA A 24 10.96 -4.51 1.96
N MET A 25 9.65 -4.52 1.89
CA MET A 25 8.92 -5.78 1.54
C MET A 25 9.40 -6.33 0.20
N GLY A 26 8.99 -7.52 -0.15
CA GLY A 26 9.42 -8.13 -1.45
C GLY A 26 8.75 -7.44 -2.65
N SER A 27 8.78 -6.13 -2.71
CA SER A 27 8.17 -5.38 -3.84
C SER A 27 6.68 -5.75 -4.04
N GLY A 28 6.42 -6.89 -4.61
CA GLY A 28 5.00 -7.32 -4.82
C GLY A 28 4.29 -6.30 -5.73
N PRO A 29 3.05 -6.58 -6.04
CA PRO A 29 2.27 -5.66 -6.88
C PRO A 29 1.85 -4.41 -6.11
N CYS A 30 1.75 -4.50 -4.80
CA CYS A 30 1.33 -3.31 -4.01
C CYS A 30 2.50 -2.36 -3.70
N ARG A 31 3.57 -2.86 -3.11
CA ARG A 31 4.73 -1.95 -2.79
C ARG A 31 5.28 -1.35 -4.09
N ARG A 32 5.39 -2.12 -5.14
CA ARG A 32 5.88 -1.54 -6.43
C ARG A 32 4.91 -0.43 -6.84
N HIS A 33 3.64 -0.66 -6.66
CA HIS A 33 2.61 0.38 -6.97
C HIS A 33 2.89 1.58 -6.07
N LEU A 34 3.19 1.33 -4.81
CA LEU A 34 3.51 2.44 -3.87
C LEU A 34 4.69 3.25 -4.44
N ASP A 35 5.66 2.58 -5.03
CA ASP A 35 6.81 3.32 -5.63
C ASP A 35 6.26 4.33 -6.65
N SER A 36 5.36 3.86 -7.49
CA SER A 36 4.74 4.76 -8.49
C SER A 36 3.81 5.74 -7.76
N VAL A 37 3.03 5.26 -6.83
CA VAL A 37 2.13 6.16 -6.05
C VAL A 37 2.99 7.21 -5.34
N LEU A 38 4.12 6.81 -4.82
CA LEU A 38 5.02 7.79 -4.16
C LEU A 38 5.38 8.88 -5.16
N GLN A 39 5.81 8.49 -6.35
CA GLN A 39 6.14 9.53 -7.39
C GLN A 39 4.85 10.20 -7.88
N GLN A 40 3.80 9.44 -7.96
CA GLN A 40 2.47 9.95 -8.43
C GLN A 40 1.83 10.88 -7.39
N LEU A 41 2.10 10.67 -6.13
CA LEU A 41 1.43 11.47 -5.06
C LEU A 41 1.39 12.98 -5.34
N GLN A 42 2.47 13.57 -5.75
CA GLN A 42 2.43 15.05 -5.96
C GLN A 42 1.79 15.46 -7.29
N THR A 43 1.91 14.66 -8.29
CA THR A 43 1.34 15.05 -9.62
C THR A 43 0.07 14.25 -9.97
N GLU A 44 -0.10 13.09 -9.41
CA GLU A 44 -1.31 12.29 -9.80
C GLU A 44 -2.49 12.51 -8.88
N VAL A 45 -2.52 13.59 -8.15
CA VAL A 45 -3.71 13.83 -7.26
C VAL A 45 -4.98 13.93 -8.14
N TYR A 46 -4.78 14.25 -9.38
CA TYR A 46 -5.89 14.40 -10.39
C TYR A 46 -6.41 13.07 -10.94
N ARG A 47 -6.08 11.99 -10.31
CA ARG A 47 -6.49 10.66 -10.86
C ARG A 47 -7.93 10.76 -11.36
N GLY A 48 -8.83 11.24 -10.55
CA GLY A 48 -10.18 11.52 -11.11
C GLY A 48 -10.32 13.03 -10.91
N ALA A 49 -10.56 13.46 -9.71
CA ALA A 49 -10.46 14.92 -9.41
C ALA A 49 -9.21 15.08 -8.56
N GLN A 50 -9.34 14.56 -7.35
CA GLN A 50 -8.27 14.51 -6.32
C GLN A 50 -8.09 13.05 -5.84
N THR A 51 -8.76 12.14 -6.48
CA THR A 51 -8.83 10.70 -6.03
C THR A 51 -7.59 9.85 -6.24
N LEU A 52 -6.47 10.34 -5.84
CA LEU A 52 -5.23 9.52 -5.98
C LEU A 52 -5.24 8.46 -4.88
N TYR A 53 -5.16 7.21 -5.28
CA TYR A 53 -5.22 6.08 -4.30
C TYR A 53 -3.81 5.63 -3.85
N VAL A 54 -3.68 5.37 -2.57
CA VAL A 54 -2.39 4.88 -2.02
C VAL A 54 -2.59 3.42 -1.58
N PRO A 55 -1.68 2.56 -1.97
CA PRO A 55 -1.79 1.12 -1.65
C PRO A 55 -1.15 0.76 -0.30
N ASN A 56 -1.72 -0.20 0.39
CA ASN A 56 -1.14 -0.68 1.69
C ASN A 56 -0.52 -2.05 1.45
N CYS A 57 0.73 -2.24 1.74
CA CYS A 57 1.33 -3.58 1.45
C CYS A 57 2.08 -4.14 2.64
N ASP A 58 2.05 -5.43 2.78
CA ASP A 58 2.80 -6.10 3.89
C ASP A 58 4.20 -6.51 3.37
N HIS A 59 5.01 -7.09 4.22
CA HIS A 59 6.40 -7.49 3.82
C HIS A 59 6.46 -8.27 2.49
N ARG A 60 5.39 -8.86 2.04
CA ARG A 60 5.43 -9.61 0.73
C ARG A 60 5.10 -8.67 -0.44
N GLY A 61 5.06 -7.39 -0.19
CA GLY A 61 4.76 -6.40 -1.29
C GLY A 61 3.33 -6.50 -1.82
N PHE A 62 2.51 -7.38 -1.29
CA PHE A 62 1.10 -7.47 -1.79
C PHE A 62 0.19 -6.51 -1.03
N TYR A 63 -0.93 -6.13 -1.60
CA TYR A 63 -1.88 -5.24 -0.86
C TYR A 63 -2.47 -6.12 0.23
N ARG A 64 -1.99 -6.07 1.45
CA ARG A 64 -2.55 -7.06 2.41
C ARG A 64 -3.93 -6.70 2.96
N LYS A 65 -4.02 -5.68 3.75
CA LYS A 65 -5.35 -5.29 4.31
C LYS A 65 -6.03 -4.12 3.63
N ARG A 66 -5.28 -3.10 3.33
CA ARG A 66 -5.93 -1.86 2.83
C ARG A 66 -5.66 -1.42 1.40
N GLN A 67 -6.53 -0.55 0.99
CA GLN A 67 -6.45 0.18 -0.30
C GLN A 67 -6.90 1.59 0.07
N CYS A 68 -6.15 2.62 -0.18
CA CYS A 68 -6.60 3.97 0.31
C CYS A 68 -7.00 4.91 -0.81
N ARG A 69 -8.09 5.60 -0.59
CA ARG A 69 -8.56 6.61 -1.56
C ARG A 69 -8.16 7.96 -0.94
N SER A 70 -7.36 8.73 -1.60
CA SER A 70 -6.91 10.01 -0.98
C SER A 70 -7.21 11.21 -1.87
N SER A 71 -7.32 12.36 -1.27
CA SER A 71 -7.58 13.62 -2.02
C SER A 71 -6.38 14.56 -1.84
N GLN A 72 -6.21 15.51 -2.72
CA GLN A 72 -5.06 16.46 -2.56
C GLN A 72 -5.08 17.08 -1.16
N GLY A 73 -6.21 17.61 -0.75
CA GLY A 73 -6.29 18.22 0.61
C GLY A 73 -5.80 17.22 1.67
N GLN A 74 -6.47 16.10 1.80
CA GLN A 74 -6.04 15.10 2.82
C GLN A 74 -5.49 13.85 2.11
N ARG A 75 -4.19 13.70 2.12
CA ARG A 75 -3.56 12.50 1.47
C ARG A 75 -3.82 11.22 2.26
N ARG A 76 -4.39 11.34 3.45
CA ARG A 76 -4.68 10.13 4.29
C ARG A 76 -5.71 9.22 3.60
N GLY A 77 -6.48 8.47 4.35
CA GLY A 77 -7.49 7.56 3.74
C GLY A 77 -8.62 8.39 3.09
N PRO A 78 -9.84 7.93 3.25
CA PRO A 78 -10.13 6.70 4.04
C PRO A 78 -9.79 5.44 3.26
N CYS A 79 -9.24 4.49 3.94
CA CYS A 79 -8.88 3.19 3.30
C CYS A 79 -10.00 2.17 3.48
N TRP A 80 -10.01 1.15 2.69
CA TRP A 80 -11.02 0.08 2.86
C TRP A 80 -10.29 -1.27 2.93
N CYS A 81 -10.92 -2.29 3.44
CA CYS A 81 -10.23 -3.62 3.58
C CYS A 81 -10.17 -4.37 2.25
N VAL A 82 -9.07 -5.03 2.00
CA VAL A 82 -8.90 -5.81 0.73
C VAL A 82 -8.16 -7.11 1.03
N ASP A 83 -8.13 -8.04 0.10
CA ASP A 83 -7.39 -9.31 0.36
C ASP A 83 -5.94 -9.12 -0.09
N ARG A 84 -5.14 -10.12 0.08
CA ARG A 84 -3.69 -10.02 -0.29
C ARG A 84 -3.48 -9.50 -1.73
N MET A 85 -4.38 -9.80 -2.62
CA MET A 85 -4.21 -9.32 -4.03
C MET A 85 -4.56 -7.83 -4.13
N GLY A 86 -5.32 -7.30 -3.19
CA GLY A 86 -5.68 -5.86 -3.23
C GLY A 86 -7.12 -5.65 -3.66
N LYS A 87 -7.95 -6.67 -3.64
CA LYS A 87 -9.38 -6.46 -4.05
C LYS A 87 -10.16 -5.98 -2.83
N SER A 88 -11.05 -5.05 -3.03
CA SER A 88 -11.86 -4.52 -1.90
C SER A 88 -12.88 -5.55 -1.43
N LEU A 89 -12.76 -5.98 -0.21
CA LEU A 89 -13.73 -6.98 0.33
C LEU A 89 -15.10 -6.32 0.58
N PRO A 90 -15.09 -5.17 1.24
CA PRO A 90 -16.36 -4.45 1.51
C PRO A 90 -16.66 -3.50 0.34
N GLY A 91 -17.28 -2.38 0.59
CA GLY A 91 -17.60 -1.42 -0.51
C GLY A 91 -17.03 -0.04 -0.16
N SER A 92 -17.47 0.53 0.93
CA SER A 92 -16.96 1.88 1.34
C SER A 92 -15.77 1.73 2.30
N PRO A 93 -14.88 2.68 2.26
CA PRO A 93 -13.68 2.65 3.16
C PRO A 93 -14.09 2.90 4.60
N ASP A 94 -15.04 3.76 4.81
CA ASP A 94 -15.52 4.02 6.20
C ASP A 94 -16.67 3.05 6.52
N GLY A 95 -16.79 1.98 5.77
CA GLY A 95 -17.88 1.01 6.02
C GLY A 95 -17.53 0.07 7.17
N ASN A 96 -17.44 -1.21 6.90
CA ASN A 96 -17.11 -2.18 7.99
C ASN A 96 -15.60 -2.47 8.08
N GLY A 97 -14.88 -1.64 8.78
CA GLY A 97 -13.42 -1.87 8.94
C GLY A 97 -12.62 -1.29 7.77
N SER A 98 -11.99 -0.16 7.98
CA SER A 98 -11.15 0.45 6.89
C SER A 98 -9.76 -0.19 6.93
N SER A 99 -9.09 -0.06 8.05
CA SER A 99 -7.74 -0.68 8.21
C SER A 99 -7.89 -2.13 8.67
N SER A 100 -8.88 -2.38 9.49
CA SER A 100 -9.13 -3.77 9.99
C SER A 100 -9.79 -4.59 8.89
N CYS A 101 -9.43 -5.83 8.76
CA CYS A 101 -10.04 -6.67 7.70
C CYS A 101 -10.82 -7.83 8.34
N PRO A 102 -11.98 -8.11 7.79
CA PRO A 102 -12.82 -9.20 8.31
C PRO A 102 -12.33 -10.54 7.76
N THR A 103 -12.36 -10.71 6.46
CA THR A 103 -11.88 -11.99 5.86
C THR A 103 -10.51 -11.74 5.21
N GLY A 104 -9.46 -12.29 5.75
CA GLY A 104 -8.12 -12.09 5.15
C GLY A 104 -8.07 -12.75 3.77
N SER A 105 -8.22 -14.04 3.73
CA SER A 105 -8.21 -14.77 2.43
C SER A 105 -9.38 -15.75 2.38
N SER A 106 -10.28 -15.60 1.45
CA SER A 106 -11.44 -16.53 1.38
C SER A 106 -10.96 -17.94 1.00
N GLY A 107 -10.61 -18.14 -0.25
CA GLY A 107 -10.12 -19.49 -0.69
C GLY A 107 -8.65 -19.40 -1.10
N SER A 1 -11.69 -14.79 -29.24
CA SER A 1 -12.29 -13.75 -28.35
C SER A 1 -11.44 -12.48 -28.41
N TYR A 2 -12.03 -11.33 -28.23
CA TYR A 2 -11.25 -10.07 -28.29
C TYR A 2 -10.47 -9.87 -26.99
N TYR A 3 -9.58 -10.76 -26.67
CA TYR A 3 -8.76 -10.61 -25.41
C TYR A 3 -7.48 -9.83 -25.74
N HIS A 4 -7.62 -8.68 -26.36
CA HIS A 4 -6.43 -7.86 -26.72
C HIS A 4 -5.94 -7.01 -25.54
N HIS A 5 -6.15 -7.44 -24.33
CA HIS A 5 -5.69 -6.63 -23.16
C HIS A 5 -4.87 -7.50 -22.21
N HIS A 6 -3.60 -7.22 -22.08
CA HIS A 6 -2.72 -8.03 -21.17
C HIS A 6 -1.76 -7.10 -20.45
N HIS A 7 -1.12 -7.58 -19.41
CA HIS A 7 -0.15 -6.72 -18.66
C HIS A 7 1.20 -7.41 -18.57
N HIS A 8 2.06 -7.20 -19.53
CA HIS A 8 3.41 -7.84 -19.50
C HIS A 8 4.40 -7.07 -20.36
N HIS A 9 5.11 -6.16 -19.76
CA HIS A 9 6.14 -5.35 -20.50
C HIS A 9 7.32 -5.09 -19.55
N ASP A 10 7.91 -3.93 -19.57
CA ASP A 10 9.04 -3.65 -18.62
C ASP A 10 8.53 -3.81 -17.18
N TYR A 11 8.69 -4.98 -16.63
CA TYR A 11 8.19 -5.24 -15.25
C TYR A 11 9.37 -5.30 -14.27
N ASP A 12 10.02 -6.43 -14.17
CA ASP A 12 11.18 -6.55 -13.25
C ASP A 12 12.44 -6.75 -14.09
N ILE A 13 13.19 -5.70 -14.30
CA ILE A 13 14.43 -5.83 -15.12
C ILE A 13 15.53 -6.49 -14.28
N PRO A 14 15.92 -7.67 -14.69
CA PRO A 14 16.96 -8.44 -13.96
C PRO A 14 18.34 -7.77 -14.07
N THR A 15 18.72 -7.04 -13.06
CA THR A 15 20.06 -6.38 -13.08
C THR A 15 21.10 -7.34 -12.50
N THR A 16 22.34 -6.95 -12.43
CA THR A 16 23.38 -7.86 -11.85
C THR A 16 23.20 -7.88 -10.34
N GLU A 17 23.20 -6.74 -9.73
CA GLU A 17 22.98 -6.63 -8.27
C GLU A 17 21.47 -6.61 -7.96
N ASN A 18 20.68 -7.27 -8.77
CA ASN A 18 19.20 -7.26 -8.51
C ASN A 18 18.90 -7.83 -7.12
N LEU A 19 19.78 -8.65 -6.62
CA LEU A 19 19.57 -9.20 -5.25
C LEU A 19 19.71 -8.05 -4.24
N TYR A 20 20.67 -7.19 -4.45
CA TYR A 20 20.83 -6.02 -3.54
C TYR A 20 19.74 -5.00 -3.83
N PHE A 21 19.25 -5.02 -5.03
CA PHE A 21 18.14 -4.10 -5.42
C PHE A 21 16.83 -4.56 -4.78
N GLN A 22 16.76 -5.81 -4.36
CA GLN A 22 15.51 -6.34 -3.72
C GLN A 22 15.35 -5.79 -2.30
N GLY A 23 15.43 -4.49 -2.14
CA GLY A 23 15.25 -3.88 -0.80
C GLY A 23 13.76 -3.62 -0.58
N ALA A 24 13.03 -3.39 -1.66
CA ALA A 24 11.57 -3.13 -1.55
C ALA A 24 10.82 -4.45 -1.41
N MET A 25 9.64 -4.55 -1.96
CA MET A 25 8.86 -5.82 -1.84
C MET A 25 9.38 -6.85 -2.86
N GLY A 26 9.03 -8.10 -2.68
CA GLY A 26 9.48 -9.16 -3.63
C GLY A 26 8.67 -9.08 -4.93
N SER A 27 8.76 -7.97 -5.64
CA SER A 27 8.02 -7.81 -6.93
C SER A 27 6.62 -8.44 -6.86
N GLY A 28 5.74 -7.87 -6.07
CA GLY A 28 4.36 -8.42 -5.95
C GLY A 28 3.39 -7.54 -6.74
N PRO A 29 2.13 -7.92 -6.72
CA PRO A 29 1.08 -7.15 -7.47
C PRO A 29 0.90 -5.74 -6.89
N CYS A 30 1.07 -5.58 -5.61
CA CYS A 30 0.92 -4.22 -5.01
C CYS A 30 2.22 -3.43 -5.20
N ARG A 31 3.36 -4.08 -5.16
CA ARG A 31 4.66 -3.35 -5.35
C ARG A 31 4.65 -2.55 -6.66
N ARG A 32 4.21 -3.14 -7.74
CA ARG A 32 4.18 -2.38 -9.04
C ARG A 32 3.10 -1.29 -8.98
N HIS A 33 2.01 -1.56 -8.33
CA HIS A 33 0.92 -0.55 -8.22
C HIS A 33 1.35 0.60 -7.30
N LEU A 34 1.95 0.27 -6.19
CA LEU A 34 2.40 1.31 -5.24
C LEU A 34 3.56 2.11 -5.86
N ASP A 35 4.56 1.44 -6.36
CA ASP A 35 5.73 2.16 -6.98
C ASP A 35 5.27 3.11 -8.09
N SER A 36 4.43 2.63 -8.97
CA SER A 36 3.95 3.50 -10.08
C SER A 36 3.21 4.71 -9.52
N VAL A 37 2.25 4.48 -8.64
CA VAL A 37 1.51 5.64 -8.05
C VAL A 37 2.45 6.43 -7.14
N LEU A 38 3.20 5.75 -6.30
CA LEU A 38 4.12 6.47 -5.38
C LEU A 38 5.13 7.31 -6.17
N GLN A 39 5.71 6.76 -7.20
CA GLN A 39 6.71 7.56 -7.98
C GLN A 39 6.02 8.77 -8.62
N GLN A 40 4.88 8.59 -9.21
CA GLN A 40 4.16 9.75 -9.84
C GLN A 40 3.50 10.63 -8.77
N LEU A 41 2.77 10.04 -7.85
CA LEU A 41 2.05 10.84 -6.81
C LEU A 41 3.01 11.70 -5.96
N GLN A 42 4.21 11.26 -5.70
CA GLN A 42 5.09 12.12 -4.84
C GLN A 42 5.24 13.50 -5.47
N THR A 43 5.15 13.56 -6.77
CA THR A 43 5.24 14.87 -7.46
C THR A 43 3.83 15.25 -7.94
N GLU A 44 3.08 14.28 -8.39
CA GLU A 44 1.70 14.56 -8.91
C GLU A 44 0.61 14.31 -7.84
N VAL A 45 0.95 14.29 -6.59
CA VAL A 45 -0.12 14.02 -5.57
C VAL A 45 -1.19 15.09 -5.63
N TYR A 46 -0.80 16.30 -5.81
CA TYR A 46 -1.80 17.41 -5.83
C TYR A 46 -2.51 17.53 -7.17
N ARG A 47 -2.13 16.73 -8.10
CA ARG A 47 -2.84 16.71 -9.42
C ARG A 47 -4.02 15.76 -9.31
N GLY A 48 -3.81 14.69 -8.60
CA GLY A 48 -4.86 13.65 -8.37
C GLY A 48 -5.21 13.61 -6.86
N ALA A 49 -4.73 14.56 -6.09
CA ALA A 49 -4.93 14.56 -4.60
C ALA A 49 -6.40 14.44 -4.18
N GLN A 50 -7.34 14.52 -5.07
CA GLN A 50 -8.75 14.39 -4.62
C GLN A 50 -9.16 12.93 -4.58
N THR A 51 -8.42 12.07 -5.22
CA THR A 51 -8.78 10.60 -5.20
C THR A 51 -7.60 9.73 -5.62
N LEU A 52 -6.42 10.07 -5.18
CA LEU A 52 -5.23 9.27 -5.58
C LEU A 52 -5.21 7.98 -4.75
N TYR A 53 -5.21 6.86 -5.42
CA TYR A 53 -5.25 5.55 -4.71
C TYR A 53 -3.84 5.07 -4.38
N VAL A 54 -3.56 4.87 -3.12
CA VAL A 54 -2.22 4.37 -2.72
C VAL A 54 -2.37 2.98 -2.07
N PRO A 55 -1.91 1.98 -2.77
CA PRO A 55 -1.99 0.59 -2.26
C PRO A 55 -0.86 0.31 -1.27
N ASN A 56 -1.15 -0.29 -0.16
CA ASN A 56 -0.07 -0.60 0.84
C ASN A 56 0.45 -2.01 0.57
N CYS A 57 1.74 -2.18 0.41
CA CYS A 57 2.27 -3.54 0.11
C CYS A 57 3.33 -3.94 1.14
N ASP A 58 3.29 -5.17 1.57
CA ASP A 58 4.30 -5.67 2.53
C ASP A 58 5.47 -6.29 1.73
N HIS A 59 6.50 -6.73 2.40
CA HIS A 59 7.71 -7.29 1.70
C HIS A 59 7.36 -8.30 0.59
N ARG A 60 6.20 -8.90 0.60
CA ARG A 60 5.85 -9.87 -0.52
C ARG A 60 5.25 -9.09 -1.70
N GLY A 61 5.28 -7.79 -1.62
CA GLY A 61 4.74 -6.94 -2.74
C GLY A 61 3.22 -7.07 -2.91
N PHE A 62 2.53 -7.84 -2.11
CA PHE A 62 1.05 -7.94 -2.26
C PHE A 62 0.40 -6.74 -1.55
N TYR A 63 -0.89 -6.53 -1.73
CA TYR A 63 -1.57 -5.41 -1.01
C TYR A 63 -1.88 -5.98 0.35
N ARG A 64 -1.02 -5.86 1.33
CA ARG A 64 -1.33 -6.57 2.59
C ARG A 64 -2.39 -5.93 3.47
N LYS A 65 -2.16 -4.77 4.01
CA LYS A 65 -3.20 -4.18 4.92
C LYS A 65 -4.07 -3.06 4.33
N ARG A 66 -3.49 -2.10 3.67
CA ARG A 66 -4.30 -0.91 3.21
C ARG A 66 -4.38 -0.71 1.69
N GLN A 67 -5.51 -0.18 1.26
CA GLN A 67 -5.73 0.22 -0.16
C GLN A 67 -6.54 1.49 -0.03
N CYS A 68 -6.09 2.62 -0.49
CA CYS A 68 -6.92 3.83 -0.24
C CYS A 68 -6.93 4.84 -1.36
N ARG A 69 -8.07 5.41 -1.61
CA ARG A 69 -8.17 6.51 -2.59
C ARG A 69 -8.08 7.75 -1.71
N SER A 70 -7.17 8.63 -1.97
CA SER A 70 -6.98 9.80 -1.05
C SER A 70 -7.54 11.11 -1.62
N SER A 71 -8.12 11.90 -0.77
CA SER A 71 -8.69 13.22 -1.21
C SER A 71 -8.23 14.32 -0.26
N GLN A 72 -8.11 15.53 -0.74
CA GLN A 72 -7.69 16.65 0.17
C GLN A 72 -8.70 16.79 1.32
N GLY A 73 -9.95 16.54 1.05
CA GLY A 73 -10.99 16.65 2.11
C GLY A 73 -11.67 15.28 2.26
N GLN A 74 -12.77 15.24 2.95
CA GLN A 74 -13.48 13.92 3.13
C GLN A 74 -14.59 13.73 2.09
N ARG A 75 -14.74 14.65 1.16
CA ARG A 75 -15.80 14.51 0.12
C ARG A 75 -15.41 13.45 -0.91
N ARG A 76 -14.19 12.99 -0.89
CA ARG A 76 -13.75 11.96 -1.87
C ARG A 76 -13.05 10.80 -1.13
N GLY A 77 -11.98 10.27 -1.68
CA GLY A 77 -11.29 9.11 -1.02
C GLY A 77 -11.74 7.86 -1.76
N PRO A 78 -12.03 6.79 -1.05
CA PRO A 78 -11.87 6.65 0.42
C PRO A 78 -10.74 5.65 0.76
N CYS A 79 -10.22 5.69 1.95
CA CYS A 79 -9.16 4.70 2.32
C CYS A 79 -9.83 3.47 2.95
N TRP A 80 -9.37 2.29 2.66
CA TRP A 80 -10.00 1.07 3.26
C TRP A 80 -8.95 -0.03 3.48
N CYS A 81 -9.20 -0.91 4.40
CA CYS A 81 -8.21 -2.01 4.67
C CYS A 81 -8.42 -3.16 3.69
N VAL A 82 -7.44 -4.01 3.54
CA VAL A 82 -7.57 -5.17 2.60
C VAL A 82 -6.79 -6.36 3.15
N ASP A 83 -6.98 -7.53 2.61
CA ASP A 83 -6.20 -8.69 3.09
C ASP A 83 -4.98 -8.85 2.19
N ARG A 84 -4.14 -9.79 2.46
CA ARG A 84 -2.90 -9.99 1.63
C ARG A 84 -3.20 -10.01 0.12
N MET A 85 -4.35 -10.49 -0.29
CA MET A 85 -4.66 -10.52 -1.74
C MET A 85 -5.04 -9.10 -2.24
N GLY A 86 -5.44 -8.23 -1.34
CA GLY A 86 -5.79 -6.84 -1.75
C GLY A 86 -7.32 -6.69 -1.81
N LYS A 87 -8.07 -7.60 -1.24
CA LYS A 87 -9.55 -7.46 -1.26
C LYS A 87 -9.96 -6.46 -0.18
N SER A 88 -10.94 -5.66 -0.46
CA SER A 88 -11.39 -4.59 0.49
C SER A 88 -12.04 -5.15 1.75
N LEU A 89 -11.46 -4.86 2.88
CA LEU A 89 -12.03 -5.29 4.18
C LEU A 89 -13.07 -4.24 4.63
N PRO A 90 -13.71 -4.45 5.75
CA PRO A 90 -14.71 -3.46 6.24
C PRO A 90 -14.02 -2.15 6.65
N GLY A 91 -12.88 -2.25 7.27
CA GLY A 91 -12.15 -1.02 7.70
C GLY A 91 -12.69 -0.55 9.05
N SER A 92 -12.36 0.65 9.45
CA SER A 92 -12.86 1.16 10.75
C SER A 92 -14.16 1.93 10.53
N PRO A 93 -15.10 1.73 11.42
CA PRO A 93 -16.41 2.42 11.31
C PRO A 93 -16.27 3.92 11.61
N ASP A 94 -15.21 4.32 12.26
CA ASP A 94 -15.03 5.78 12.56
C ASP A 94 -14.75 6.56 11.26
N GLY A 95 -14.42 5.87 10.19
CA GLY A 95 -14.16 6.58 8.90
C GLY A 95 -12.70 6.41 8.48
N ASN A 96 -11.76 6.60 9.38
CA ASN A 96 -10.32 6.47 8.99
C ASN A 96 -9.87 5.01 9.09
N GLY A 97 -9.06 4.58 8.16
CA GLY A 97 -8.58 3.17 8.18
C GLY A 97 -7.47 2.96 9.21
N SER A 98 -6.94 4.01 9.80
CA SER A 98 -5.84 3.82 10.81
C SER A 98 -6.24 2.82 11.90
N SER A 99 -7.43 2.93 12.42
CA SER A 99 -7.88 1.98 13.48
C SER A 99 -7.77 0.53 12.98
N SER A 100 -8.07 0.30 11.74
CA SER A 100 -7.99 -1.09 11.20
C SER A 100 -6.61 -1.35 10.58
N CYS A 101 -6.14 -0.48 9.76
CA CYS A 101 -4.80 -0.70 9.15
C CYS A 101 -4.11 0.61 8.75
N PRO A 102 -2.89 0.77 9.18
CA PRO A 102 -2.08 1.94 8.82
C PRO A 102 -1.15 1.54 7.66
N THR A 103 0.07 1.14 7.97
CA THR A 103 1.03 0.70 6.92
C THR A 103 1.71 -0.58 7.41
N GLY A 104 0.93 -1.62 7.62
CA GLY A 104 1.51 -2.90 8.14
C GLY A 104 2.30 -3.61 7.04
N SER A 105 3.37 -3.02 6.59
CA SER A 105 4.19 -3.64 5.52
C SER A 105 5.50 -4.14 6.10
N SER A 106 5.84 -5.39 5.88
CA SER A 106 7.11 -5.93 6.43
C SER A 106 8.27 -5.71 5.44
N GLY A 107 8.18 -4.69 4.62
CA GLY A 107 9.25 -4.42 3.63
C GLY A 107 8.71 -3.46 2.57
N SER A 1 29.18 -20.73 -13.37
CA SER A 1 27.97 -20.26 -14.11
C SER A 1 26.68 -20.72 -13.39
N TYR A 2 26.48 -20.26 -12.17
CA TYR A 2 25.24 -20.63 -11.40
C TYR A 2 24.86 -22.12 -11.60
N TYR A 3 23.68 -22.40 -12.10
CA TYR A 3 23.27 -23.85 -12.29
C TYR A 3 23.62 -24.33 -13.71
N HIS A 4 24.81 -24.08 -14.19
CA HIS A 4 25.17 -24.55 -15.56
C HIS A 4 26.00 -25.83 -15.45
N HIS A 5 25.46 -26.95 -15.87
CA HIS A 5 26.22 -28.23 -15.79
C HIS A 5 27.21 -28.31 -16.98
N HIS A 6 27.85 -29.44 -17.15
CA HIS A 6 28.83 -29.58 -18.28
C HIS A 6 28.09 -29.68 -19.62
N HIS A 7 27.77 -28.55 -20.21
CA HIS A 7 27.06 -28.58 -21.52
C HIS A 7 27.78 -27.65 -22.50
N HIS A 8 28.68 -28.18 -23.28
CA HIS A 8 29.44 -27.32 -24.24
C HIS A 8 28.67 -27.19 -25.56
N HIS A 9 28.55 -25.98 -26.05
CA HIS A 9 27.82 -25.73 -27.35
C HIS A 9 26.32 -26.04 -27.21
N ASP A 10 25.95 -27.29 -27.14
CA ASP A 10 24.50 -27.64 -27.02
C ASP A 10 24.04 -27.50 -25.57
N TYR A 11 24.20 -26.34 -24.99
CA TYR A 11 23.75 -26.15 -23.57
C TYR A 11 22.27 -25.74 -23.52
N ASP A 12 21.41 -26.46 -24.19
CA ASP A 12 19.96 -26.13 -24.16
C ASP A 12 19.30 -26.85 -22.98
N ILE A 13 19.79 -26.63 -21.80
CA ILE A 13 19.20 -27.31 -20.60
C ILE A 13 18.20 -26.37 -19.92
N PRO A 14 17.18 -26.95 -19.33
CA PRO A 14 16.14 -26.13 -18.65
C PRO A 14 16.75 -25.36 -17.48
N THR A 15 16.54 -24.07 -17.43
CA THR A 15 17.12 -23.24 -16.34
C THR A 15 16.37 -23.43 -15.01
N THR A 16 17.05 -23.92 -14.02
CA THR A 16 16.43 -24.08 -12.67
C THR A 16 16.34 -22.70 -12.03
N GLU A 17 17.31 -21.86 -12.30
CA GLU A 17 17.31 -20.47 -11.74
C GLU A 17 16.09 -19.70 -12.23
N ASN A 18 15.46 -20.16 -13.28
CA ASN A 18 14.24 -19.45 -13.80
C ASN A 18 13.11 -19.52 -12.76
N LEU A 19 13.21 -20.44 -11.85
CA LEU A 19 12.16 -20.57 -10.80
C LEU A 19 12.37 -19.49 -9.70
N TYR A 20 13.45 -18.75 -9.77
CA TYR A 20 13.72 -17.68 -8.75
C TYR A 20 12.98 -16.38 -9.08
N PHE A 21 12.13 -16.42 -10.08
CA PHE A 21 11.35 -15.20 -10.50
C PHE A 21 11.00 -14.28 -9.32
N GLN A 22 10.64 -14.84 -8.19
CA GLN A 22 10.30 -13.98 -7.01
C GLN A 22 11.57 -13.33 -6.45
N GLY A 23 12.17 -12.43 -7.19
CA GLY A 23 13.42 -11.76 -6.71
C GLY A 23 13.09 -10.83 -5.53
N ALA A 24 12.28 -9.83 -5.73
CA ALA A 24 11.94 -8.90 -4.62
C ALA A 24 10.95 -9.59 -3.66
N MET A 25 9.66 -9.45 -3.87
CA MET A 25 8.67 -10.12 -2.99
C MET A 25 8.00 -11.26 -3.77
N GLY A 26 6.90 -11.75 -3.28
CA GLY A 26 6.17 -12.84 -4.00
C GLY A 26 5.44 -12.17 -5.17
N SER A 27 6.01 -12.23 -6.34
CA SER A 27 5.40 -11.56 -7.54
C SER A 27 5.51 -10.04 -7.39
N GLY A 28 5.01 -9.51 -6.31
CA GLY A 28 5.11 -8.04 -6.07
C GLY A 28 4.06 -7.25 -6.86
N PRO A 29 2.82 -7.68 -6.78
CA PRO A 29 1.74 -6.94 -7.49
C PRO A 29 1.57 -5.57 -6.84
N CYS A 30 1.66 -5.50 -5.54
CA CYS A 30 1.54 -4.19 -4.85
C CYS A 30 2.87 -3.45 -4.93
N ARG A 31 3.98 -4.15 -4.81
CA ARG A 31 5.31 -3.46 -4.91
C ARG A 31 5.37 -2.66 -6.22
N ARG A 32 4.96 -3.25 -7.32
CA ARG A 32 4.97 -2.49 -8.62
C ARG A 32 3.96 -1.36 -8.54
N HIS A 33 2.79 -1.65 -8.02
CA HIS A 33 1.74 -0.60 -7.90
C HIS A 33 2.24 0.52 -6.98
N LEU A 34 2.82 0.16 -5.86
CA LEU A 34 3.35 1.18 -4.91
C LEU A 34 4.41 2.05 -5.61
N ASP A 35 5.38 1.44 -6.23
CA ASP A 35 6.45 2.24 -6.91
C ASP A 35 5.85 3.13 -8.00
N SER A 36 4.99 2.58 -8.82
CA SER A 36 4.34 3.38 -9.89
C SER A 36 3.57 4.53 -9.23
N VAL A 37 2.79 4.22 -8.23
CA VAL A 37 2.03 5.29 -7.54
C VAL A 37 3.01 6.18 -6.77
N LEU A 38 4.03 5.60 -6.19
CA LEU A 38 5.04 6.42 -5.45
C LEU A 38 5.63 7.45 -6.38
N GLN A 39 6.01 7.04 -7.56
CA GLN A 39 6.60 8.01 -8.53
C GLN A 39 5.52 9.01 -8.98
N GLN A 40 4.36 8.52 -9.31
CA GLN A 40 3.24 9.40 -9.79
C GLN A 40 2.61 10.24 -8.67
N LEU A 41 2.44 9.70 -7.48
CA LEU A 41 1.77 10.48 -6.39
C LEU A 41 2.40 11.87 -6.19
N GLN A 42 3.69 12.00 -6.37
CA GLN A 42 4.31 13.34 -6.19
C GLN A 42 4.03 14.24 -7.39
N THR A 43 3.99 13.67 -8.57
CA THR A 43 3.73 14.50 -9.78
C THR A 43 2.22 14.59 -10.04
N GLU A 44 1.46 13.58 -9.70
CA GLU A 44 -0.01 13.61 -9.97
C GLU A 44 -0.78 14.14 -8.76
N VAL A 45 -0.15 14.89 -7.92
CA VAL A 45 -0.88 15.40 -6.71
C VAL A 45 -1.85 16.53 -7.09
N TYR A 46 -1.61 17.23 -8.15
CA TYR A 46 -2.54 18.34 -8.50
C TYR A 46 -3.99 17.88 -8.54
N ARG A 47 -4.27 16.91 -9.32
CA ARG A 47 -5.64 16.33 -9.39
C ARG A 47 -5.77 15.21 -8.35
N GLY A 48 -4.71 14.48 -8.15
CA GLY A 48 -4.72 13.33 -7.20
C GLY A 48 -4.76 13.80 -5.73
N ALA A 49 -4.55 15.06 -5.46
CA ALA A 49 -4.59 15.54 -4.04
C ALA A 49 -5.94 15.20 -3.41
N GLN A 50 -6.95 14.97 -4.21
CA GLN A 50 -8.27 14.64 -3.65
C GLN A 50 -8.59 13.15 -3.77
N THR A 51 -7.80 12.39 -4.46
CA THR A 51 -8.11 10.93 -4.57
C THR A 51 -6.95 10.09 -5.13
N LEU A 52 -5.72 10.45 -4.90
CA LEU A 52 -4.61 9.61 -5.42
C LEU A 52 -4.46 8.45 -4.45
N TYR A 53 -4.62 7.25 -4.92
CA TYR A 53 -4.55 6.09 -3.99
C TYR A 53 -3.25 5.28 -4.16
N VAL A 54 -2.57 5.06 -3.04
CA VAL A 54 -1.32 4.26 -3.06
C VAL A 54 -1.59 2.94 -2.31
N PRO A 55 -1.06 1.88 -2.84
CA PRO A 55 -1.27 0.54 -2.25
C PRO A 55 -0.24 0.21 -1.15
N ASN A 56 -0.68 -0.43 -0.10
CA ASN A 56 0.27 -0.84 1.00
C ASN A 56 0.74 -2.26 0.71
N CYS A 57 2.02 -2.53 0.70
CA CYS A 57 2.46 -3.91 0.39
C CYS A 57 3.20 -4.59 1.55
N ASP A 58 2.99 -5.87 1.68
CA ASP A 58 3.66 -6.69 2.75
C ASP A 58 4.94 -7.30 2.18
N HIS A 59 5.70 -7.96 3.02
CA HIS A 59 6.97 -8.60 2.56
C HIS A 59 6.75 -9.45 1.29
N ARG A 60 5.53 -9.91 1.07
CA ARG A 60 5.26 -10.73 -0.17
C ARG A 60 4.88 -9.84 -1.37
N GLY A 61 5.08 -8.54 -1.28
CA GLY A 61 4.79 -7.62 -2.43
C GLY A 61 3.31 -7.50 -2.78
N PHE A 62 2.44 -8.13 -2.06
CA PHE A 62 0.97 -7.99 -2.39
C PHE A 62 0.39 -6.78 -1.64
N TYR A 63 -0.88 -6.51 -1.78
CA TYR A 63 -1.51 -5.35 -1.05
C TYR A 63 -1.88 -5.85 0.35
N ARG A 64 -1.03 -5.68 1.32
CA ARG A 64 -1.35 -6.28 2.64
C ARG A 64 -2.40 -5.55 3.48
N LYS A 65 -2.14 -4.36 3.90
CA LYS A 65 -3.11 -3.70 4.81
C LYS A 65 -4.10 -2.70 4.19
N ARG A 66 -3.61 -1.68 3.53
CA ARG A 66 -4.54 -0.63 3.04
C ARG A 66 -4.52 -0.36 1.54
N GLN A 67 -5.63 0.16 1.10
CA GLN A 67 -5.75 0.68 -0.27
C GLN A 67 -6.62 1.93 -0.09
N CYS A 68 -6.12 3.10 -0.34
CA CYS A 68 -6.98 4.30 -0.08
C CYS A 68 -6.74 5.43 -1.06
N ARG A 69 -7.78 6.14 -1.40
CA ARG A 69 -7.61 7.33 -2.27
C ARG A 69 -7.19 8.48 -1.35
N SER A 70 -6.27 9.30 -1.75
CA SER A 70 -5.82 10.41 -0.83
C SER A 70 -6.56 11.69 -1.16
N SER A 71 -7.24 12.24 -0.20
CA SER A 71 -7.99 13.50 -0.46
C SER A 71 -7.76 14.53 0.65
N GLN A 72 -7.47 15.75 0.27
CA GLN A 72 -7.28 16.81 1.31
C GLN A 72 -8.59 16.99 2.08
N GLY A 73 -9.70 16.75 1.43
CA GLY A 73 -11.02 16.86 2.10
C GLY A 73 -11.64 15.47 2.07
N GLN A 74 -12.34 15.10 3.09
CA GLN A 74 -12.96 13.73 3.10
C GLN A 74 -14.24 13.65 2.24
N ARG A 75 -14.31 14.42 1.17
CA ARG A 75 -15.53 14.35 0.30
C ARG A 75 -15.41 13.16 -0.65
N ARG A 76 -14.21 12.85 -1.06
CA ARG A 76 -13.99 11.70 -2.00
C ARG A 76 -12.94 10.73 -1.43
N GLY A 77 -13.06 9.49 -1.79
CA GLY A 77 -12.09 8.44 -1.31
C GLY A 77 -12.33 7.18 -2.17
N PRO A 78 -12.60 6.06 -1.52
CA PRO A 78 -12.60 5.91 -0.05
C PRO A 78 -11.36 5.12 0.41
N CYS A 79 -10.97 5.22 1.65
CA CYS A 79 -9.80 4.41 2.12
C CYS A 79 -10.36 3.11 2.71
N TRP A 80 -9.74 2.00 2.45
CA TRP A 80 -10.29 0.73 3.01
C TRP A 80 -9.16 -0.27 3.35
N CYS A 81 -9.40 -1.12 4.32
CA CYS A 81 -8.37 -2.14 4.70
C CYS A 81 -8.43 -3.28 3.69
N VAL A 82 -7.39 -4.03 3.53
CA VAL A 82 -7.44 -5.15 2.53
C VAL A 82 -6.71 -6.38 3.04
N ASP A 83 -6.88 -7.51 2.38
CA ASP A 83 -6.16 -8.74 2.79
C ASP A 83 -4.99 -8.91 1.82
N ARG A 84 -4.21 -9.94 1.99
CA ARG A 84 -3.03 -10.16 1.09
C ARG A 84 -3.40 -10.07 -0.41
N MET A 85 -4.62 -10.39 -0.77
CA MET A 85 -5.01 -10.32 -2.22
C MET A 85 -5.51 -8.92 -2.57
N GLY A 86 -5.91 -8.16 -1.59
CA GLY A 86 -6.40 -6.77 -1.86
C GLY A 86 -7.91 -6.71 -1.70
N LYS A 87 -8.52 -7.63 -0.98
CA LYS A 87 -9.98 -7.57 -0.79
C LYS A 87 -10.30 -6.43 0.16
N SER A 88 -11.15 -5.54 -0.23
CA SER A 88 -11.48 -4.38 0.64
C SER A 88 -12.23 -4.82 1.90
N LEU A 89 -11.58 -4.78 3.04
CA LEU A 89 -12.24 -5.15 4.32
C LEU A 89 -12.83 -3.88 4.93
N PRO A 90 -14.14 -3.75 4.86
CA PRO A 90 -14.82 -2.54 5.37
C PRO A 90 -14.73 -2.44 6.91
N GLY A 91 -15.17 -3.45 7.61
CA GLY A 91 -15.11 -3.39 9.11
C GLY A 91 -15.82 -2.11 9.58
N SER A 92 -15.37 -1.53 10.66
CA SER A 92 -16.03 -0.27 11.13
C SER A 92 -15.02 0.89 11.08
N PRO A 93 -15.26 1.82 10.19
CA PRO A 93 -14.36 2.99 10.04
C PRO A 93 -14.48 3.95 11.24
N ASP A 94 -15.45 3.73 12.10
CA ASP A 94 -15.61 4.63 13.29
C ASP A 94 -14.78 4.12 14.48
N GLY A 95 -13.81 3.27 14.23
CA GLY A 95 -12.97 2.75 15.31
C GLY A 95 -11.52 2.93 14.90
N ASN A 96 -10.80 3.74 15.61
CA ASN A 96 -9.37 3.97 15.25
C ASN A 96 -8.58 2.68 15.47
N GLY A 97 -8.44 1.91 14.43
CA GLY A 97 -7.71 0.62 14.54
C GLY A 97 -8.30 -0.39 13.54
N SER A 98 -9.60 -0.36 13.32
CA SER A 98 -10.22 -1.32 12.35
C SER A 98 -9.76 -1.00 10.93
N SER A 99 -9.44 0.25 10.65
CA SER A 99 -9.00 0.61 9.27
C SER A 99 -7.63 -0.02 8.96
N SER A 100 -6.91 -0.46 9.96
CA SER A 100 -5.58 -1.09 9.69
C SER A 100 -5.75 -2.61 9.64
N CYS A 101 -4.73 -3.31 9.22
CA CYS A 101 -4.83 -4.80 9.13
C CYS A 101 -3.47 -5.43 9.45
N PRO A 102 -3.50 -6.47 10.26
CA PRO A 102 -2.26 -7.16 10.69
C PRO A 102 -1.81 -8.28 9.74
N THR A 103 -2.72 -9.12 9.33
CA THR A 103 -2.35 -10.28 8.45
C THR A 103 -1.62 -9.86 7.16
N GLY A 104 -1.27 -10.84 6.37
CA GLY A 104 -0.54 -10.61 5.10
C GLY A 104 0.24 -11.90 4.81
N SER A 105 1.44 -12.01 5.30
CA SER A 105 2.20 -13.28 5.11
C SER A 105 1.73 -14.26 6.21
N SER A 106 1.03 -15.31 5.84
CA SER A 106 0.50 -16.27 6.86
C SER A 106 1.58 -16.71 7.86
N GLY A 107 2.82 -16.74 7.45
CA GLY A 107 3.90 -17.16 8.39
C GLY A 107 5.25 -16.95 7.74
N SER A 1 28.20 -28.24 -21.16
CA SER A 1 29.28 -28.32 -20.14
C SER A 1 28.86 -29.25 -19.01
N TYR A 2 29.71 -30.18 -18.64
CA TYR A 2 29.37 -31.15 -17.55
C TYR A 2 28.87 -30.41 -16.31
N TYR A 3 27.63 -30.62 -15.95
CA TYR A 3 27.05 -29.95 -14.75
C TYR A 3 26.58 -31.03 -13.77
N HIS A 4 27.12 -31.04 -12.57
CA HIS A 4 26.72 -32.08 -11.58
C HIS A 4 25.34 -31.79 -11.00
N HIS A 5 25.17 -30.67 -10.34
CA HIS A 5 23.85 -30.34 -9.74
C HIS A 5 23.50 -28.87 -9.95
N HIS A 6 22.46 -28.38 -9.31
CA HIS A 6 22.05 -26.95 -9.46
C HIS A 6 21.95 -26.57 -10.95
N HIS A 7 21.24 -27.35 -11.73
CA HIS A 7 21.08 -27.02 -13.17
C HIS A 7 20.08 -25.87 -13.32
N HIS A 8 20.34 -24.74 -12.70
CA HIS A 8 19.39 -23.59 -12.79
C HIS A 8 19.42 -22.93 -14.17
N HIS A 9 19.20 -23.69 -15.20
CA HIS A 9 19.19 -23.09 -16.57
C HIS A 9 17.80 -22.46 -16.80
N ASP A 10 17.54 -21.39 -16.10
CA ASP A 10 16.22 -20.70 -16.22
C ASP A 10 16.08 -20.02 -17.59
N TYR A 11 15.99 -20.79 -18.64
CA TYR A 11 15.86 -20.19 -20.00
C TYR A 11 14.48 -20.50 -20.60
N ASP A 12 14.27 -21.68 -21.13
CA ASP A 12 12.94 -22.00 -21.73
C ASP A 12 12.15 -22.98 -20.85
N ILE A 13 12.16 -22.75 -19.57
CA ILE A 13 11.42 -23.63 -18.62
C ILE A 13 10.64 -22.76 -17.64
N PRO A 14 9.91 -23.38 -16.73
CA PRO A 14 9.17 -22.60 -15.70
C PRO A 14 10.19 -21.89 -14.81
N THR A 15 10.47 -20.64 -15.12
CA THR A 15 11.49 -19.87 -14.36
C THR A 15 11.47 -20.17 -12.86
N THR A 16 12.51 -20.79 -12.39
CA THR A 16 12.65 -21.12 -10.95
C THR A 16 13.35 -19.96 -10.24
N GLU A 17 14.47 -19.54 -10.76
CA GLU A 17 15.23 -18.41 -10.15
C GLU A 17 14.35 -17.15 -10.08
N ASN A 18 13.32 -17.10 -10.88
CA ASN A 18 12.40 -15.92 -10.86
C ASN A 18 11.78 -15.76 -9.48
N LEU A 19 11.72 -16.82 -8.74
CA LEU A 19 11.16 -16.74 -7.36
C LEU A 19 12.19 -16.06 -6.44
N TYR A 20 13.44 -16.07 -6.82
CA TYR A 20 14.49 -15.41 -5.99
C TYR A 20 14.45 -13.89 -6.17
N PHE A 21 13.52 -13.39 -6.93
CA PHE A 21 13.39 -11.92 -7.14
C PHE A 21 12.68 -11.34 -5.92
N GLN A 22 13.29 -11.45 -4.80
CA GLN A 22 12.66 -10.94 -3.54
C GLN A 22 13.46 -9.77 -2.97
N GLY A 23 13.19 -8.59 -3.44
CA GLY A 23 13.91 -7.39 -2.90
C GLY A 23 13.25 -7.03 -1.57
N ALA A 24 12.54 -5.93 -1.52
CA ALA A 24 11.84 -5.56 -0.25
C ALA A 24 10.71 -6.57 -0.03
N MET A 25 9.85 -6.72 -1.00
CA MET A 25 8.74 -7.71 -0.89
C MET A 25 9.02 -8.87 -1.84
N GLY A 26 8.29 -9.95 -1.72
CA GLY A 26 8.52 -11.11 -2.64
C GLY A 26 7.92 -10.81 -4.01
N SER A 27 8.40 -9.79 -4.68
CA SER A 27 7.86 -9.42 -6.04
C SER A 27 6.33 -9.35 -6.03
N GLY A 28 5.78 -8.24 -5.65
CA GLY A 28 4.31 -8.08 -5.64
C GLY A 28 3.90 -6.87 -6.49
N PRO A 29 2.66 -6.85 -6.91
CA PRO A 29 2.15 -5.73 -7.76
C PRO A 29 2.00 -4.43 -6.97
N CYS A 30 1.48 -4.49 -5.77
CA CYS A 30 1.30 -3.24 -4.99
C CYS A 30 2.66 -2.63 -4.62
N ARG A 31 3.67 -3.43 -4.33
CA ARG A 31 5.01 -2.83 -4.00
C ARG A 31 5.43 -1.90 -5.15
N ARG A 32 5.29 -2.35 -6.38
CA ARG A 32 5.64 -1.49 -7.55
C ARG A 32 4.61 -0.36 -7.61
N HIS A 33 3.37 -0.66 -7.32
CA HIS A 33 2.31 0.38 -7.32
C HIS A 33 2.71 1.48 -6.33
N LEU A 34 3.16 1.08 -5.16
CA LEU A 34 3.60 2.07 -4.13
C LEU A 34 4.75 2.92 -4.68
N ASP A 35 5.77 2.29 -5.21
CA ASP A 35 6.94 3.05 -5.76
C ASP A 35 6.45 4.06 -6.81
N SER A 36 5.57 3.63 -7.66
CA SER A 36 5.02 4.53 -8.71
C SER A 36 4.20 5.64 -8.06
N VAL A 37 3.28 5.26 -7.20
CA VAL A 37 2.46 6.29 -6.50
C VAL A 37 3.38 7.16 -5.65
N LEU A 38 4.32 6.57 -4.97
CA LEU A 38 5.26 7.38 -4.13
C LEU A 38 5.97 8.40 -5.00
N GLN A 39 6.46 7.98 -6.13
CA GLN A 39 7.16 8.94 -7.04
C GLN A 39 6.16 9.91 -7.67
N GLN A 40 5.05 9.38 -8.13
CA GLN A 40 3.99 10.20 -8.80
C GLN A 40 3.18 11.07 -7.84
N LEU A 41 2.93 10.63 -6.64
CA LEU A 41 2.03 11.41 -5.71
C LEU A 41 2.37 12.90 -5.62
N GLN A 42 3.61 13.31 -5.71
CA GLN A 42 3.88 14.78 -5.60
C GLN A 42 3.46 15.54 -6.86
N THR A 43 3.55 14.92 -8.00
CA THR A 43 3.16 15.60 -9.26
C THR A 43 1.82 15.07 -9.79
N GLU A 44 1.47 13.86 -9.44
CA GLU A 44 0.19 13.28 -9.97
C GLU A 44 -0.98 13.51 -9.00
N VAL A 45 -0.86 14.44 -8.10
CA VAL A 45 -2.01 14.68 -7.17
C VAL A 45 -3.02 15.62 -7.82
N TYR A 46 -2.66 16.23 -8.91
CA TYR A 46 -3.58 17.20 -9.57
C TYR A 46 -4.53 16.46 -10.49
N ARG A 47 -4.06 15.42 -11.05
CA ARG A 47 -4.91 14.57 -11.94
C ARG A 47 -5.66 13.55 -11.08
N GLY A 48 -5.04 13.16 -10.00
CA GLY A 48 -5.63 12.14 -9.08
C GLY A 48 -6.18 12.82 -7.81
N ALA A 49 -6.20 14.14 -7.75
CA ALA A 49 -6.66 14.83 -6.50
C ALA A 49 -8.02 14.30 -6.00
N GLN A 50 -8.76 13.63 -6.82
CA GLN A 50 -10.06 13.09 -6.35
C GLN A 50 -10.00 11.56 -6.23
N THR A 51 -8.87 10.98 -6.52
CA THR A 51 -8.75 9.49 -6.44
C THR A 51 -7.29 9.04 -6.35
N LEU A 52 -6.50 9.74 -5.61
CA LEU A 52 -5.07 9.33 -5.48
C LEU A 52 -5.05 8.13 -4.55
N TYR A 53 -4.55 7.02 -5.01
CA TYR A 53 -4.59 5.78 -4.18
C TYR A 53 -3.20 5.31 -3.74
N VAL A 54 -3.08 4.94 -2.50
CA VAL A 54 -1.79 4.41 -1.95
C VAL A 54 -2.06 2.99 -1.44
N PRO A 55 -1.43 2.03 -2.07
CA PRO A 55 -1.65 0.61 -1.70
C PRO A 55 -0.81 0.18 -0.48
N ASN A 56 -1.42 -0.56 0.42
CA ASN A 56 -0.66 -1.07 1.60
C ASN A 56 -0.02 -2.38 1.20
N CYS A 57 1.20 -2.63 1.57
CA CYS A 57 1.83 -3.90 1.16
C CYS A 57 2.55 -4.57 2.31
N ASP A 58 2.51 -5.86 2.30
CA ASP A 58 3.22 -6.67 3.30
C ASP A 58 4.45 -7.24 2.59
N HIS A 59 5.30 -7.96 3.29
CA HIS A 59 6.53 -8.54 2.64
C HIS A 59 6.17 -9.27 1.31
N ARG A 60 4.93 -9.64 1.10
CA ARG A 60 4.55 -10.36 -0.15
C ARG A 60 4.39 -9.37 -1.34
N GLY A 61 4.57 -8.08 -1.14
CA GLY A 61 4.45 -7.11 -2.28
C GLY A 61 3.00 -7.01 -2.81
N PHE A 62 2.06 -7.70 -2.22
CA PHE A 62 0.65 -7.59 -2.71
C PHE A 62 -0.12 -6.61 -1.81
N TYR A 63 -1.30 -6.19 -2.21
CA TYR A 63 -2.10 -5.26 -1.33
C TYR A 63 -2.56 -6.13 -0.17
N ARG A 64 -1.76 -6.28 0.85
CA ARG A 64 -2.17 -7.25 1.89
C ARG A 64 -3.27 -6.77 2.85
N LYS A 65 -3.02 -5.76 3.61
CA LYS A 65 -4.07 -5.32 4.58
C LYS A 65 -4.92 -4.13 4.15
N ARG A 66 -4.32 -3.07 3.69
CA ARG A 66 -5.11 -1.85 3.37
C ARG A 66 -5.05 -1.39 1.91
N GLN A 67 -5.97 -0.53 1.58
CA GLN A 67 -6.01 0.13 0.26
C GLN A 67 -6.47 1.57 0.52
N CYS A 68 -5.73 2.56 0.12
CA CYS A 68 -6.17 3.95 0.45
C CYS A 68 -6.46 4.76 -0.81
N ARG A 69 -7.53 5.51 -0.78
CA ARG A 69 -7.87 6.39 -1.93
C ARG A 69 -7.95 7.82 -1.40
N SER A 70 -7.62 8.79 -2.20
CA SER A 70 -7.67 10.19 -1.70
C SER A 70 -8.51 11.06 -2.62
N SER A 71 -9.44 11.77 -2.06
CA SER A 71 -10.31 12.65 -2.86
C SER A 71 -10.26 14.07 -2.28
N GLN A 72 -10.73 15.06 -2.99
CA GLN A 72 -10.69 16.46 -2.46
C GLN A 72 -11.29 16.54 -1.05
N GLY A 73 -12.21 15.67 -0.71
CA GLY A 73 -12.83 15.71 0.64
C GLY A 73 -11.80 15.33 1.72
N GLN A 74 -10.78 14.59 1.36
CA GLN A 74 -9.73 14.19 2.35
C GLN A 74 -8.46 13.77 1.61
N ARG A 75 -7.35 14.41 1.88
CA ARG A 75 -6.08 14.06 1.17
C ARG A 75 -5.64 12.63 1.48
N ARG A 76 -6.06 12.08 2.58
CA ARG A 76 -5.66 10.69 2.94
C ARG A 76 -6.87 9.87 3.36
N GLY A 77 -7.85 9.76 2.52
CA GLY A 77 -9.08 8.97 2.87
C GLY A 77 -10.06 8.98 1.70
N PRO A 78 -11.02 8.08 1.74
CA PRO A 78 -11.15 7.13 2.86
C PRO A 78 -10.36 5.85 2.60
N CYS A 79 -9.70 5.38 3.61
CA CYS A 79 -8.90 4.12 3.50
C CYS A 79 -9.76 2.91 3.93
N TRP A 80 -9.54 1.77 3.37
CA TRP A 80 -10.32 0.56 3.78
C TRP A 80 -9.41 -0.67 3.81
N CYS A 81 -9.78 -1.67 4.57
CA CYS A 81 -8.93 -2.90 4.66
C CYS A 81 -9.22 -3.81 3.47
N VAL A 82 -8.26 -4.61 3.10
CA VAL A 82 -8.44 -5.53 1.93
C VAL A 82 -7.66 -6.83 2.18
N ASP A 83 -7.90 -7.85 1.39
CA ASP A 83 -7.12 -9.10 1.59
C ASP A 83 -5.90 -9.05 0.67
N ARG A 84 -5.05 -10.02 0.77
CA ARG A 84 -3.78 -10.07 -0.05
C ARG A 84 -4.00 -9.67 -1.52
N MET A 85 -5.15 -9.94 -2.08
CA MET A 85 -5.37 -9.55 -3.51
C MET A 85 -5.67 -8.04 -3.60
N GLY A 86 -6.05 -7.42 -2.52
CA GLY A 86 -6.35 -5.96 -2.54
C GLY A 86 -7.85 -5.75 -2.74
N LYS A 87 -8.66 -6.63 -2.23
CA LYS A 87 -10.12 -6.49 -2.39
C LYS A 87 -10.71 -5.87 -1.11
N SER A 88 -11.51 -4.86 -1.27
CA SER A 88 -12.13 -4.19 -0.09
C SER A 88 -12.99 -5.18 0.69
N LEU A 89 -12.55 -5.58 1.85
CA LEU A 89 -13.34 -6.56 2.66
C LEU A 89 -14.53 -5.86 3.33
N PRO A 90 -15.59 -6.62 3.53
CA PRO A 90 -16.80 -6.05 4.17
C PRO A 90 -16.59 -5.88 5.67
N GLY A 91 -17.66 -5.69 6.38
CA GLY A 91 -17.57 -5.50 7.85
C GLY A 91 -18.49 -6.50 8.57
N SER A 92 -18.21 -6.80 9.80
CA SER A 92 -19.08 -7.75 10.56
C SER A 92 -19.93 -6.98 11.58
N PRO A 93 -21.01 -7.59 12.00
CA PRO A 93 -21.92 -6.94 12.99
C PRO A 93 -21.27 -6.81 14.36
N ASP A 94 -20.22 -7.55 14.61
CA ASP A 94 -19.52 -7.46 15.93
C ASP A 94 -18.83 -6.09 16.07
N GLY A 95 -18.71 -5.36 14.99
CA GLY A 95 -18.03 -4.03 15.06
C GLY A 95 -16.51 -4.19 15.04
N ASN A 96 -16.01 -5.25 14.47
CA ASN A 96 -14.53 -5.44 14.41
C ASN A 96 -13.90 -4.39 13.51
N GLY A 97 -12.61 -4.23 13.55
CA GLY A 97 -11.96 -3.22 12.69
C GLY A 97 -11.92 -3.74 11.24
N SER A 98 -13.06 -3.89 10.63
CA SER A 98 -13.09 -4.40 9.23
C SER A 98 -12.69 -3.28 8.26
N SER A 99 -13.26 -2.12 8.42
CA SER A 99 -12.91 -0.98 7.52
C SER A 99 -11.55 -0.40 7.91
N SER A 100 -11.20 -0.45 9.17
CA SER A 100 -9.88 0.11 9.61
C SER A 100 -8.84 -0.99 9.73
N CYS A 101 -7.60 -0.66 9.48
CA CYS A 101 -6.50 -1.66 9.61
C CYS A 101 -5.53 -1.19 10.69
N PRO A 102 -4.77 -2.10 11.25
CA PRO A 102 -3.81 -1.73 12.33
C PRO A 102 -2.68 -0.84 11.81
N THR A 103 -1.79 -1.36 11.02
CA THR A 103 -0.65 -0.54 10.50
C THR A 103 -1.17 0.47 9.47
N GLY A 104 -1.47 1.67 9.91
CA GLY A 104 -1.98 2.70 8.96
C GLY A 104 -1.26 4.02 9.24
N SER A 105 0.05 4.00 9.34
CA SER A 105 0.81 5.25 9.61
C SER A 105 0.97 6.09 8.34
N SER A 106 -0.08 6.72 7.89
CA SER A 106 0.02 7.55 6.65
C SER A 106 0.69 8.90 6.96
N GLY A 107 1.91 8.88 7.42
CA GLY A 107 2.63 10.14 7.74
C GLY A 107 3.34 9.99 9.09
N SER A 1 28.11 19.03 -36.02
CA SER A 1 29.01 18.09 -35.32
C SER A 1 30.22 18.84 -34.76
N TYR A 2 30.65 18.53 -33.55
CA TYR A 2 31.83 19.21 -32.92
C TYR A 2 31.55 20.71 -32.75
N TYR A 3 31.62 21.46 -33.82
CA TYR A 3 31.33 22.93 -33.71
C TYR A 3 29.84 23.10 -33.45
N HIS A 4 29.02 22.67 -34.36
CA HIS A 4 27.54 22.77 -34.14
C HIS A 4 27.06 21.43 -33.59
N HIS A 5 26.95 21.32 -32.30
CA HIS A 5 26.50 20.04 -31.69
C HIS A 5 25.00 20.10 -31.37
N HIS A 6 24.44 19.03 -30.88
CA HIS A 6 22.99 19.04 -30.52
C HIS A 6 22.85 18.98 -29.00
N HIS A 7 21.73 19.40 -28.49
CA HIS A 7 21.51 19.39 -27.00
C HIS A 7 20.92 18.05 -26.53
N HIS A 8 20.94 17.03 -27.36
CA HIS A 8 20.36 15.71 -26.94
C HIS A 8 21.28 15.03 -25.91
N HIS A 9 21.14 15.39 -24.66
CA HIS A 9 21.99 14.76 -23.60
C HIS A 9 21.38 13.44 -23.17
N ASP A 10 21.75 12.36 -23.81
CA ASP A 10 21.19 11.03 -23.45
C ASP A 10 21.70 10.59 -22.08
N TYR A 11 20.93 10.78 -21.05
CA TYR A 11 21.37 10.36 -19.69
C TYR A 11 20.54 9.17 -19.21
N ASP A 12 21.05 8.42 -18.26
CA ASP A 12 20.30 7.27 -17.73
C ASP A 12 19.25 7.77 -16.76
N ILE A 13 18.05 7.87 -17.21
CA ILE A 13 16.96 8.36 -16.31
C ILE A 13 16.58 7.25 -15.34
N PRO A 14 16.45 7.61 -14.09
CA PRO A 14 16.10 6.60 -13.04
C PRO A 14 14.69 6.05 -13.28
N THR A 15 14.60 4.76 -13.48
CA THR A 15 13.25 4.14 -13.71
C THR A 15 12.40 4.25 -12.43
N THR A 16 11.16 3.89 -12.50
CA THR A 16 10.29 3.96 -11.30
C THR A 16 10.72 2.89 -10.30
N GLU A 17 10.79 1.66 -10.73
CA GLU A 17 11.22 0.55 -9.81
C GLU A 17 12.69 0.68 -9.42
N ASN A 18 13.38 1.71 -9.84
CA ASN A 18 14.82 1.84 -9.43
C ASN A 18 14.92 1.96 -7.90
N LEU A 19 13.83 2.23 -7.27
CA LEU A 19 13.81 2.34 -5.78
C LEU A 19 13.67 0.94 -5.15
N TYR A 20 13.47 -0.09 -5.95
CA TYR A 20 13.33 -1.47 -5.38
C TYR A 20 14.61 -1.89 -4.65
N PHE A 21 15.67 -1.20 -4.88
CA PHE A 21 16.97 -1.52 -4.20
C PHE A 21 16.77 -1.46 -2.68
N GLN A 22 16.39 -0.33 -2.17
CA GLN A 22 16.17 -0.22 -0.69
C GLN A 22 14.70 -0.47 -0.33
N GLY A 23 13.85 -0.61 -1.31
CA GLY A 23 12.41 -0.88 -1.04
C GLY A 23 12.05 -2.26 -1.62
N ALA A 24 12.89 -3.23 -1.40
CA ALA A 24 12.62 -4.60 -1.94
C ALA A 24 11.66 -5.38 -1.05
N MET A 25 10.59 -5.89 -1.60
CA MET A 25 9.63 -6.71 -0.78
C MET A 25 9.77 -8.18 -1.15
N GLY A 26 8.89 -9.01 -0.66
CA GLY A 26 8.96 -10.46 -1.00
C GLY A 26 8.25 -10.69 -2.33
N SER A 27 8.76 -10.11 -3.39
CA SER A 27 8.15 -10.27 -4.75
C SER A 27 6.64 -9.99 -4.70
N GLY A 28 6.26 -8.75 -4.78
CA GLY A 28 4.81 -8.40 -4.75
C GLY A 28 4.54 -7.20 -5.66
N PRO A 29 3.46 -7.30 -6.41
CA PRO A 29 3.07 -6.22 -7.35
C PRO A 29 2.64 -4.95 -6.59
N CYS A 30 2.02 -5.09 -5.45
CA CYS A 30 1.59 -3.88 -4.68
C CYS A 30 2.78 -2.98 -4.42
N ARG A 31 3.91 -3.54 -4.03
CA ARG A 31 5.12 -2.70 -3.79
C ARG A 31 5.44 -1.92 -5.08
N ARG A 32 5.42 -2.62 -6.19
CA ARG A 32 5.69 -1.94 -7.50
C ARG A 32 4.59 -0.92 -7.77
N HIS A 33 3.37 -1.28 -7.47
CA HIS A 33 2.23 -0.34 -7.69
C HIS A 33 2.37 0.84 -6.73
N LEU A 34 2.63 0.59 -5.47
CA LEU A 34 2.79 1.68 -4.48
C LEU A 34 3.89 2.64 -4.94
N ASP A 35 5.05 2.11 -5.25
CA ASP A 35 6.18 2.99 -5.71
C ASP A 35 5.72 3.78 -6.93
N SER A 36 5.06 3.14 -7.86
CA SER A 36 4.56 3.85 -9.07
C SER A 36 3.51 4.89 -8.65
N VAL A 37 2.52 4.48 -7.90
CA VAL A 37 1.47 5.45 -7.47
C VAL A 37 2.09 6.57 -6.63
N LEU A 38 2.94 6.25 -5.68
CA LEU A 38 3.56 7.33 -4.86
C LEU A 38 4.46 8.20 -5.75
N GLN A 39 5.17 7.61 -6.68
CA GLN A 39 6.03 8.45 -7.57
C GLN A 39 5.15 9.28 -8.52
N GLN A 40 4.16 8.65 -9.10
CA GLN A 40 3.26 9.37 -10.05
C GLN A 40 2.34 10.36 -9.32
N LEU A 41 1.69 9.95 -8.26
CA LEU A 41 0.75 10.90 -7.56
C LEU A 41 1.44 12.22 -7.20
N GLN A 42 2.71 12.21 -6.88
CA GLN A 42 3.39 13.48 -6.53
C GLN A 42 3.52 14.35 -7.79
N THR A 43 3.69 13.73 -8.91
CA THR A 43 3.79 14.48 -10.19
C THR A 43 2.37 14.71 -10.70
N GLU A 44 1.53 13.72 -10.54
CA GLU A 44 0.11 13.85 -10.98
C GLU A 44 -0.72 14.36 -9.81
N VAL A 45 -0.26 15.38 -9.13
CA VAL A 45 -1.01 15.91 -7.95
C VAL A 45 -2.46 16.19 -8.29
N TYR A 46 -2.74 16.61 -9.49
CA TYR A 46 -4.16 16.90 -9.85
C TYR A 46 -5.02 15.69 -9.54
N ARG A 47 -4.48 14.56 -9.78
CA ARG A 47 -5.19 13.28 -9.46
C ARG A 47 -4.86 12.89 -8.02
N GLY A 48 -3.60 12.96 -7.67
CA GLY A 48 -3.15 12.60 -6.28
C GLY A 48 -4.01 13.33 -5.25
N ALA A 49 -4.17 14.62 -5.42
CA ALA A 49 -5.00 15.40 -4.46
C ALA A 49 -6.49 15.26 -4.77
N GLN A 50 -6.86 14.65 -5.87
CA GLN A 50 -8.32 14.55 -6.18
C GLN A 50 -8.89 13.22 -5.70
N THR A 51 -8.34 12.15 -6.16
CA THR A 51 -8.84 10.79 -5.76
C THR A 51 -7.83 9.72 -6.17
N LEU A 52 -6.56 10.00 -6.10
CA LEU A 52 -5.56 8.97 -6.52
C LEU A 52 -5.41 7.97 -5.39
N TYR A 53 -5.66 6.73 -5.69
CA TYR A 53 -5.60 5.66 -4.65
C TYR A 53 -4.20 4.99 -4.61
N VAL A 54 -3.70 4.77 -3.43
CA VAL A 54 -2.39 4.10 -3.26
C VAL A 54 -2.60 2.77 -2.50
N PRO A 55 -1.92 1.77 -2.94
CA PRO A 55 -2.05 0.41 -2.36
C PRO A 55 -1.12 0.20 -1.16
N ASN A 56 -1.61 -0.40 -0.10
CA ASN A 56 -0.73 -0.70 1.07
C ASN A 56 -0.16 -2.10 0.89
N CYS A 57 1.10 -2.29 1.05
CA CYS A 57 1.66 -3.65 0.85
C CYS A 57 2.44 -4.13 2.07
N ASP A 58 2.32 -5.39 2.38
CA ASP A 58 3.09 -5.96 3.52
C ASP A 58 4.51 -6.29 3.05
N HIS A 59 5.36 -6.72 3.94
CA HIS A 59 6.77 -7.06 3.54
C HIS A 59 6.83 -7.94 2.29
N ARG A 60 5.79 -8.68 1.98
CA ARG A 60 5.81 -9.54 0.77
C ARG A 60 5.44 -8.73 -0.51
N GLY A 61 5.39 -7.42 -0.41
CA GLY A 61 5.10 -6.55 -1.61
C GLY A 61 3.66 -6.69 -2.15
N PHE A 62 2.81 -7.50 -1.57
CA PHE A 62 1.41 -7.61 -2.11
C PHE A 62 0.52 -6.55 -1.45
N TYR A 63 -0.70 -6.41 -1.92
CA TYR A 63 -1.64 -5.43 -1.26
C TYR A 63 -2.23 -6.22 -0.12
N ARG A 64 -1.61 -6.24 1.02
CA ARG A 64 -2.17 -7.15 2.05
C ARG A 64 -3.37 -6.63 2.81
N LYS A 65 -3.21 -5.60 3.58
CA LYS A 65 -4.36 -5.12 4.40
C LYS A 65 -5.09 -3.87 3.89
N ARG A 66 -4.39 -2.84 3.49
CA ARG A 66 -5.10 -1.57 3.16
C ARG A 66 -5.00 -1.09 1.71
N GLN A 67 -6.10 -0.58 1.22
CA GLN A 67 -6.14 0.08 -0.12
C GLN A 67 -6.64 1.49 0.20
N CYS A 68 -5.94 2.53 -0.18
CA CYS A 68 -6.42 3.89 0.21
C CYS A 68 -6.62 4.83 -0.98
N ARG A 69 -7.67 5.61 -0.94
CA ARG A 69 -7.93 6.61 -2.01
C ARG A 69 -7.47 7.97 -1.48
N SER A 70 -7.11 8.89 -2.33
CA SER A 70 -6.65 10.22 -1.80
C SER A 70 -7.43 11.33 -2.47
N SER A 71 -8.13 12.12 -1.71
CA SER A 71 -8.93 13.23 -2.31
C SER A 71 -8.72 14.54 -1.54
N GLN A 72 -9.12 15.65 -2.11
CA GLN A 72 -8.93 16.97 -1.44
C GLN A 72 -10.07 17.24 -0.45
N GLY A 73 -11.30 17.05 -0.87
CA GLY A 73 -12.48 17.30 0.04
C GLY A 73 -12.20 16.65 1.39
N GLN A 74 -12.07 15.36 1.43
CA GLN A 74 -11.77 14.67 2.71
C GLN A 74 -10.41 13.98 2.55
N ARG A 75 -9.35 14.67 2.87
CA ARG A 75 -7.99 14.06 2.73
C ARG A 75 -7.84 12.82 3.60
N ARG A 76 -8.71 12.60 4.54
CA ARG A 76 -8.58 11.39 5.40
C ARG A 76 -9.05 10.14 4.64
N GLY A 77 -8.35 9.79 3.60
CA GLY A 77 -8.71 8.58 2.82
C GLY A 77 -9.43 8.99 1.53
N PRO A 78 -10.53 8.31 1.24
CA PRO A 78 -11.03 7.25 2.15
C PRO A 78 -10.21 5.96 2.01
N CYS A 79 -9.87 5.38 3.10
CA CYS A 79 -9.11 4.10 3.11
C CYS A 79 -10.05 2.91 3.32
N TRP A 80 -9.73 1.77 2.79
CA TRP A 80 -10.57 0.57 3.04
C TRP A 80 -9.67 -0.67 3.14
N CYS A 81 -10.01 -1.60 3.99
CA CYS A 81 -9.13 -2.82 4.16
C CYS A 81 -9.36 -3.83 3.03
N VAL A 82 -8.37 -4.64 2.77
CA VAL A 82 -8.45 -5.66 1.67
C VAL A 82 -7.70 -6.94 2.07
N ASP A 83 -7.84 -7.99 1.30
CA ASP A 83 -7.08 -9.23 1.61
C ASP A 83 -5.72 -9.17 0.92
N ARG A 84 -4.91 -10.17 1.08
CA ARG A 84 -3.54 -10.19 0.45
C ARG A 84 -3.56 -9.88 -1.05
N MET A 85 -4.63 -10.19 -1.74
CA MET A 85 -4.68 -9.90 -3.19
C MET A 85 -5.01 -8.41 -3.40
N GLY A 86 -5.57 -7.77 -2.42
CA GLY A 86 -5.91 -6.34 -2.57
C GLY A 86 -7.42 -6.16 -2.78
N LYS A 87 -8.20 -7.19 -2.56
CA LYS A 87 -9.67 -7.07 -2.75
C LYS A 87 -10.29 -6.39 -1.53
N SER A 88 -11.12 -5.41 -1.75
CA SER A 88 -11.77 -4.70 -0.61
C SER A 88 -12.59 -5.69 0.22
N LEU A 89 -12.12 -6.04 1.39
CA LEU A 89 -12.89 -6.99 2.24
C LEU A 89 -14.17 -6.29 2.73
N PRO A 90 -14.03 -5.32 3.61
CA PRO A 90 -15.22 -4.58 4.09
C PRO A 90 -15.60 -3.51 3.04
N GLY A 91 -16.25 -2.45 3.46
CA GLY A 91 -16.64 -1.38 2.51
C GLY A 91 -16.09 -0.04 3.02
N SER A 92 -16.90 0.71 3.70
CA SER A 92 -16.42 2.02 4.23
C SER A 92 -15.55 1.78 5.48
N PRO A 93 -14.56 2.62 5.66
CA PRO A 93 -13.66 2.49 6.83
C PRO A 93 -14.42 2.66 8.14
N ASP A 94 -15.56 3.29 8.11
CA ASP A 94 -16.37 3.45 9.35
C ASP A 94 -16.93 2.09 9.80
N GLY A 95 -16.85 1.10 8.94
CA GLY A 95 -17.36 -0.25 9.30
C GLY A 95 -16.43 -1.31 8.71
N ASN A 96 -15.17 -1.23 9.02
CA ASN A 96 -14.19 -2.23 8.48
C ASN A 96 -14.00 -3.39 9.46
N GLY A 97 -14.12 -3.12 10.72
CA GLY A 97 -13.97 -4.21 11.74
C GLY A 97 -12.48 -4.42 12.08
N SER A 98 -12.16 -4.42 13.35
CA SER A 98 -10.73 -4.63 13.77
C SER A 98 -10.25 -6.01 13.28
N SER A 99 -11.12 -6.99 13.31
CA SER A 99 -10.74 -8.36 12.83
C SER A 99 -10.17 -8.27 11.42
N SER A 100 -10.65 -7.36 10.62
CA SER A 100 -10.11 -7.21 9.25
C SER A 100 -8.78 -6.45 9.35
N CYS A 101 -8.78 -5.37 10.08
CA CYS A 101 -7.53 -4.58 10.25
C CYS A 101 -7.60 -3.79 11.56
N PRO A 102 -6.49 -3.74 12.27
CA PRO A 102 -6.45 -2.99 13.56
C PRO A 102 -6.53 -1.49 13.31
N THR A 103 -6.07 -1.06 12.16
CA THR A 103 -6.08 0.40 11.79
C THR A 103 -7.24 1.15 12.45
N GLY A 104 -6.92 2.11 13.28
CA GLY A 104 -7.98 2.90 13.98
C GLY A 104 -7.48 3.26 15.38
N SER A 105 -8.13 4.17 16.05
CA SER A 105 -7.66 4.55 17.42
C SER A 105 -7.96 3.41 18.40
N SER A 106 -7.26 2.31 18.29
CA SER A 106 -7.51 1.16 19.19
C SER A 106 -6.33 0.98 20.15
N GLY A 107 -5.16 0.70 19.62
CA GLY A 107 -3.97 0.52 20.50
C GLY A 107 -3.00 -0.44 19.81
N SER A 1 0.79 14.38 8.18
CA SER A 1 1.14 13.67 9.44
C SER A 1 0.33 14.27 10.61
N TYR A 2 0.09 13.50 11.64
CA TYR A 2 -0.69 14.03 12.80
C TYR A 2 0.21 14.86 13.71
N TYR A 3 0.41 16.11 13.38
CA TYR A 3 1.27 17.01 14.22
C TYR A 3 1.19 18.43 13.67
N HIS A 4 2.17 19.27 13.95
CA HIS A 4 2.14 20.68 13.40
C HIS A 4 1.93 20.63 11.89
N HIS A 5 0.71 20.75 11.44
CA HIS A 5 0.41 20.67 9.98
C HIS A 5 -1.08 20.99 9.74
N HIS A 6 -1.48 21.16 8.49
CA HIS A 6 -2.92 21.44 8.19
C HIS A 6 -3.80 20.35 8.81
N HIS A 7 -5.01 20.69 9.15
CA HIS A 7 -5.94 19.67 9.77
C HIS A 7 -6.39 18.63 8.75
N HIS A 8 -6.13 17.38 9.03
CA HIS A 8 -6.52 16.25 8.11
C HIS A 8 -6.15 16.55 6.66
N HIS A 9 -5.05 17.20 6.45
CA HIS A 9 -4.59 17.51 5.05
C HIS A 9 -3.26 16.78 4.84
N ASP A 10 -3.09 15.66 5.50
CA ASP A 10 -1.81 14.88 5.42
C ASP A 10 -1.39 14.61 3.97
N TYR A 11 -0.35 15.27 3.52
CA TYR A 11 0.13 14.99 2.13
C TYR A 11 0.90 13.66 2.12
N ASP A 12 1.16 13.10 3.28
CA ASP A 12 1.87 11.81 3.38
C ASP A 12 0.90 10.78 3.97
N ILE A 13 1.39 9.81 4.69
CA ILE A 13 0.49 8.81 5.31
C ILE A 13 0.92 8.56 6.76
N PRO A 14 0.04 8.90 7.68
CA PRO A 14 0.34 8.73 9.12
C PRO A 14 0.42 7.25 9.49
N THR A 15 1.50 6.62 9.16
CA THR A 15 1.70 5.18 9.47
C THR A 15 3.14 4.95 9.90
N THR A 16 3.36 4.42 11.08
CA THR A 16 4.76 4.21 11.56
C THR A 16 5.40 2.97 10.90
N GLU A 17 5.10 1.79 11.37
CA GLU A 17 5.70 0.55 10.78
C GLU A 17 5.43 0.44 9.28
N ASN A 18 4.33 0.95 8.83
CA ASN A 18 3.98 0.86 7.39
C ASN A 18 4.95 1.68 6.54
N LEU A 19 5.26 2.85 6.99
CA LEU A 19 6.20 3.73 6.23
C LEU A 19 7.64 3.57 6.73
N TYR A 20 7.83 3.40 8.02
CA TYR A 20 9.22 3.27 8.56
C TYR A 20 9.68 1.81 8.66
N PHE A 21 8.90 0.89 8.19
CA PHE A 21 9.31 -0.55 8.24
C PHE A 21 8.86 -1.27 6.96
N GLN A 22 7.62 -1.15 6.60
CA GLN A 22 7.11 -1.83 5.37
C GLN A 22 7.46 -1.00 4.12
N GLY A 23 8.70 -0.63 3.95
CA GLY A 23 9.11 0.15 2.75
C GLY A 23 9.75 -0.81 1.75
N ALA A 24 11.05 -0.95 1.79
CA ALA A 24 11.73 -1.91 0.85
C ALA A 24 11.46 -3.34 1.35
N MET A 25 10.25 -3.82 1.16
CA MET A 25 9.90 -5.18 1.65
C MET A 25 10.29 -6.25 0.62
N GLY A 26 9.57 -7.36 0.57
CA GLY A 26 9.91 -8.46 -0.37
C GLY A 26 9.53 -8.12 -1.82
N SER A 27 9.91 -6.96 -2.30
CA SER A 27 9.62 -6.56 -3.73
C SER A 27 8.32 -7.19 -4.27
N GLY A 28 7.25 -7.15 -3.51
CA GLY A 28 5.97 -7.72 -4.00
C GLY A 28 5.39 -6.82 -5.09
N PRO A 29 4.33 -7.27 -5.71
CA PRO A 29 3.68 -6.50 -6.82
C PRO A 29 3.20 -5.13 -6.32
N CYS A 30 2.58 -5.07 -5.18
CA CYS A 30 2.10 -3.76 -4.66
C CYS A 30 3.31 -2.86 -4.34
N ARG A 31 4.38 -3.42 -3.83
CA ARG A 31 5.58 -2.58 -3.52
C ARG A 31 6.08 -1.86 -4.79
N ARG A 32 6.17 -2.57 -5.89
CA ARG A 32 6.64 -1.92 -7.16
C ARG A 32 5.62 -0.88 -7.61
N HIS A 33 4.36 -1.22 -7.52
CA HIS A 33 3.30 -0.26 -7.92
C HIS A 33 3.23 0.90 -6.92
N LEU A 34 3.47 0.62 -5.66
CA LEU A 34 3.41 1.72 -4.65
C LEU A 34 4.47 2.78 -4.98
N ASP A 35 5.70 2.37 -5.14
CA ASP A 35 6.78 3.37 -5.47
C ASP A 35 6.44 4.08 -6.78
N SER A 36 6.02 3.33 -7.76
CA SER A 36 5.67 3.93 -9.08
C SER A 36 4.41 4.81 -8.96
N VAL A 37 3.35 4.29 -8.38
CA VAL A 37 2.11 5.10 -8.24
C VAL A 37 2.33 6.26 -7.28
N LEU A 38 2.90 6.00 -6.13
CA LEU A 38 3.10 7.11 -5.16
C LEU A 38 4.06 8.16 -5.71
N GLN A 39 5.09 7.78 -6.44
CA GLN A 39 6.01 8.84 -6.94
C GLN A 39 5.31 9.66 -8.04
N GLN A 40 4.74 9.02 -9.02
CA GLN A 40 4.06 9.78 -10.12
C GLN A 40 2.66 10.30 -9.72
N LEU A 41 1.82 9.44 -9.20
CA LEU A 41 0.42 9.87 -8.88
C LEU A 41 0.35 10.86 -7.73
N GLN A 42 1.01 10.61 -6.64
CA GLN A 42 0.91 11.59 -5.52
C GLN A 42 1.42 12.94 -5.95
N THR A 43 2.23 12.97 -6.97
CA THR A 43 2.73 14.27 -7.41
C THR A 43 1.77 14.89 -8.43
N GLU A 44 1.35 14.16 -9.44
CA GLU A 44 0.43 14.80 -10.45
C GLU A 44 -1.04 14.40 -10.29
N VAL A 45 -1.39 13.67 -9.27
CA VAL A 45 -2.83 13.28 -9.13
C VAL A 45 -3.59 14.10 -8.09
N TYR A 46 -3.13 14.02 -6.90
CA TYR A 46 -3.82 14.66 -5.72
C TYR A 46 -3.91 16.16 -5.78
N ARG A 47 -3.42 16.78 -6.79
CA ARG A 47 -3.53 18.25 -6.80
C ARG A 47 -4.91 18.68 -7.28
N GLY A 48 -5.28 18.26 -8.45
CA GLY A 48 -6.60 18.67 -9.01
C GLY A 48 -7.48 17.51 -9.53
N ALA A 49 -7.11 16.25 -9.48
CA ALA A 49 -8.03 15.30 -10.20
C ALA A 49 -9.28 14.83 -9.43
N GLN A 50 -9.25 13.77 -8.64
CA GLN A 50 -10.53 13.44 -7.91
C GLN A 50 -10.37 12.98 -6.45
N THR A 51 -9.90 11.77 -6.35
CA THR A 51 -9.75 11.02 -5.06
C THR A 51 -8.93 9.75 -5.35
N LEU A 52 -7.83 9.84 -6.02
CA LEU A 52 -7.12 8.59 -6.46
C LEU A 52 -6.53 7.83 -5.29
N TYR A 53 -6.82 6.56 -5.31
CA TYR A 53 -6.43 5.63 -4.21
C TYR A 53 -4.98 5.11 -4.29
N VAL A 54 -4.32 5.06 -3.16
CA VAL A 54 -2.93 4.52 -3.08
C VAL A 54 -2.99 3.14 -2.38
N PRO A 55 -2.34 2.18 -2.99
CA PRO A 55 -2.33 0.80 -2.44
C PRO A 55 -1.35 0.63 -1.27
N ASN A 56 -1.66 -0.27 -0.35
CA ASN A 56 -0.75 -0.55 0.80
C ASN A 56 -0.20 -1.95 0.63
N CYS A 57 1.05 -2.18 0.91
CA CYS A 57 1.57 -3.57 0.72
C CYS A 57 2.17 -4.10 2.02
N ASP A 58 1.96 -5.36 2.30
CA ASP A 58 2.55 -5.96 3.53
C ASP A 58 4.03 -6.27 3.25
N HIS A 59 4.76 -6.71 4.23
CA HIS A 59 6.21 -7.03 4.00
C HIS A 59 6.38 -7.92 2.76
N ARG A 60 5.34 -8.63 2.39
CA ARG A 60 5.42 -9.51 1.17
C ARG A 60 5.20 -8.67 -0.10
N GLY A 61 5.11 -7.36 0.04
CA GLY A 61 4.92 -6.47 -1.13
C GLY A 61 3.55 -6.64 -1.79
N PHE A 62 2.67 -7.46 -1.28
CA PHE A 62 1.32 -7.59 -1.92
C PHE A 62 0.37 -6.53 -1.34
N TYR A 63 -0.72 -6.23 -2.01
CA TYR A 63 -1.70 -5.22 -1.48
C TYR A 63 -2.42 -5.90 -0.33
N ARG A 64 -1.77 -6.06 0.80
CA ARG A 64 -2.44 -6.87 1.85
C ARG A 64 -3.50 -6.21 2.72
N LYS A 65 -3.15 -5.22 3.46
CA LYS A 65 -4.16 -4.64 4.40
C LYS A 65 -4.91 -3.38 3.96
N ARG A 66 -4.24 -2.38 3.45
CA ARG A 66 -4.95 -1.10 3.16
C ARG A 66 -5.02 -0.68 1.70
N GLN A 67 -6.19 -0.27 1.29
CA GLN A 67 -6.36 0.31 -0.07
C GLN A 67 -7.25 1.53 0.16
N CYS A 68 -6.83 2.72 -0.20
CA CYS A 68 -7.70 3.89 0.10
C CYS A 68 -7.72 4.91 -1.02
N ARG A 69 -8.86 5.49 -1.27
CA ARG A 69 -8.96 6.56 -2.31
C ARG A 69 -8.49 7.86 -1.65
N SER A 70 -7.60 8.58 -2.28
CA SER A 70 -7.06 9.81 -1.64
C SER A 70 -7.40 11.09 -2.43
N SER A 71 -7.75 12.12 -1.70
CA SER A 71 -8.08 13.44 -2.29
C SER A 71 -6.95 14.43 -1.95
N GLN A 72 -6.91 15.57 -2.60
CA GLN A 72 -5.82 16.57 -2.29
C GLN A 72 -5.74 16.86 -0.79
N GLY A 73 -6.86 16.85 -0.11
CA GLY A 73 -6.85 17.14 1.35
C GLY A 73 -6.84 15.82 2.12
N GLN A 74 -7.92 15.09 2.05
CA GLN A 74 -7.98 13.78 2.78
C GLN A 74 -7.29 12.69 1.96
N ARG A 75 -6.04 12.44 2.23
CA ARG A 75 -5.32 11.38 1.46
C ARG A 75 -5.64 9.99 2.03
N ARG A 76 -6.20 9.92 3.20
CA ARG A 76 -6.53 8.60 3.81
C ARG A 76 -8.05 8.44 3.93
N GLY A 77 -8.79 8.94 2.99
CA GLY A 77 -10.28 8.82 3.07
C GLY A 77 -10.87 8.80 1.67
N PRO A 78 -11.71 7.82 1.41
CA PRO A 78 -12.04 6.78 2.41
C PRO A 78 -11.08 5.58 2.33
N CYS A 79 -10.70 5.08 3.46
CA CYS A 79 -9.82 3.88 3.52
C CYS A 79 -10.67 2.63 3.65
N TRP A 80 -10.22 1.51 3.17
CA TRP A 80 -11.02 0.26 3.33
C TRP A 80 -10.12 -0.97 3.49
N CYS A 81 -10.66 -1.98 4.11
CA CYS A 81 -9.91 -3.24 4.42
C CYS A 81 -9.85 -4.15 3.18
N VAL A 82 -8.73 -4.79 2.93
CA VAL A 82 -8.65 -5.67 1.71
C VAL A 82 -7.84 -6.94 1.97
N ASP A 83 -7.91 -7.87 1.05
CA ASP A 83 -7.15 -9.13 1.17
C ASP A 83 -5.79 -8.95 0.49
N ARG A 84 -4.97 -9.96 0.49
CA ARG A 84 -3.61 -9.88 -0.14
C ARG A 84 -3.65 -9.31 -1.57
N MET A 85 -4.77 -9.39 -2.24
CA MET A 85 -4.83 -8.83 -3.64
C MET A 85 -5.26 -7.36 -3.61
N GLY A 86 -5.83 -6.90 -2.53
CA GLY A 86 -6.25 -5.46 -2.44
C GLY A 86 -7.77 -5.32 -2.64
N LYS A 87 -8.50 -6.42 -2.67
CA LYS A 87 -9.97 -6.34 -2.85
C LYS A 87 -10.65 -6.15 -1.49
N SER A 88 -11.74 -5.41 -1.44
CA SER A 88 -12.44 -5.20 -0.13
C SER A 88 -12.60 -6.56 0.56
N LEU A 89 -11.93 -6.74 1.67
CA LEU A 89 -12.00 -8.06 2.39
C LEU A 89 -13.34 -8.33 3.09
N PRO A 90 -13.98 -7.32 3.64
CA PRO A 90 -15.27 -7.58 4.35
C PRO A 90 -16.32 -8.18 3.42
N GLY A 91 -16.32 -7.80 2.18
CA GLY A 91 -17.31 -8.36 1.22
C GLY A 91 -16.69 -9.55 0.45
N SER A 92 -16.15 -10.51 1.13
CA SER A 92 -15.56 -11.69 0.43
C SER A 92 -16.29 -12.98 0.82
N PRO A 93 -17.04 -13.52 -0.11
CA PRO A 93 -17.78 -14.78 0.16
C PRO A 93 -16.83 -15.98 0.21
N ASP A 94 -15.65 -15.84 -0.32
CA ASP A 94 -14.67 -16.97 -0.30
C ASP A 94 -14.14 -17.21 1.12
N GLY A 95 -14.45 -16.35 2.06
CA GLY A 95 -13.93 -16.56 3.44
C GLY A 95 -13.27 -15.28 3.93
N ASN A 96 -13.59 -14.85 5.12
CA ASN A 96 -12.97 -13.60 5.67
C ASN A 96 -11.49 -13.83 5.92
N GLY A 97 -10.65 -13.37 5.03
CA GLY A 97 -9.18 -13.56 5.20
C GLY A 97 -8.63 -12.50 6.15
N SER A 98 -9.02 -12.56 7.40
CA SER A 98 -8.53 -11.55 8.40
C SER A 98 -7.00 -11.50 8.38
N SER A 99 -6.35 -12.58 8.01
CA SER A 99 -4.85 -12.60 7.94
C SER A 99 -4.35 -11.45 7.07
N SER A 100 -5.08 -11.11 6.04
CA SER A 100 -4.66 -9.98 5.16
C SER A 100 -5.07 -8.67 5.81
N CYS A 101 -6.32 -8.55 6.18
CA CYS A 101 -6.81 -7.30 6.84
C CYS A 101 -8.05 -7.61 7.68
N PRO A 102 -8.09 -7.06 8.88
CA PRO A 102 -9.24 -7.29 9.77
C PRO A 102 -10.35 -6.25 9.51
N THR A 103 -10.21 -5.05 10.01
CA THR A 103 -11.27 -4.01 9.79
C THR A 103 -10.66 -2.70 9.24
N GLY A 104 -9.62 -2.79 8.47
CA GLY A 104 -9.00 -1.56 7.89
C GLY A 104 -7.98 -0.98 8.88
N SER A 105 -6.75 -0.83 8.46
CA SER A 105 -5.70 -0.27 9.36
C SER A 105 -5.89 1.25 9.52
N SER A 106 -5.51 1.78 10.65
CA SER A 106 -5.65 3.26 10.88
C SER A 106 -4.28 3.87 11.20
N GLY A 107 -3.23 3.32 10.64
CA GLY A 107 -1.87 3.85 10.90
C GLY A 107 -0.94 2.69 11.22
N SER A 1 17.09 -3.76 36.49
CA SER A 1 18.19 -4.18 35.58
C SER A 1 18.89 -2.92 35.00
N TYR A 2 20.12 -3.05 34.60
CA TYR A 2 20.83 -1.85 34.04
C TYR A 2 20.44 -1.65 32.57
N TYR A 3 21.07 -2.36 31.65
CA TYR A 3 20.74 -2.20 30.19
C TYR A 3 20.61 -0.71 29.85
N HIS A 4 19.73 -0.34 28.95
CA HIS A 4 19.57 1.09 28.60
C HIS A 4 18.40 1.68 29.40
N HIS A 5 18.71 2.25 30.55
CA HIS A 5 17.65 2.85 31.43
C HIS A 5 16.69 1.77 31.96
N HIS A 6 17.16 0.57 32.17
CA HIS A 6 16.31 -0.54 32.74
C HIS A 6 15.07 -0.84 31.87
N HIS A 7 14.05 -0.01 31.91
CA HIS A 7 12.81 -0.30 31.12
C HIS A 7 13.08 -0.38 29.61
N HIS A 8 12.27 -1.11 28.91
CA HIS A 8 12.42 -1.24 27.43
C HIS A 8 11.04 -1.17 26.79
N HIS A 9 10.74 -0.06 26.17
CA HIS A 9 9.39 0.12 25.53
C HIS A 9 9.18 -0.91 24.41
N ASP A 10 7.94 -1.24 24.13
CA ASP A 10 7.65 -2.24 23.05
C ASP A 10 6.96 -1.54 21.87
N TYR A 11 6.82 -2.21 20.77
CA TYR A 11 6.16 -1.60 19.58
C TYR A 11 4.70 -2.06 19.52
N ASP A 12 3.79 -1.36 20.16
CA ASP A 12 2.34 -1.78 20.14
C ASP A 12 1.74 -1.52 18.75
N ILE A 13 2.25 -2.19 17.75
CA ILE A 13 1.72 -2.00 16.37
C ILE A 13 1.21 -3.34 15.85
N PRO A 14 -0.03 -3.34 15.40
CA PRO A 14 -0.64 -4.59 14.88
C PRO A 14 0.05 -5.03 13.59
N THR A 15 1.04 -5.87 13.70
CA THR A 15 1.76 -6.36 12.50
C THR A 15 1.46 -7.85 12.30
N THR A 16 0.86 -8.20 11.20
CA THR A 16 0.52 -9.65 10.97
C THR A 16 1.61 -10.33 10.14
N GLU A 17 1.86 -9.83 8.97
CA GLU A 17 2.90 -10.43 8.07
C GLU A 17 4.31 -9.95 8.44
N ASN A 18 4.53 -9.54 9.66
CA ASN A 18 5.90 -9.08 10.09
C ASN A 18 6.69 -10.24 10.71
N LEU A 19 6.20 -11.45 10.60
CA LEU A 19 6.90 -12.62 11.22
C LEU A 19 8.08 -13.10 10.37
N TYR A 20 7.88 -13.32 9.10
CA TYR A 20 8.99 -13.85 8.24
C TYR A 20 9.90 -12.73 7.73
N PHE A 21 9.67 -11.51 8.12
CA PHE A 21 10.53 -10.39 7.67
C PHE A 21 10.18 -9.12 8.43
N GLN A 22 11.13 -8.24 8.62
CA GLN A 22 10.85 -6.97 9.36
C GLN A 22 11.49 -5.78 8.64
N GLY A 23 11.70 -5.85 7.34
CA GLY A 23 12.32 -4.71 6.62
C GLY A 23 11.32 -4.16 5.61
N ALA A 24 11.74 -4.00 4.38
CA ALA A 24 10.81 -3.48 3.33
C ALA A 24 9.94 -4.63 2.80
N MET A 25 9.45 -4.54 1.58
CA MET A 25 8.63 -5.65 1.04
C MET A 25 9.42 -6.40 -0.03
N GLY A 26 8.96 -7.57 -0.41
CA GLY A 26 9.68 -8.36 -1.45
C GLY A 26 9.31 -7.85 -2.84
N SER A 27 9.51 -6.57 -3.11
CA SER A 27 9.18 -5.98 -4.45
C SER A 27 8.00 -6.69 -5.13
N GLY A 28 6.89 -6.80 -4.44
CA GLY A 28 5.70 -7.48 -5.04
C GLY A 28 4.91 -6.47 -5.88
N PRO A 29 3.71 -6.85 -6.25
CA PRO A 29 2.86 -5.97 -7.07
C PRO A 29 2.46 -4.70 -6.31
N CYS A 30 2.16 -4.82 -5.05
CA CYS A 30 1.78 -3.60 -4.27
C CYS A 30 3.02 -2.74 -4.06
N ARG A 31 4.16 -3.34 -3.76
CA ARG A 31 5.41 -2.55 -3.58
C ARG A 31 5.64 -1.70 -4.83
N ARG A 32 5.53 -2.30 -5.99
CA ARG A 32 5.72 -1.54 -7.25
C ARG A 32 4.57 -0.54 -7.42
N HIS A 33 3.38 -0.93 -7.06
CA HIS A 33 2.23 0.01 -7.14
C HIS A 33 2.52 1.22 -6.26
N LEU A 34 3.07 0.97 -5.08
CA LEU A 34 3.42 2.10 -4.17
C LEU A 34 4.56 2.91 -4.80
N ASP A 35 5.58 2.23 -5.28
CA ASP A 35 6.72 2.95 -5.92
C ASP A 35 6.21 3.83 -7.07
N SER A 36 5.34 3.29 -7.87
CA SER A 36 4.75 4.05 -9.00
C SER A 36 3.90 5.18 -8.43
N VAL A 37 3.02 4.86 -7.49
CA VAL A 37 2.20 5.94 -6.87
C VAL A 37 3.14 6.95 -6.22
N LEU A 38 4.22 6.48 -5.64
CA LEU A 38 5.20 7.41 -5.01
C LEU A 38 5.68 8.40 -6.06
N GLN A 39 6.10 7.89 -7.18
CA GLN A 39 6.58 8.79 -8.28
C GLN A 39 5.39 9.57 -8.86
N GLN A 40 4.30 8.89 -9.10
CA GLN A 40 3.08 9.53 -9.69
C GLN A 40 2.38 10.47 -8.69
N LEU A 41 2.48 10.21 -7.42
CA LEU A 41 1.74 11.03 -6.40
C LEU A 41 1.88 12.53 -6.63
N GLN A 42 3.01 13.00 -7.08
CA GLN A 42 3.15 14.47 -7.28
C GLN A 42 2.34 14.93 -8.50
N THR A 43 2.16 14.08 -9.46
CA THR A 43 1.40 14.47 -10.69
C THR A 43 0.01 13.82 -10.73
N GLU A 44 -0.16 12.70 -10.08
CA GLU A 44 -1.49 12.00 -10.15
C GLU A 44 -2.43 12.40 -9.01
N VAL A 45 -2.18 13.51 -8.37
CA VAL A 45 -3.11 13.94 -7.28
C VAL A 45 -4.52 14.15 -7.86
N TYR A 46 -4.56 14.61 -9.06
CA TYR A 46 -5.82 14.90 -9.82
C TYR A 46 -6.71 13.71 -10.11
N ARG A 47 -6.46 12.58 -9.52
CA ARG A 47 -7.28 11.37 -9.84
C ARG A 47 -8.75 11.79 -9.87
N GLY A 48 -9.23 12.43 -8.85
CA GLY A 48 -10.57 13.05 -9.00
C GLY A 48 -10.25 14.52 -8.79
N ALA A 49 -10.01 14.91 -7.56
CA ALA A 49 -9.42 16.26 -7.31
C ALA A 49 -7.99 16.00 -6.85
N GLN A 50 -7.93 15.42 -5.67
CA GLN A 50 -6.66 15.01 -5.01
C GLN A 50 -6.72 13.50 -4.66
N THR A 51 -7.78 12.83 -5.05
CA THR A 51 -8.06 11.40 -4.66
C THR A 51 -7.16 10.34 -5.29
N LEU A 52 -5.89 10.52 -5.21
CA LEU A 52 -4.98 9.50 -5.79
C LEU A 52 -4.96 8.26 -4.87
N TYR A 53 -5.01 7.11 -5.48
CA TYR A 53 -5.06 5.80 -4.75
C TYR A 53 -3.69 5.39 -4.17
N VAL A 54 -3.67 4.97 -2.93
CA VAL A 54 -2.40 4.51 -2.28
C VAL A 54 -2.66 3.15 -1.62
N PRO A 55 -1.98 2.15 -2.11
CA PRO A 55 -2.17 0.78 -1.60
C PRO A 55 -1.24 0.46 -0.41
N ASN A 56 -1.68 -0.40 0.48
CA ASN A 56 -0.84 -0.82 1.64
C ASN A 56 -0.27 -2.20 1.32
N CYS A 57 0.97 -2.44 1.60
CA CYS A 57 1.54 -3.77 1.27
C CYS A 57 2.29 -4.36 2.46
N ASP A 58 2.23 -5.65 2.60
CA ASP A 58 2.95 -6.33 3.71
C ASP A 58 4.37 -6.66 3.23
N HIS A 59 5.18 -7.19 4.09
CA HIS A 59 6.60 -7.53 3.69
C HIS A 59 6.66 -8.30 2.37
N ARG A 60 5.60 -8.96 1.97
CA ARG A 60 5.61 -9.71 0.68
C ARG A 60 5.38 -8.73 -0.50
N GLY A 61 5.29 -7.45 -0.23
CA GLY A 61 5.09 -6.46 -1.33
C GLY A 61 3.70 -6.59 -1.98
N PHE A 62 2.85 -7.47 -1.50
CA PHE A 62 1.49 -7.59 -2.10
C PHE A 62 0.54 -6.59 -1.42
N TYR A 63 -0.67 -6.44 -1.91
CA TYR A 63 -1.66 -5.52 -1.25
C TYR A 63 -2.27 -6.35 -0.14
N ARG A 64 -1.68 -6.40 1.03
CA ARG A 64 -2.27 -7.35 2.01
C ARG A 64 -3.52 -6.90 2.74
N LYS A 65 -3.44 -5.93 3.59
CA LYS A 65 -4.66 -5.53 4.35
C LYS A 65 -5.36 -4.24 3.88
N ARG A 66 -4.62 -3.21 3.64
CA ARG A 66 -5.27 -1.89 3.33
C ARG A 66 -5.03 -1.35 1.93
N GLN A 67 -5.99 -0.63 1.43
CA GLN A 67 -5.88 0.08 0.13
C GLN A 67 -6.56 1.43 0.38
N CYS A 68 -5.89 2.53 0.14
CA CYS A 68 -6.53 3.85 0.48
C CYS A 68 -6.75 4.75 -0.73
N ARG A 69 -7.89 5.41 -0.75
CA ARG A 69 -8.14 6.45 -1.78
C ARG A 69 -7.75 7.70 -1.00
N SER A 70 -6.68 8.36 -1.35
CA SER A 70 -6.24 9.49 -0.50
C SER A 70 -6.10 10.81 -1.23
N SER A 71 -6.16 11.88 -0.47
CA SER A 71 -6.01 13.25 -1.05
C SER A 71 -4.67 13.84 -0.59
N GLN A 72 -4.13 14.78 -1.32
CA GLN A 72 -2.83 15.40 -0.90
C GLN A 72 -2.95 15.85 0.55
N GLY A 73 -4.05 16.47 0.89
CA GLY A 73 -4.27 16.91 2.29
C GLY A 73 -5.38 16.04 2.88
N GLN A 74 -6.07 16.53 3.89
CA GLN A 74 -7.18 15.73 4.49
C GLN A 74 -8.51 16.11 3.84
N ARG A 75 -8.58 15.97 2.54
CA ARG A 75 -9.83 16.33 1.81
C ARG A 75 -10.83 15.19 1.87
N ARG A 76 -10.43 14.04 1.39
CA ARG A 76 -11.34 12.86 1.37
C ARG A 76 -10.54 11.57 1.19
N GLY A 77 -11.13 10.46 1.55
CA GLY A 77 -10.47 9.14 1.35
C GLY A 77 -11.10 8.49 0.10
N PRO A 78 -11.78 7.38 0.28
CA PRO A 78 -11.89 6.66 1.56
C PRO A 78 -11.03 5.40 1.52
N CYS A 79 -10.56 4.94 2.64
CA CYS A 79 -9.74 3.69 2.64
C CYS A 79 -10.61 2.47 2.95
N TRP A 80 -10.16 1.30 2.61
CA TRP A 80 -10.95 0.07 2.92
C TRP A 80 -10.02 -1.13 3.13
N CYS A 81 -10.53 -2.20 3.68
CA CYS A 81 -9.67 -3.41 3.92
C CYS A 81 -9.57 -4.24 2.64
N VAL A 82 -8.56 -5.06 2.51
CA VAL A 82 -8.43 -5.92 1.28
C VAL A 82 -7.73 -7.22 1.65
N ASP A 83 -7.74 -8.20 0.77
CA ASP A 83 -7.04 -9.47 1.07
C ASP A 83 -5.65 -9.40 0.47
N ARG A 84 -4.86 -10.41 0.66
CA ARG A 84 -3.45 -10.40 0.10
C ARG A 84 -3.40 -10.01 -1.38
N MET A 85 -4.48 -10.14 -2.12
CA MET A 85 -4.46 -9.75 -3.56
C MET A 85 -4.85 -8.28 -3.69
N GLY A 86 -5.54 -7.75 -2.72
CA GLY A 86 -5.94 -6.30 -2.76
C GLY A 86 -7.44 -6.17 -3.05
N LYS A 87 -8.21 -7.22 -2.97
CA LYS A 87 -9.66 -7.08 -3.24
C LYS A 87 -10.33 -6.33 -2.09
N SER A 88 -11.06 -5.31 -2.40
CA SER A 88 -11.74 -4.48 -1.37
C SER A 88 -12.68 -5.29 -0.47
N LEU A 89 -12.31 -5.44 0.78
CA LEU A 89 -13.19 -6.16 1.74
C LEU A 89 -14.11 -5.13 2.39
N PRO A 90 -15.12 -5.59 3.09
CA PRO A 90 -16.04 -4.65 3.75
C PRO A 90 -15.38 -4.03 4.99
N GLY A 91 -16.11 -3.23 5.68
CA GLY A 91 -15.57 -2.58 6.91
C GLY A 91 -15.06 -1.18 6.56
N SER A 92 -15.41 -0.19 7.36
CA SER A 92 -14.94 1.19 7.07
C SER A 92 -14.03 1.68 8.20
N PRO A 93 -12.88 2.20 7.81
CA PRO A 93 -11.89 2.72 8.81
C PRO A 93 -12.35 4.04 9.45
N ASP A 94 -13.55 4.49 9.19
CA ASP A 94 -14.04 5.77 9.81
C ASP A 94 -14.25 5.60 11.32
N GLY A 95 -14.17 4.40 11.82
CA GLY A 95 -14.37 4.18 13.28
C GLY A 95 -14.46 2.68 13.56
N ASN A 96 -15.29 1.98 12.82
CA ASN A 96 -15.44 0.51 13.02
C ASN A 96 -14.52 -0.24 12.05
N GLY A 97 -13.29 0.17 11.93
CA GLY A 97 -12.35 -0.50 10.99
C GLY A 97 -11.21 -1.18 11.75
N SER A 98 -10.84 -0.69 12.91
CA SER A 98 -9.73 -1.31 13.69
C SER A 98 -10.01 -2.80 13.95
N SER A 99 -11.26 -3.17 14.09
CA SER A 99 -11.59 -4.61 14.36
C SER A 99 -11.51 -5.43 13.06
N SER A 100 -11.73 -4.80 11.93
CA SER A 100 -11.67 -5.54 10.63
C SER A 100 -10.22 -5.81 10.21
N CYS A 101 -9.35 -4.86 10.38
CA CYS A 101 -7.92 -5.06 9.99
C CYS A 101 -6.98 -4.37 10.98
N PRO A 102 -5.75 -4.83 11.00
CA PRO A 102 -4.73 -4.24 11.90
C PRO A 102 -4.38 -2.82 11.49
N THR A 103 -3.98 -2.63 10.25
CA THR A 103 -3.62 -1.26 9.79
C THR A 103 -4.89 -0.43 9.51
N GLY A 104 -5.60 -0.08 10.54
CA GLY A 104 -6.85 0.74 10.36
C GLY A 104 -6.65 2.05 11.10
N SER A 105 -7.01 2.10 12.35
CA SER A 105 -6.81 3.36 13.14
C SER A 105 -5.32 3.53 13.44
N SER A 106 -4.77 4.69 13.21
CA SER A 106 -3.31 4.91 13.46
C SER A 106 -3.04 5.06 14.96
N GLY A 107 -3.23 4.01 15.70
CA GLY A 107 -3.00 4.07 17.18
C GLY A 107 -2.11 2.90 17.60
N SER A 1 19.86 -1.35 -32.46
CA SER A 1 19.06 -0.30 -31.78
C SER A 1 17.58 -0.48 -32.10
N TYR A 2 16.75 -0.63 -31.09
CA TYR A 2 15.29 -0.81 -31.35
C TYR A 2 14.49 0.35 -30.74
N TYR A 3 13.19 0.22 -30.68
CA TYR A 3 12.35 1.30 -30.09
C TYR A 3 12.68 1.48 -28.60
N HIS A 4 13.03 0.40 -27.93
CA HIS A 4 13.37 0.49 -26.48
C HIS A 4 14.88 0.47 -26.28
N HIS A 5 15.34 0.75 -25.08
CA HIS A 5 16.81 0.72 -24.81
C HIS A 5 17.16 -0.59 -24.09
N HIS A 6 16.79 -0.71 -22.85
CA HIS A 6 17.07 -1.97 -22.10
C HIS A 6 15.91 -2.95 -22.28
N HIS A 7 14.72 -2.42 -22.54
CA HIS A 7 13.51 -3.27 -22.74
C HIS A 7 13.16 -4.04 -21.46
N HIS A 8 13.91 -5.05 -21.11
CA HIS A 8 13.59 -5.82 -19.88
C HIS A 8 14.38 -5.28 -18.69
N HIS A 9 13.82 -4.33 -17.98
CA HIS A 9 14.52 -3.78 -16.78
C HIS A 9 14.54 -4.86 -15.68
N ASP A 10 15.70 -5.22 -15.20
CA ASP A 10 15.79 -6.27 -14.15
C ASP A 10 15.62 -5.66 -12.75
N TYR A 11 15.92 -6.43 -11.73
CA TYR A 11 15.79 -5.91 -10.33
C TYR A 11 17.11 -5.24 -9.91
N ASP A 12 17.37 -5.18 -8.64
CA ASP A 12 18.64 -4.60 -8.12
C ASP A 12 19.20 -5.57 -7.09
N ILE A 13 20.43 -5.93 -7.22
CA ILE A 13 21.03 -6.90 -6.26
C ILE A 13 21.31 -6.21 -4.92
N PRO A 14 21.06 -6.93 -3.85
CA PRO A 14 21.28 -6.36 -2.50
C PRO A 14 22.77 -6.11 -2.24
N THR A 15 23.18 -4.88 -2.29
CA THR A 15 24.61 -4.54 -2.02
C THR A 15 24.70 -3.86 -0.65
N THR A 16 25.75 -3.12 -0.39
CA THR A 16 25.87 -2.44 0.94
C THR A 16 25.00 -1.18 0.99
N GLU A 17 25.29 -0.24 0.14
CA GLU A 17 24.50 1.04 0.12
C GLU A 17 23.05 0.83 -0.35
N ASN A 18 22.72 -0.34 -0.78
CA ASN A 18 21.31 -0.58 -1.25
C ASN A 18 20.41 -1.01 -0.09
N LEU A 19 20.96 -1.21 1.07
CA LEU A 19 20.13 -1.63 2.25
C LEU A 19 18.99 -0.64 2.50
N TYR A 20 19.23 0.62 2.26
CA TYR A 20 18.16 1.64 2.48
C TYR A 20 17.31 1.86 1.23
N PHE A 21 17.54 1.09 0.20
CA PHE A 21 16.76 1.25 -1.07
C PHE A 21 16.08 -0.06 -1.47
N GLN A 22 16.67 -1.18 -1.18
CA GLN A 22 16.05 -2.47 -1.57
C GLN A 22 14.73 -2.72 -0.80
N GLY A 23 13.61 -2.38 -1.40
CA GLY A 23 12.30 -2.61 -0.74
C GLY A 23 12.16 -4.11 -0.52
N ALA A 24 12.53 -4.54 0.64
CA ALA A 24 12.52 -6.00 0.99
C ALA A 24 11.14 -6.70 0.85
N MET A 25 10.45 -6.53 -0.25
CA MET A 25 9.16 -7.27 -0.43
C MET A 25 9.38 -8.34 -1.50
N GLY A 26 8.53 -9.33 -1.55
CA GLY A 26 8.70 -10.41 -2.59
C GLY A 26 8.26 -9.90 -3.96
N SER A 27 8.86 -8.85 -4.46
CA SER A 27 8.50 -8.31 -5.81
C SER A 27 6.99 -8.39 -6.07
N GLY A 28 6.18 -8.01 -5.11
CA GLY A 28 4.69 -8.08 -5.31
C GLY A 28 4.22 -6.88 -6.13
N PRO A 29 2.98 -6.96 -6.58
CA PRO A 29 2.40 -5.86 -7.39
C PRO A 29 2.23 -4.59 -6.55
N CYS A 30 1.73 -4.71 -5.34
CA CYS A 30 1.56 -3.50 -4.48
C CYS A 30 2.89 -2.75 -4.34
N ARG A 31 3.97 -3.44 -4.07
CA ARG A 31 5.29 -2.75 -3.96
C ARG A 31 5.56 -1.96 -5.24
N ARG A 32 5.33 -2.57 -6.38
CA ARG A 32 5.55 -1.85 -7.67
C ARG A 32 4.49 -0.74 -7.82
N HIS A 33 3.27 -1.02 -7.46
CA HIS A 33 2.20 0.02 -7.55
C HIS A 33 2.61 1.23 -6.71
N LEU A 34 3.13 1.01 -5.53
CA LEU A 34 3.57 2.16 -4.69
C LEU A 34 4.69 2.92 -5.43
N ASP A 35 5.55 2.21 -6.10
CA ASP A 35 6.66 2.87 -6.88
C ASP A 35 6.03 3.78 -7.94
N SER A 36 5.07 3.26 -8.65
CA SER A 36 4.37 4.06 -9.70
C SER A 36 3.54 5.16 -9.03
N VAL A 37 2.79 4.81 -8.01
CA VAL A 37 1.96 5.83 -7.30
C VAL A 37 2.88 6.91 -6.75
N LEU A 38 3.97 6.53 -6.13
CA LEU A 38 4.92 7.56 -5.60
C LEU A 38 5.37 8.46 -6.75
N GLN A 39 5.69 7.89 -7.89
CA GLN A 39 6.13 8.74 -9.03
C GLN A 39 4.95 9.56 -9.59
N GLN A 40 3.82 8.93 -9.78
CA GLN A 40 2.63 9.64 -10.34
C GLN A 40 2.01 10.62 -9.32
N LEU A 41 1.78 10.22 -8.10
CA LEU A 41 1.12 11.14 -7.10
C LEU A 41 1.81 12.50 -7.03
N GLN A 42 3.11 12.56 -7.14
CA GLN A 42 3.79 13.88 -7.05
C GLN A 42 3.58 14.69 -8.32
N THR A 43 3.30 14.04 -9.41
CA THR A 43 3.09 14.76 -10.69
C THR A 43 1.58 14.82 -10.99
N GLU A 44 0.87 13.80 -10.63
CA GLU A 44 -0.61 13.77 -10.89
C GLU A 44 -1.34 14.28 -9.63
N VAL A 45 -0.89 15.38 -9.08
CA VAL A 45 -1.55 15.90 -7.84
C VAL A 45 -3.05 16.05 -8.03
N TYR A 46 -3.47 16.40 -9.20
CA TYR A 46 -4.94 16.58 -9.43
C TYR A 46 -5.69 15.31 -9.02
N ARG A 47 -5.05 14.21 -9.18
CA ARG A 47 -5.64 12.91 -8.74
C ARG A 47 -5.30 12.67 -7.28
N GLY A 48 -4.04 12.81 -6.95
CA GLY A 48 -3.58 12.59 -5.53
C GLY A 48 -4.27 13.55 -4.58
N ALA A 49 -4.43 14.77 -5.00
CA ALA A 49 -5.10 15.76 -4.13
C ALA A 49 -6.59 15.43 -3.99
N GLN A 50 -7.15 14.63 -4.88
CA GLN A 50 -8.60 14.32 -4.77
C GLN A 50 -8.87 12.88 -4.36
N THR A 51 -8.36 11.94 -5.08
CA THR A 51 -8.66 10.51 -4.74
C THR A 51 -7.71 9.53 -5.45
N LEU A 52 -6.45 9.86 -5.56
CA LEU A 52 -5.53 8.91 -6.24
C LEU A 52 -5.29 7.75 -5.27
N TYR A 53 -5.33 6.56 -5.78
CA TYR A 53 -5.21 5.37 -4.91
C TYR A 53 -3.78 5.13 -4.42
N VAL A 54 -3.64 4.84 -3.16
CA VAL A 54 -2.31 4.53 -2.56
C VAL A 54 -2.37 3.10 -1.99
N PRO A 55 -1.51 2.25 -2.49
CA PRO A 55 -1.49 0.84 -2.06
C PRO A 55 -0.70 0.62 -0.76
N ASN A 56 -1.15 -0.32 0.03
CA ASN A 56 -0.43 -0.66 1.31
C ASN A 56 0.15 -2.05 1.12
N CYS A 57 1.45 -2.21 1.21
CA CYS A 57 2.01 -3.58 0.95
C CYS A 57 2.85 -4.13 2.09
N ASP A 58 2.77 -5.42 2.26
CA ASP A 58 3.56 -6.14 3.30
C ASP A 58 4.82 -6.73 2.65
N HIS A 59 5.68 -7.35 3.44
CA HIS A 59 6.94 -7.96 2.88
C HIS A 59 6.65 -8.84 1.64
N ARG A 60 5.43 -9.24 1.42
CA ARG A 60 5.12 -10.08 0.21
C ARG A 60 4.91 -9.15 -1.00
N GLY A 61 5.07 -7.87 -0.82
CA GLY A 61 4.89 -6.90 -1.95
C GLY A 61 3.44 -6.84 -2.42
N PHE A 62 2.54 -7.59 -1.83
CA PHE A 62 1.11 -7.53 -2.26
C PHE A 62 0.39 -6.43 -1.48
N TYR A 63 -0.91 -6.36 -1.57
CA TYR A 63 -1.67 -5.32 -0.79
C TYR A 63 -2.15 -6.00 0.47
N ARG A 64 -1.39 -5.93 1.54
CA ARG A 64 -1.82 -6.71 2.73
C ARG A 64 -2.98 -6.11 3.52
N LYS A 65 -2.82 -4.96 4.08
CA LYS A 65 -3.91 -4.38 4.92
C LYS A 65 -4.82 -3.36 4.22
N ARG A 66 -4.24 -2.38 3.58
CA ARG A 66 -5.08 -1.29 3.00
C ARG A 66 -4.98 -1.09 1.48
N GLN A 67 -6.08 -0.62 0.94
CA GLN A 67 -6.16 -0.20 -0.49
C GLN A 67 -6.93 1.12 -0.40
N CYS A 68 -6.40 2.22 -0.84
CA CYS A 68 -7.18 3.48 -0.60
C CYS A 68 -7.15 4.49 -1.73
N ARG A 69 -8.27 5.11 -1.96
CA ARG A 69 -8.34 6.24 -2.91
C ARG A 69 -8.17 7.46 -2.00
N SER A 70 -7.21 8.30 -2.20
CA SER A 70 -6.99 9.40 -1.21
C SER A 70 -6.91 10.80 -1.81
N SER A 71 -7.19 11.77 -0.98
CA SER A 71 -7.09 13.20 -1.36
C SER A 71 -5.95 13.81 -0.54
N GLN A 72 -5.47 14.98 -0.88
CA GLN A 72 -4.35 15.57 -0.08
C GLN A 72 -4.87 16.25 1.19
N GLY A 73 -6.04 16.81 1.16
CA GLY A 73 -6.58 17.47 2.39
C GLY A 73 -8.12 17.39 2.38
N GLN A 74 -8.66 16.21 2.27
CA GLN A 74 -10.15 16.06 2.28
C GLN A 74 -10.56 14.76 2.96
N ARG A 75 -11.80 14.67 3.39
CA ARG A 75 -12.27 13.41 4.06
C ARG A 75 -12.60 12.35 3.01
N ARG A 76 -12.97 12.77 1.84
CA ARG A 76 -13.33 11.81 0.76
C ARG A 76 -12.08 11.02 0.32
N GLY A 77 -12.24 9.74 0.12
CA GLY A 77 -11.10 8.90 -0.33
C GLY A 77 -11.59 8.01 -1.47
N PRO A 78 -12.19 6.89 -1.10
CA PRO A 78 -12.33 6.47 0.30
C PRO A 78 -11.29 5.41 0.67
N CYS A 79 -10.99 5.25 1.93
CA CYS A 79 -10.03 4.17 2.35
C CYS A 79 -10.81 2.92 2.68
N TRP A 80 -10.28 1.77 2.39
CA TRP A 80 -10.99 0.51 2.73
C TRP A 80 -9.98 -0.59 3.03
N CYS A 81 -10.30 -1.46 3.96
CA CYS A 81 -9.34 -2.54 4.34
C CYS A 81 -9.40 -3.69 3.33
N VAL A 82 -8.30 -4.34 3.12
CA VAL A 82 -8.25 -5.47 2.15
C VAL A 82 -7.42 -6.62 2.75
N ASP A 83 -7.48 -7.78 2.17
CA ASP A 83 -6.66 -8.91 2.70
C ASP A 83 -5.36 -9.00 1.89
N ARG A 84 -4.51 -9.91 2.22
CA ARG A 84 -3.20 -10.06 1.50
C ARG A 84 -3.35 -10.01 -0.03
N MET A 85 -4.45 -10.46 -0.57
CA MET A 85 -4.62 -10.40 -2.05
C MET A 85 -4.93 -8.95 -2.47
N GLY A 86 -5.43 -8.15 -1.56
CA GLY A 86 -5.74 -6.74 -1.89
C GLY A 86 -7.25 -6.54 -2.12
N LYS A 87 -8.06 -7.57 -2.05
CA LYS A 87 -9.51 -7.35 -2.28
C LYS A 87 -10.13 -6.71 -1.03
N SER A 88 -11.13 -5.90 -1.24
CA SER A 88 -11.81 -5.18 -0.13
C SER A 88 -12.43 -6.16 0.87
N LEU A 89 -12.33 -5.83 2.12
CA LEU A 89 -12.90 -6.69 3.20
C LEU A 89 -14.31 -6.18 3.62
N PRO A 90 -15.34 -6.56 2.89
CA PRO A 90 -16.71 -6.11 3.27
C PRO A 90 -17.17 -6.88 4.51
N GLY A 91 -16.97 -8.18 4.51
CA GLY A 91 -17.39 -9.03 5.67
C GLY A 91 -17.21 -10.49 5.28
N SER A 92 -16.07 -10.82 4.74
CA SER A 92 -15.83 -12.23 4.30
C SER A 92 -14.79 -12.89 5.22
N PRO A 93 -15.09 -14.10 5.65
CA PRO A 93 -14.15 -14.84 6.53
C PRO A 93 -12.90 -15.26 5.75
N ASP A 94 -12.89 -15.06 4.45
CA ASP A 94 -11.70 -15.42 3.64
C ASP A 94 -10.53 -14.49 3.99
N GLY A 95 -10.83 -13.34 4.57
CA GLY A 95 -9.75 -12.38 4.93
C GLY A 95 -9.56 -12.39 6.45
N ASN A 96 -9.56 -13.55 7.06
CA ASN A 96 -9.38 -13.61 8.54
C ASN A 96 -7.90 -13.46 8.89
N GLY A 97 -7.31 -12.36 8.51
CA GLY A 97 -5.87 -12.14 8.81
C GLY A 97 -5.73 -10.87 9.65
N SER A 98 -5.90 -10.98 10.94
CA SER A 98 -5.78 -9.77 11.81
C SER A 98 -4.44 -9.07 11.56
N SER A 99 -3.37 -9.81 11.39
CA SER A 99 -2.05 -9.19 11.11
C SER A 99 -2.20 -8.26 9.90
N SER A 100 -2.92 -8.70 8.91
CA SER A 100 -3.15 -7.84 7.72
C SER A 100 -4.17 -6.76 8.08
N CYS A 101 -5.37 -7.15 8.39
CA CYS A 101 -6.40 -6.14 8.80
C CYS A 101 -7.39 -6.79 9.78
N PRO A 102 -7.63 -6.10 10.87
CA PRO A 102 -8.57 -6.60 11.89
C PRO A 102 -10.01 -6.14 11.63
N THR A 103 -10.19 -4.93 11.19
CA THR A 103 -11.57 -4.39 10.96
C THR A 103 -12.28 -5.05 9.77
N GLY A 104 -12.34 -6.36 9.73
CA GLY A 104 -13.10 -7.03 8.62
C GLY A 104 -14.57 -6.85 8.96
N SER A 105 -14.91 -7.11 10.19
CA SER A 105 -16.30 -6.93 10.68
C SER A 105 -16.20 -6.43 12.14
N SER A 106 -17.23 -6.58 12.92
CA SER A 106 -17.13 -6.13 14.34
C SER A 106 -16.32 -7.16 15.13
N GLY A 107 -15.05 -7.26 14.85
CA GLY A 107 -14.18 -8.25 15.56
C GLY A 107 -12.82 -7.62 15.83
N SER A 1 -13.65 -1.32 23.92
CA SER A 1 -12.73 -0.28 24.46
C SER A 1 -11.28 -0.67 24.16
N TYR A 2 -10.42 0.29 23.96
CA TYR A 2 -9.00 -0.06 23.67
C TYR A 2 -8.31 -0.45 24.99
N TYR A 3 -7.08 -0.06 25.20
CA TYR A 3 -6.41 -0.44 26.49
C TYR A 3 -5.74 0.77 27.16
N HIS A 4 -6.24 1.18 28.31
CA HIS A 4 -5.59 2.31 29.04
C HIS A 4 -4.14 1.90 29.33
N HIS A 5 -3.98 0.69 29.78
CA HIS A 5 -2.63 0.12 30.06
C HIS A 5 -2.55 -1.21 29.29
N HIS A 6 -3.41 -2.14 29.65
CA HIS A 6 -3.47 -3.45 28.95
C HIS A 6 -4.86 -4.05 29.19
N HIS A 7 -5.64 -4.22 28.15
CA HIS A 7 -7.02 -4.77 28.32
C HIS A 7 -7.40 -5.61 27.10
N HIS A 8 -7.42 -6.92 27.23
CA HIS A 8 -7.77 -7.80 26.08
C HIS A 8 -6.87 -7.46 24.88
N HIS A 9 -7.43 -7.32 23.69
CA HIS A 9 -6.59 -6.99 22.49
C HIS A 9 -5.38 -7.94 22.39
N ASP A 10 -5.58 -9.19 22.73
CA ASP A 10 -4.45 -10.19 22.66
C ASP A 10 -3.87 -10.22 21.25
N TYR A 11 -4.65 -9.85 20.27
CA TYR A 11 -4.15 -9.85 18.86
C TYR A 11 -4.04 -8.40 18.36
N ASP A 12 -3.83 -7.45 19.23
CA ASP A 12 -3.70 -6.04 18.79
C ASP A 12 -2.31 -5.52 19.13
N ILE A 13 -1.39 -5.63 18.20
CA ILE A 13 -0.01 -5.13 18.49
C ILE A 13 0.01 -3.63 18.17
N PRO A 14 0.33 -2.84 19.17
CA PRO A 14 0.37 -1.37 19.00
C PRO A 14 1.51 -0.96 18.07
N THR A 15 1.44 -1.36 16.83
CA THR A 15 2.50 -1.02 15.86
C THR A 15 1.89 -0.71 14.49
N THR A 16 2.03 0.50 14.03
CA THR A 16 1.50 0.86 12.68
C THR A 16 2.56 0.53 11.64
N GLU A 17 3.80 0.79 11.97
CA GLU A 17 4.92 0.51 11.04
C GLU A 17 5.05 -0.99 10.74
N ASN A 18 4.33 -1.82 11.46
CA ASN A 18 4.41 -3.30 11.22
C ASN A 18 3.99 -3.63 9.78
N LEU A 19 3.29 -2.73 9.17
CA LEU A 19 2.86 -2.96 7.76
C LEU A 19 3.89 -2.34 6.81
N TYR A 20 4.29 -1.13 7.07
CA TYR A 20 5.30 -0.46 6.20
C TYR A 20 6.72 -0.95 6.48
N PHE A 21 6.87 -1.87 7.39
CA PHE A 21 8.24 -2.40 7.71
C PHE A 21 8.69 -3.42 6.67
N GLN A 22 7.77 -3.97 5.91
CA GLN A 22 8.16 -4.97 4.87
C GLN A 22 8.53 -4.25 3.57
N GLY A 23 9.43 -3.30 3.64
CA GLY A 23 9.84 -2.57 2.39
C GLY A 23 10.46 -3.55 1.40
N ALA A 24 11.30 -4.45 1.87
CA ALA A 24 11.92 -5.44 0.95
C ALA A 24 10.88 -6.51 0.59
N MET A 25 9.90 -6.14 -0.20
CA MET A 25 8.85 -7.12 -0.59
C MET A 25 9.15 -7.72 -1.96
N GLY A 26 8.56 -8.86 -2.27
CA GLY A 26 8.83 -9.52 -3.58
C GLY A 26 8.18 -8.78 -4.75
N SER A 27 8.54 -7.52 -4.95
CA SER A 27 7.98 -6.71 -6.08
C SER A 27 6.55 -7.15 -6.46
N GLY A 28 5.70 -7.29 -5.49
CA GLY A 28 4.30 -7.71 -5.77
C GLY A 28 3.53 -6.56 -6.45
N PRO A 29 2.25 -6.75 -6.66
CA PRO A 29 1.42 -5.72 -7.33
C PRO A 29 1.38 -4.41 -6.54
N CYS A 30 1.07 -4.46 -5.27
CA CYS A 30 1.06 -3.20 -4.48
C CYS A 30 2.45 -2.56 -4.52
N ARG A 31 3.50 -3.34 -4.50
CA ARG A 31 4.87 -2.74 -4.56
C ARG A 31 4.98 -1.85 -5.80
N ARG A 32 4.55 -2.34 -6.94
CA ARG A 32 4.62 -1.50 -8.19
C ARG A 32 3.65 -0.33 -8.06
N HIS A 33 2.47 -0.59 -7.57
CA HIS A 33 1.48 0.50 -7.39
C HIS A 33 2.06 1.55 -6.44
N LEU A 34 2.68 1.11 -5.38
CA LEU A 34 3.29 2.06 -4.41
C LEU A 34 4.44 2.81 -5.08
N ASP A 35 5.33 2.10 -5.72
CA ASP A 35 6.49 2.76 -6.41
C ASP A 35 5.99 3.82 -7.39
N SER A 36 4.98 3.48 -8.13
CA SER A 36 4.40 4.44 -9.12
C SER A 36 3.71 5.59 -8.40
N VAL A 37 2.81 5.29 -7.50
CA VAL A 37 2.10 6.39 -6.77
C VAL A 37 3.11 7.23 -5.99
N LEU A 38 4.03 6.61 -5.32
CA LEU A 38 5.05 7.39 -4.55
C LEU A 38 5.80 8.32 -5.49
N GLN A 39 6.30 7.78 -6.56
CA GLN A 39 7.06 8.64 -7.51
C GLN A 39 6.14 9.64 -8.22
N GLN A 40 5.00 9.18 -8.68
CA GLN A 40 4.03 10.08 -9.40
C GLN A 40 3.29 11.07 -8.48
N LEU A 41 3.01 10.71 -7.25
CA LEU A 41 2.19 11.63 -6.38
C LEU A 41 2.68 13.09 -6.34
N GLN A 42 3.96 13.36 -6.34
CA GLN A 42 4.39 14.79 -6.27
C GLN A 42 4.29 15.48 -7.64
N THR A 43 4.32 14.73 -8.70
CA THR A 43 4.19 15.33 -10.06
C THR A 43 2.73 15.19 -10.47
N GLU A 44 2.18 14.06 -10.15
CA GLU A 44 0.75 13.79 -10.44
C GLU A 44 -0.02 14.19 -9.20
N VAL A 45 0.05 15.44 -8.86
CA VAL A 45 -0.62 15.95 -7.62
C VAL A 45 -2.06 15.44 -7.51
N TYR A 46 -2.68 15.08 -8.59
CA TYR A 46 -4.06 14.54 -8.48
C TYR A 46 -4.07 13.19 -7.79
N ARG A 47 -2.92 12.69 -7.48
CA ARG A 47 -2.79 11.40 -6.76
C ARG A 47 -3.51 11.50 -5.42
N GLY A 48 -3.40 12.62 -4.79
CA GLY A 48 -4.09 12.81 -3.49
C GLY A 48 -5.19 13.87 -3.67
N ALA A 49 -5.03 14.74 -4.63
CA ALA A 49 -6.03 15.83 -4.84
C ALA A 49 -7.26 15.39 -5.67
N GLN A 50 -7.21 14.36 -6.50
CA GLN A 50 -8.45 14.06 -7.29
C GLN A 50 -9.15 12.76 -6.91
N THR A 51 -8.54 11.64 -7.16
CA THR A 51 -9.17 10.31 -6.81
C THR A 51 -8.18 9.15 -6.94
N LEU A 52 -6.96 9.38 -6.63
CA LEU A 52 -5.95 8.29 -6.80
C LEU A 52 -5.86 7.44 -5.54
N TYR A 53 -5.36 6.26 -5.73
CA TYR A 53 -5.28 5.27 -4.61
C TYR A 53 -3.83 5.04 -4.12
N VAL A 54 -3.66 4.96 -2.81
CA VAL A 54 -2.30 4.68 -2.22
C VAL A 54 -2.34 3.32 -1.50
N PRO A 55 -1.55 2.39 -1.99
CA PRO A 55 -1.50 1.01 -1.44
C PRO A 55 -0.34 0.75 -0.44
N ASN A 56 -0.57 -0.15 0.48
CA ASN A 56 0.51 -0.59 1.44
C ASN A 56 0.79 -2.05 1.07
N CYS A 57 2.01 -2.50 1.06
CA CYS A 57 2.24 -3.90 0.59
C CYS A 57 2.92 -4.81 1.62
N ASP A 58 2.51 -6.06 1.60
CA ASP A 58 3.09 -7.11 2.48
C ASP A 58 4.48 -7.49 1.94
N HIS A 59 5.19 -8.33 2.64
CA HIS A 59 6.54 -8.78 2.15
C HIS A 59 6.41 -9.34 0.72
N ARG A 60 5.24 -9.76 0.31
CA ARG A 60 5.08 -10.26 -1.09
C ARG A 60 4.67 -9.10 -2.03
N GLY A 61 4.77 -7.88 -1.56
CA GLY A 61 4.38 -6.71 -2.41
C GLY A 61 2.87 -6.67 -2.66
N PHE A 62 2.11 -7.56 -2.08
CA PHE A 62 0.64 -7.51 -2.29
C PHE A 62 0.03 -6.48 -1.30
N TYR A 63 -1.17 -6.02 -1.54
CA TYR A 63 -1.79 -5.04 -0.59
C TYR A 63 -2.08 -5.81 0.70
N ARG A 64 -1.32 -5.62 1.75
CA ARG A 64 -1.56 -6.47 2.95
C ARG A 64 -2.76 -6.07 3.82
N LYS A 65 -2.73 -4.92 4.41
CA LYS A 65 -3.86 -4.54 5.31
C LYS A 65 -4.91 -3.59 4.72
N ARG A 66 -4.48 -2.50 4.14
CA ARG A 66 -5.45 -1.47 3.68
C ARG A 66 -5.44 -1.18 2.18
N GLN A 67 -6.38 -0.34 1.81
CA GLN A 67 -6.47 0.21 0.45
C GLN A 67 -6.93 1.66 0.65
N CYS A 68 -6.20 2.64 0.19
CA CYS A 68 -6.66 4.03 0.45
C CYS A 68 -6.85 4.81 -0.84
N ARG A 69 -7.90 5.57 -0.91
CA ARG A 69 -8.15 6.40 -2.12
C ARG A 69 -7.99 7.86 -1.73
N SER A 70 -7.71 8.71 -2.66
CA SER A 70 -7.53 10.15 -2.32
C SER A 70 -8.46 10.95 -3.21
N SER A 71 -9.38 11.69 -2.63
CA SER A 71 -10.34 12.47 -3.47
C SER A 71 -10.39 13.95 -3.05
N GLN A 72 -10.97 14.78 -3.88
CA GLN A 72 -11.07 16.24 -3.53
C GLN A 72 -11.72 16.40 -2.16
N GLY A 73 -12.85 15.77 -1.94
CA GLY A 73 -13.54 15.87 -0.62
C GLY A 73 -12.58 15.47 0.49
N GLN A 74 -11.89 14.37 0.29
CA GLN A 74 -10.90 13.90 1.31
C GLN A 74 -9.60 13.53 0.60
N ARG A 75 -8.62 14.40 0.64
CA ARG A 75 -7.32 14.11 -0.05
C ARG A 75 -6.67 12.85 0.50
N ARG A 76 -7.08 12.41 1.67
CA ARG A 76 -6.50 11.17 2.24
C ARG A 76 -7.62 10.18 2.57
N GLY A 77 -8.62 10.11 1.73
CA GLY A 77 -9.75 9.17 1.97
C GLY A 77 -10.48 8.87 0.65
N PRO A 78 -11.32 7.86 0.68
CA PRO A 78 -11.55 7.07 1.90
C PRO A 78 -10.63 5.85 1.98
N CYS A 79 -10.18 5.54 3.16
CA CYS A 79 -9.31 4.35 3.37
C CYS A 79 -10.17 3.16 3.83
N TRP A 80 -9.71 1.96 3.59
CA TRP A 80 -10.48 0.76 4.05
C TRP A 80 -9.56 -0.47 4.09
N CYS A 81 -9.89 -1.45 4.90
CA CYS A 81 -9.03 -2.67 5.02
C CYS A 81 -9.29 -3.64 3.88
N VAL A 82 -8.29 -4.39 3.49
CA VAL A 82 -8.44 -5.37 2.37
C VAL A 82 -7.59 -6.61 2.65
N ASP A 83 -7.80 -7.67 1.91
CA ASP A 83 -7.01 -8.89 2.13
C ASP A 83 -5.74 -8.82 1.27
N ARG A 84 -4.92 -9.82 1.37
CA ARG A 84 -3.63 -9.85 0.60
C ARG A 84 -3.79 -9.40 -0.86
N MET A 85 -4.90 -9.67 -1.48
CA MET A 85 -5.07 -9.26 -2.92
C MET A 85 -5.39 -7.76 -3.01
N GLY A 86 -5.79 -7.15 -1.93
CA GLY A 86 -6.11 -5.70 -1.96
C GLY A 86 -7.61 -5.48 -2.13
N LYS A 87 -8.39 -6.52 -2.08
CA LYS A 87 -9.85 -6.37 -2.24
C LYS A 87 -10.50 -6.19 -0.87
N SER A 88 -11.58 -5.46 -0.80
CA SER A 88 -12.27 -5.27 0.52
C SER A 88 -12.37 -6.63 1.22
N LEU A 89 -11.66 -6.77 2.30
CA LEU A 89 -11.60 -8.07 3.04
C LEU A 89 -12.96 -8.76 3.14
N PRO A 90 -13.12 -9.80 2.35
CA PRO A 90 -14.35 -10.60 2.39
C PRO A 90 -14.27 -11.61 3.54
N GLY A 91 -13.18 -12.34 3.61
CA GLY A 91 -13.01 -13.34 4.70
C GLY A 91 -11.99 -14.39 4.28
N SER A 92 -10.71 -14.09 4.36
CA SER A 92 -9.68 -15.08 3.96
C SER A 92 -8.86 -15.50 5.19
N PRO A 93 -8.79 -16.79 5.44
CA PRO A 93 -8.03 -17.30 6.61
C PRO A 93 -6.54 -17.06 6.45
N ASP A 94 -6.06 -17.06 5.24
CA ASP A 94 -4.60 -16.81 5.01
C ASP A 94 -4.33 -15.31 4.95
N GLY A 95 -5.29 -14.48 5.31
CA GLY A 95 -5.06 -13.01 5.28
C GLY A 95 -5.21 -12.44 6.68
N ASN A 96 -4.95 -13.23 7.70
CA ASN A 96 -5.08 -12.73 9.11
C ASN A 96 -3.74 -12.17 9.58
N GLY A 97 -3.63 -11.87 10.85
CA GLY A 97 -2.35 -11.33 11.39
C GLY A 97 -2.50 -9.83 11.65
N SER A 98 -1.99 -9.35 12.74
CA SER A 98 -2.09 -7.89 13.07
C SER A 98 -1.48 -7.05 11.94
N SER A 99 -0.50 -7.59 11.24
CA SER A 99 0.11 -6.84 10.11
C SER A 99 -0.94 -6.71 8.99
N SER A 100 -1.65 -7.77 8.70
CA SER A 100 -2.72 -7.73 7.66
C SER A 100 -3.99 -7.15 8.31
N CYS A 101 -5.16 -7.65 7.97
CA CYS A 101 -6.40 -7.12 8.60
C CYS A 101 -7.44 -8.25 8.72
N PRO A 102 -8.05 -8.35 9.88
CA PRO A 102 -9.07 -9.40 10.12
C PRO A 102 -10.46 -8.91 9.68
N THR A 103 -10.95 -7.85 10.25
CA THR A 103 -12.30 -7.33 9.89
C THR A 103 -12.27 -6.78 8.46
N GLY A 104 -13.30 -7.02 7.69
CA GLY A 104 -13.33 -6.51 6.29
C GLY A 104 -13.82 -5.07 6.27
N SER A 105 -14.25 -4.61 5.13
CA SER A 105 -14.75 -3.21 5.01
C SER A 105 -16.01 -3.17 4.14
N SER A 106 -16.86 -2.22 4.35
CA SER A 106 -18.11 -2.12 3.55
C SER A 106 -17.93 -1.12 2.40
N GLY A 107 -17.16 -1.49 1.42
CA GLY A 107 -16.93 -0.56 0.27
C GLY A 107 -16.49 -1.37 -0.95
N SER A 1 -27.04 -22.60 -13.33
CA SER A 1 -28.32 -22.26 -14.04
C SER A 1 -29.19 -21.36 -13.15
N TYR A 2 -29.91 -20.44 -13.75
CA TYR A 2 -30.79 -19.52 -12.98
C TYR A 2 -30.02 -18.76 -11.89
N TYR A 3 -29.53 -17.58 -12.20
CA TYR A 3 -28.80 -16.79 -11.15
C TYR A 3 -29.70 -16.62 -9.92
N HIS A 4 -30.98 -16.42 -10.15
CA HIS A 4 -31.95 -16.31 -9.03
C HIS A 4 -33.00 -17.40 -9.23
N HIS A 5 -32.60 -18.64 -9.04
CA HIS A 5 -33.51 -19.81 -9.24
C HIS A 5 -34.69 -19.77 -8.26
N HIS A 6 -35.71 -19.00 -8.58
CA HIS A 6 -36.90 -18.91 -7.70
C HIS A 6 -36.51 -18.34 -6.32
N HIS A 7 -37.25 -18.66 -5.29
CA HIS A 7 -36.93 -18.14 -3.92
C HIS A 7 -35.47 -18.47 -3.54
N HIS A 8 -35.06 -19.69 -3.79
CA HIS A 8 -33.66 -20.15 -3.47
C HIS A 8 -32.94 -19.25 -2.46
N HIS A 9 -33.35 -19.29 -1.22
CA HIS A 9 -32.67 -18.47 -0.18
C HIS A 9 -31.49 -19.26 0.40
N ASP A 10 -30.63 -19.76 -0.47
CA ASP A 10 -29.47 -20.57 0.01
C ASP A 10 -28.40 -19.68 0.65
N TYR A 11 -27.35 -20.27 1.14
CA TYR A 11 -26.28 -19.47 1.79
C TYR A 11 -24.89 -19.96 1.31
N ASP A 12 -24.44 -19.46 0.20
CA ASP A 12 -23.11 -19.88 -0.33
C ASP A 12 -22.03 -18.97 0.24
N ILE A 13 -21.60 -19.23 1.46
CA ILE A 13 -20.55 -18.38 2.08
C ILE A 13 -19.23 -19.16 2.20
N PRO A 14 -18.29 -18.79 1.37
CA PRO A 14 -16.96 -19.46 1.37
C PRO A 14 -16.17 -19.13 2.64
N THR A 15 -14.92 -19.49 2.66
CA THR A 15 -14.06 -19.16 3.83
C THR A 15 -13.74 -17.65 3.80
N THR A 16 -13.88 -16.97 4.91
CA THR A 16 -13.63 -15.50 4.91
C THR A 16 -12.15 -15.17 5.14
N GLU A 17 -11.60 -15.61 6.24
CA GLU A 17 -10.16 -15.32 6.55
C GLU A 17 -9.19 -16.16 5.70
N ASN A 18 -9.70 -16.91 4.76
CA ASN A 18 -8.81 -17.75 3.90
C ASN A 18 -8.20 -16.92 2.77
N LEU A 19 -8.66 -15.73 2.59
CA LEU A 19 -8.11 -14.85 1.52
C LEU A 19 -7.03 -13.91 2.07
N TYR A 20 -6.67 -14.06 3.33
CA TYR A 20 -5.67 -13.14 3.96
C TYR A 20 -4.21 -13.45 3.60
N PHE A 21 -3.96 -14.37 2.69
CA PHE A 21 -2.55 -14.72 2.32
C PHE A 21 -1.64 -13.49 2.42
N GLN A 22 -0.53 -13.68 3.05
CA GLN A 22 0.44 -12.56 3.27
C GLN A 22 1.01 -11.98 1.97
N GLY A 23 0.22 -11.20 1.29
CA GLY A 23 0.69 -10.54 0.02
C GLY A 23 0.97 -9.06 0.33
N ALA A 24 2.05 -8.77 1.01
CA ALA A 24 2.36 -7.35 1.40
C ALA A 24 3.11 -6.50 0.32
N MET A 25 4.19 -5.80 0.62
CA MET A 25 4.88 -4.93 -0.39
C MET A 25 6.29 -5.36 -0.78
N GLY A 26 6.95 -6.03 0.10
CA GLY A 26 8.36 -6.45 -0.13
C GLY A 26 8.48 -7.26 -1.42
N SER A 27 8.49 -6.55 -2.52
CA SER A 27 8.64 -7.14 -3.89
C SER A 27 7.37 -7.86 -4.33
N GLY A 28 6.61 -7.25 -5.22
CA GLY A 28 5.36 -7.87 -5.73
C GLY A 28 4.60 -6.84 -6.58
N PRO A 29 3.39 -7.18 -6.95
CA PRO A 29 2.55 -6.29 -7.80
C PRO A 29 2.18 -5.00 -7.05
N CYS A 30 2.02 -5.05 -5.75
CA CYS A 30 1.69 -3.79 -5.01
C CYS A 30 2.91 -2.87 -5.03
N ARG A 31 4.08 -3.41 -4.79
CA ARG A 31 5.31 -2.58 -4.80
C ARG A 31 5.42 -1.83 -6.13
N ARG A 32 5.09 -2.47 -7.22
CA ARG A 32 5.15 -1.80 -8.55
C ARG A 32 4.14 -0.65 -8.57
N HIS A 33 2.96 -0.88 -8.04
CA HIS A 33 1.94 0.20 -8.01
C HIS A 33 2.38 1.30 -7.04
N LEU A 34 2.78 0.93 -5.84
CA LEU A 34 3.24 1.95 -4.84
C LEU A 34 4.43 2.72 -5.43
N ASP A 35 5.38 2.01 -6.01
CA ASP A 35 6.57 2.68 -6.64
C ASP A 35 6.08 3.68 -7.70
N SER A 36 5.18 3.26 -8.53
CA SER A 36 4.62 4.16 -9.59
C SER A 36 3.81 5.26 -8.93
N VAL A 37 2.97 4.93 -7.99
CA VAL A 37 2.18 6.00 -7.30
C VAL A 37 3.17 6.95 -6.61
N LEU A 38 4.17 6.40 -5.97
CA LEU A 38 5.18 7.27 -5.28
C LEU A 38 5.92 8.14 -6.30
N GLN A 39 6.39 7.57 -7.38
CA GLN A 39 7.13 8.41 -8.37
C GLN A 39 6.16 9.39 -9.07
N GLN A 40 4.99 8.93 -9.45
CA GLN A 40 4.00 9.82 -10.14
C GLN A 40 3.38 10.84 -9.17
N LEU A 41 3.21 10.50 -7.93
CA LEU A 41 2.53 11.43 -6.96
C LEU A 41 3.05 12.87 -7.01
N GLN A 42 4.32 13.09 -7.27
CA GLN A 42 4.81 14.50 -7.29
C GLN A 42 4.40 15.23 -8.58
N THR A 43 4.16 14.52 -9.61
CA THR A 43 3.72 15.14 -10.89
C THR A 43 2.23 14.88 -11.04
N GLU A 44 1.84 13.68 -10.72
CA GLU A 44 0.41 13.30 -10.79
C GLU A 44 -0.19 13.53 -9.41
N VAL A 45 -0.10 14.73 -8.92
CA VAL A 45 -0.64 15.04 -7.56
C VAL A 45 -2.07 14.52 -7.41
N TYR A 46 -2.75 14.33 -8.50
CA TYR A 46 -4.15 13.79 -8.43
C TYR A 46 -4.17 12.47 -7.67
N ARG A 47 -3.05 11.85 -7.57
CA ARG A 47 -2.95 10.57 -6.82
C ARG A 47 -3.50 10.78 -5.41
N GLY A 48 -3.14 11.86 -4.81
CA GLY A 48 -3.64 12.18 -3.44
C GLY A 48 -4.52 13.45 -3.49
N ALA A 49 -4.60 14.11 -4.63
CA ALA A 49 -5.40 15.36 -4.70
C ALA A 49 -6.89 15.12 -4.93
N GLN A 50 -7.30 14.20 -5.76
CA GLN A 50 -8.77 14.06 -5.96
C GLN A 50 -9.34 12.78 -5.35
N THR A 51 -8.97 11.66 -5.87
CA THR A 51 -9.50 10.36 -5.33
C THR A 51 -8.72 9.17 -5.88
N LEU A 52 -7.46 9.34 -6.05
CA LEU A 52 -6.65 8.23 -6.61
C LEU A 52 -6.30 7.26 -5.50
N TYR A 53 -6.05 6.05 -5.85
CA TYR A 53 -5.79 5.00 -4.82
C TYR A 53 -4.32 4.53 -4.76
N VAL A 54 -3.82 4.35 -3.56
CA VAL A 54 -2.44 3.82 -3.37
C VAL A 54 -2.54 2.58 -2.46
N PRO A 55 -1.76 1.60 -2.77
CA PRO A 55 -1.79 0.31 -2.03
C PRO A 55 -0.96 0.35 -0.73
N ASN A 56 -1.40 -0.38 0.27
CA ASN A 56 -0.64 -0.45 1.57
C ASN A 56 -0.03 -1.83 1.68
N CYS A 57 1.26 -1.94 1.74
CA CYS A 57 1.84 -3.31 1.78
C CYS A 57 3.03 -3.46 2.77
N ASP A 58 3.24 -4.69 3.20
CA ASP A 58 4.34 -5.12 4.18
C ASP A 58 5.48 -5.87 3.43
N HIS A 59 6.37 -6.53 4.09
CA HIS A 59 7.52 -7.25 3.37
C HIS A 59 7.18 -8.19 2.12
N ARG A 60 5.93 -8.58 1.81
CA ARG A 60 5.73 -9.64 0.66
C ARG A 60 5.24 -9.17 -0.77
N GLY A 61 5.17 -7.90 -1.02
CA GLY A 61 4.83 -7.33 -2.42
C GLY A 61 3.37 -7.39 -2.99
N PHE A 62 2.38 -7.92 -2.35
CA PHE A 62 0.98 -7.82 -2.92
C PHE A 62 0.20 -6.70 -2.17
N TYR A 63 -1.10 -6.76 -2.04
CA TYR A 63 -1.81 -5.69 -1.25
C TYR A 63 -2.20 -6.34 0.07
N ARG A 64 -1.49 -6.10 1.16
CA ARG A 64 -1.85 -6.88 2.38
C ARG A 64 -3.00 -6.35 3.21
N LYS A 65 -2.82 -5.24 3.83
CA LYS A 65 -3.90 -4.73 4.72
C LYS A 65 -4.77 -3.60 4.19
N ARG A 66 -4.19 -2.56 3.67
CA ARG A 66 -5.04 -1.38 3.28
C ARG A 66 -5.04 -1.02 1.79
N GLN A 67 -6.15 -0.52 1.35
CA GLN A 67 -6.32 0.01 -0.02
C GLN A 67 -6.99 1.36 0.20
N CYS A 68 -6.47 2.44 -0.30
CA CYS A 68 -7.14 3.73 0.04
C CYS A 68 -7.31 4.68 -1.14
N ARG A 69 -8.44 5.34 -1.18
CA ARG A 69 -8.67 6.37 -2.23
C ARG A 69 -8.21 7.68 -1.61
N SER A 70 -7.39 8.43 -2.28
CA SER A 70 -6.86 9.70 -1.68
C SER A 70 -7.45 10.96 -2.31
N SER A 71 -7.90 11.86 -1.47
CA SER A 71 -8.47 13.17 -1.94
C SER A 71 -7.69 14.31 -1.25
N GLN A 72 -7.82 15.52 -1.70
CA GLN A 72 -7.04 16.63 -1.09
C GLN A 72 -7.65 17.18 0.22
N GLY A 73 -8.94 17.32 0.34
CA GLY A 73 -9.47 17.91 1.63
C GLY A 73 -10.87 17.44 2.01
N GLN A 74 -11.81 17.43 1.09
CA GLN A 74 -13.20 17.03 1.47
C GLN A 74 -13.36 15.52 1.59
N ARG A 75 -13.54 14.83 0.51
CA ARG A 75 -13.73 13.35 0.57
C ARG A 75 -12.47 12.61 1.06
N ARG A 76 -11.35 13.31 1.19
CA ARG A 76 -10.05 12.69 1.66
C ARG A 76 -10.22 11.21 2.05
N GLY A 77 -10.16 10.35 1.09
CA GLY A 77 -10.34 8.89 1.37
C GLY A 77 -11.16 8.27 0.25
N PRO A 78 -11.88 7.22 0.55
CA PRO A 78 -11.88 6.65 1.92
C PRO A 78 -10.85 5.53 2.06
N CYS A 79 -10.41 5.28 3.25
CA CYS A 79 -9.43 4.17 3.49
C CYS A 79 -10.18 2.91 3.92
N TRP A 80 -9.67 1.76 3.59
CA TRP A 80 -10.34 0.49 4.02
C TRP A 80 -9.34 -0.67 4.02
N CYS A 81 -9.57 -1.64 4.88
CA CYS A 81 -8.65 -2.81 4.97
C CYS A 81 -8.97 -3.78 3.82
N VAL A 82 -8.01 -4.55 3.41
CA VAL A 82 -8.23 -5.48 2.26
C VAL A 82 -7.43 -6.77 2.40
N ASP A 83 -7.70 -7.74 1.55
CA ASP A 83 -6.94 -9.01 1.59
C ASP A 83 -5.79 -8.92 0.59
N ARG A 84 -4.99 -9.96 0.49
CA ARG A 84 -3.79 -9.94 -0.43
C ARG A 84 -4.09 -9.36 -1.82
N MET A 85 -5.31 -9.41 -2.30
CA MET A 85 -5.57 -8.86 -3.65
C MET A 85 -5.95 -7.38 -3.55
N GLY A 86 -6.32 -6.92 -2.39
CA GLY A 86 -6.70 -5.49 -2.22
C GLY A 86 -8.22 -5.36 -2.14
N LYS A 87 -8.94 -6.45 -2.08
CA LYS A 87 -10.42 -6.35 -1.97
C LYS A 87 -10.79 -5.89 -0.56
N SER A 88 -11.76 -5.06 -0.43
CA SER A 88 -12.18 -4.55 0.91
C SER A 88 -12.63 -5.70 1.81
N LEU A 89 -11.94 -5.93 2.89
CA LEU A 89 -12.34 -7.03 3.83
C LEU A 89 -13.42 -6.52 4.79
N PRO A 90 -14.17 -7.43 5.33
CA PRO A 90 -15.27 -7.07 6.27
C PRO A 90 -14.70 -6.51 7.59
N GLY A 91 -13.95 -7.30 8.31
CA GLY A 91 -13.37 -6.79 9.60
C GLY A 91 -13.11 -7.96 10.54
N SER A 92 -11.93 -8.52 10.50
CA SER A 92 -11.61 -9.67 11.38
C SER A 92 -11.53 -9.20 12.84
N PRO A 93 -11.49 -10.15 13.75
CA PRO A 93 -11.41 -9.80 15.19
C PRO A 93 -10.09 -9.10 15.50
N ASP A 94 -9.06 -9.42 14.78
CA ASP A 94 -7.74 -8.73 15.00
C ASP A 94 -7.85 -7.26 14.55
N GLY A 95 -8.91 -6.92 13.84
CA GLY A 95 -9.08 -5.51 13.37
C GLY A 95 -10.52 -5.35 12.85
N ASN A 96 -11.45 -5.10 13.74
CA ASN A 96 -12.87 -4.95 13.30
C ASN A 96 -13.06 -3.65 12.53
N GLY A 97 -14.10 -3.55 11.76
CA GLY A 97 -14.36 -2.31 10.98
C GLY A 97 -13.50 -2.35 9.70
N SER A 98 -14.13 -2.46 8.55
CA SER A 98 -13.34 -2.51 7.28
C SER A 98 -12.41 -1.29 7.14
N SER A 99 -12.77 -0.16 7.69
CA SER A 99 -11.88 1.05 7.55
C SER A 99 -10.74 1.04 8.59
N SER A 100 -10.75 0.14 9.54
CA SER A 100 -9.66 0.16 10.57
C SER A 100 -8.67 -1.01 10.42
N CYS A 101 -7.40 -0.71 10.44
CA CYS A 101 -6.36 -1.78 10.38
C CYS A 101 -5.38 -1.48 11.52
N PRO A 102 -4.99 -2.49 12.27
CA PRO A 102 -4.10 -2.28 13.44
C PRO A 102 -2.60 -2.44 13.11
N THR A 103 -2.05 -3.61 13.34
CA THR A 103 -0.58 -3.85 13.14
C THR A 103 -0.16 -3.85 11.67
N GLY A 104 1.07 -4.24 11.44
CA GLY A 104 1.64 -4.31 10.07
C GLY A 104 3.03 -4.93 10.19
N SER A 105 3.99 -4.15 10.61
CA SER A 105 5.37 -4.67 10.81
C SER A 105 5.84 -4.26 12.21
N SER A 106 5.23 -4.80 13.23
CA SER A 106 5.60 -4.44 14.62
C SER A 106 6.93 -5.10 15.03
N GLY A 107 6.88 -6.28 15.59
CA GLY A 107 8.14 -6.97 16.02
C GLY A 107 8.35 -6.75 17.52
N SER A 1 5.21 -3.97 8.91
CA SER A 1 4.68 -4.32 10.26
C SER A 1 5.76 -4.14 11.34
N TYR A 2 5.37 -4.20 12.61
CA TYR A 2 6.36 -4.02 13.74
C TYR A 2 6.98 -2.62 13.70
N TYR A 3 6.49 -1.73 14.53
CA TYR A 3 7.04 -0.34 14.52
C TYR A 3 7.47 0.11 15.94
N HIS A 4 7.97 -0.80 16.73
CA HIS A 4 8.44 -0.44 18.12
C HIS A 4 7.35 0.25 18.94
N HIS A 5 6.51 -0.51 19.58
CA HIS A 5 5.43 0.06 20.44
C HIS A 5 4.91 -1.02 21.39
N HIS A 6 4.40 -2.09 20.81
CA HIS A 6 3.91 -3.24 21.62
C HIS A 6 4.54 -4.50 21.06
N HIS A 7 4.65 -5.55 21.83
CA HIS A 7 5.26 -6.81 21.27
C HIS A 7 4.23 -7.55 20.42
N HIS A 8 3.63 -6.85 19.49
CA HIS A 8 2.59 -7.44 18.59
C HIS A 8 2.44 -6.52 17.37
N HIS A 9 1.37 -6.65 16.62
CA HIS A 9 1.19 -5.73 15.45
C HIS A 9 0.50 -4.44 15.93
N ASP A 10 1.16 -3.69 16.78
CA ASP A 10 0.54 -2.43 17.33
C ASP A 10 -0.03 -1.55 16.22
N TYR A 11 0.80 -0.98 15.43
CA TYR A 11 0.33 -0.08 14.34
C TYR A 11 0.68 -0.70 12.98
N ASP A 12 -0.03 -1.72 12.58
CA ASP A 12 0.27 -2.39 11.26
C ASP A 12 -0.12 -1.51 10.07
N ILE A 13 -0.39 -0.26 10.29
CA ILE A 13 -0.76 0.63 9.16
C ILE A 13 0.29 1.74 9.02
N PRO A 14 1.12 1.55 8.02
CA PRO A 14 2.22 2.50 7.76
C PRO A 14 1.72 3.84 7.21
N THR A 15 2.47 4.89 7.42
CA THR A 15 2.08 6.23 6.90
C THR A 15 2.72 6.43 5.51
N THR A 16 3.04 7.65 5.13
CA THR A 16 3.66 7.87 3.79
C THR A 16 5.14 7.45 3.79
N GLU A 17 5.95 8.15 4.52
CA GLU A 17 7.41 7.82 4.58
C GLU A 17 7.68 6.51 5.33
N ASN A 18 6.70 5.99 6.03
CA ASN A 18 6.89 4.70 6.77
C ASN A 18 7.18 3.59 5.76
N LEU A 19 6.54 3.66 4.64
CA LEU A 19 6.77 2.63 3.58
C LEU A 19 8.24 2.67 3.13
N TYR A 20 8.93 3.76 3.39
CA TYR A 20 10.37 3.85 3.00
C TYR A 20 11.26 3.10 4.01
N PHE A 21 10.68 2.62 5.06
CA PHE A 21 11.46 1.86 6.08
C PHE A 21 11.39 0.38 5.73
N GLN A 22 10.21 -0.14 5.53
CA GLN A 22 10.06 -1.58 5.16
C GLN A 22 9.55 -1.66 3.71
N GLY A 23 10.23 -0.99 2.81
CA GLY A 23 9.78 -1.00 1.39
C GLY A 23 10.38 -2.21 0.66
N ALA A 24 11.64 -2.50 0.90
CA ALA A 24 12.27 -3.68 0.21
C ALA A 24 11.65 -4.99 0.70
N MET A 25 10.50 -5.32 0.20
CA MET A 25 9.83 -6.59 0.62
C MET A 25 9.99 -7.66 -0.47
N GLY A 26 9.17 -8.67 -0.47
CA GLY A 26 9.29 -9.77 -1.49
C GLY A 26 8.81 -9.31 -2.87
N SER A 27 9.34 -8.22 -3.38
CA SER A 27 8.96 -7.70 -4.74
C SER A 27 7.54 -8.10 -5.14
N GLY A 28 6.54 -7.54 -4.51
CA GLY A 28 5.14 -7.90 -4.88
C GLY A 28 4.54 -6.77 -5.73
N PRO A 29 3.37 -7.03 -6.24
CA PRO A 29 2.66 -6.05 -7.10
C PRO A 29 2.31 -4.77 -6.32
N CYS A 30 2.18 -4.86 -5.02
CA CYS A 30 1.85 -3.64 -4.22
C CYS A 30 3.11 -2.79 -4.01
N ARG A 31 4.23 -3.39 -3.69
CA ARG A 31 5.47 -2.59 -3.46
C ARG A 31 5.78 -1.71 -4.68
N ARG A 32 5.75 -2.30 -5.85
CA ARG A 32 6.03 -1.48 -7.08
C ARG A 32 4.88 -0.51 -7.33
N HIS A 33 3.68 -0.90 -7.03
CA HIS A 33 2.52 0.03 -7.21
C HIS A 33 2.71 1.25 -6.30
N LEU A 34 3.12 1.02 -5.07
CA LEU A 34 3.33 2.16 -4.12
C LEU A 34 4.36 3.14 -4.70
N ASP A 35 5.49 2.65 -5.14
CA ASP A 35 6.52 3.57 -5.73
C ASP A 35 5.91 4.30 -6.93
N SER A 36 5.16 3.58 -7.73
CA SER A 36 4.49 4.21 -8.91
C SER A 36 3.53 5.30 -8.39
N VAL A 37 2.72 4.96 -7.42
CA VAL A 37 1.79 5.97 -6.83
C VAL A 37 2.61 7.11 -6.23
N LEU A 38 3.65 6.78 -5.51
CA LEU A 38 4.52 7.82 -4.91
C LEU A 38 5.05 8.73 -6.01
N GLN A 39 5.61 8.14 -7.03
CA GLN A 39 6.14 8.94 -8.17
C GLN A 39 4.99 9.66 -8.90
N GLN A 40 3.90 8.97 -9.14
CA GLN A 40 2.75 9.59 -9.86
C GLN A 40 1.99 10.61 -8.98
N LEU A 41 1.91 10.39 -7.71
CA LEU A 41 1.09 11.30 -6.82
C LEU A 41 1.38 12.78 -7.00
N GLN A 42 2.61 13.21 -7.10
CA GLN A 42 2.87 14.67 -7.27
C GLN A 42 2.59 15.12 -8.72
N THR A 43 2.60 14.20 -9.65
CA THR A 43 2.32 14.57 -11.07
C THR A 43 0.86 14.29 -11.39
N GLU A 44 0.29 13.29 -10.78
CA GLU A 44 -1.13 12.95 -11.04
C GLU A 44 -2.03 13.69 -10.04
N VAL A 45 -1.74 14.94 -9.78
CA VAL A 45 -2.59 15.70 -8.81
C VAL A 45 -4.06 15.59 -9.17
N TYR A 46 -4.37 15.47 -10.43
CA TYR A 46 -5.83 15.34 -10.80
C TYR A 46 -6.43 14.22 -9.97
N ARG A 47 -5.72 13.17 -9.87
CA ARG A 47 -6.14 12.01 -9.04
C ARG A 47 -5.68 12.24 -7.60
N GLY A 48 -4.43 12.59 -7.44
CA GLY A 48 -3.84 12.82 -6.08
C GLY A 48 -4.66 13.84 -5.28
N ALA A 49 -5.11 14.88 -5.91
CA ALA A 49 -5.90 15.90 -5.18
C ALA A 49 -7.28 15.36 -4.79
N GLN A 50 -7.84 14.47 -5.55
CA GLN A 50 -9.21 13.98 -5.20
C GLN A 50 -9.28 12.51 -4.76
N THR A 51 -8.59 11.65 -5.42
CA THR A 51 -8.73 10.19 -5.06
C THR A 51 -7.61 9.29 -5.62
N LEU A 52 -6.38 9.70 -5.60
CA LEU A 52 -5.32 8.81 -6.13
C LEU A 52 -5.11 7.69 -5.13
N TYR A 53 -5.15 6.49 -5.63
CA TYR A 53 -5.06 5.29 -4.75
C TYR A 53 -3.65 5.04 -4.21
N VAL A 54 -3.58 4.75 -2.93
CA VAL A 54 -2.29 4.42 -2.27
C VAL A 54 -2.42 3.00 -1.66
N PRO A 55 -1.65 2.09 -2.18
CA PRO A 55 -1.72 0.67 -1.72
C PRO A 55 -0.87 0.41 -0.47
N ASN A 56 -1.37 -0.44 0.40
CA ASN A 56 -0.61 -0.82 1.63
C ASN A 56 -0.03 -2.22 1.40
N CYS A 57 1.26 -2.40 1.51
CA CYS A 57 1.82 -3.76 1.24
C CYS A 57 2.51 -4.39 2.44
N ASP A 58 2.51 -5.70 2.47
CA ASP A 58 3.20 -6.47 3.55
C ASP A 58 4.51 -7.01 2.99
N HIS A 59 5.32 -7.63 3.81
CA HIS A 59 6.63 -8.19 3.33
C HIS A 59 6.44 -9.04 2.06
N ARG A 60 5.24 -9.54 1.81
CA ARG A 60 5.01 -10.36 0.57
C ARG A 60 4.79 -9.44 -0.64
N GLY A 61 4.92 -8.15 -0.47
CA GLY A 61 4.72 -7.20 -1.61
C GLY A 61 3.26 -7.16 -2.08
N PHE A 62 2.37 -7.90 -1.46
CA PHE A 62 0.93 -7.85 -1.89
C PHE A 62 0.20 -6.79 -1.06
N TYR A 63 -0.98 -6.40 -1.48
CA TYR A 63 -1.76 -5.39 -0.67
C TYR A 63 -2.19 -6.15 0.58
N ARG A 64 -1.55 -5.97 1.71
CA ARG A 64 -1.95 -6.83 2.85
C ARG A 64 -3.24 -6.37 3.52
N LYS A 65 -3.25 -5.24 4.13
CA LYS A 65 -4.49 -4.78 4.80
C LYS A 65 -5.28 -3.70 4.05
N ARG A 66 -4.57 -2.71 3.56
CA ARG A 66 -5.29 -1.53 3.00
C ARG A 66 -5.14 -1.28 1.51
N GLN A 67 -6.18 -0.69 0.99
CA GLN A 67 -6.23 -0.16 -0.39
C GLN A 67 -6.94 1.17 -0.20
N CYS A 68 -6.37 2.27 -0.60
CA CYS A 68 -7.07 3.54 -0.27
C CYS A 68 -7.03 4.56 -1.38
N ARG A 69 -8.11 5.26 -1.54
CA ARG A 69 -8.13 6.38 -2.52
C ARG A 69 -7.70 7.59 -1.71
N SER A 70 -6.87 8.45 -2.24
CA SER A 70 -6.38 9.60 -1.42
C SER A 70 -6.60 10.94 -2.11
N SER A 71 -6.81 11.97 -1.33
CA SER A 71 -7.00 13.33 -1.89
C SER A 71 -6.15 14.33 -1.11
N GLN A 72 -5.84 15.45 -1.70
CA GLN A 72 -5.02 16.48 -1.00
C GLN A 72 -5.93 17.38 -0.17
N GLY A 73 -6.90 18.00 -0.80
CA GLY A 73 -7.83 18.88 -0.06
C GLY A 73 -8.72 18.03 0.85
N GLN A 74 -9.37 17.04 0.29
CA GLN A 74 -10.23 16.16 1.14
C GLN A 74 -9.32 15.15 1.85
N ARG A 75 -9.35 15.14 3.15
CA ARG A 75 -8.46 14.18 3.90
C ARG A 75 -9.07 12.77 3.93
N ARG A 76 -10.36 12.67 3.72
CA ARG A 76 -11.00 11.32 3.73
C ARG A 76 -10.53 10.53 2.50
N GLY A 77 -9.86 9.42 2.73
CA GLY A 77 -9.33 8.60 1.60
C GLY A 77 -10.41 8.33 0.54
N PRO A 78 -11.29 7.40 0.82
CA PRO A 78 -11.26 6.65 2.10
C PRO A 78 -10.41 5.38 2.03
N CYS A 79 -9.97 4.92 3.18
CA CYS A 79 -9.17 3.67 3.25
C CYS A 79 -10.10 2.48 3.53
N TRP A 80 -9.73 1.29 3.12
CA TRP A 80 -10.60 0.10 3.41
C TRP A 80 -9.76 -1.18 3.57
N CYS A 81 -10.37 -2.23 4.09
CA CYS A 81 -9.65 -3.53 4.32
C CYS A 81 -9.51 -4.27 2.99
N VAL A 82 -8.41 -4.92 2.76
CA VAL A 82 -8.22 -5.62 1.45
C VAL A 82 -7.50 -6.97 1.63
N ASP A 83 -7.52 -7.78 0.61
CA ASP A 83 -6.80 -9.08 0.67
C ASP A 83 -5.45 -8.86 -0.02
N ARG A 84 -4.62 -9.85 -0.03
CA ARG A 84 -3.27 -9.71 -0.68
C ARG A 84 -3.38 -9.16 -2.11
N MET A 85 -4.44 -9.48 -2.81
CA MET A 85 -4.59 -8.97 -4.19
C MET A 85 -5.24 -7.57 -4.19
N GLY A 86 -5.83 -7.16 -3.09
CA GLY A 86 -6.44 -5.80 -3.02
C GLY A 86 -7.98 -5.86 -3.02
N LYS A 87 -8.57 -7.01 -2.84
CA LYS A 87 -10.05 -7.11 -2.80
C LYS A 87 -10.56 -6.47 -1.52
N SER A 88 -11.60 -5.69 -1.59
CA SER A 88 -12.14 -5.01 -0.37
C SER A 88 -12.72 -6.03 0.63
N LEU A 89 -11.98 -6.35 1.66
CA LEU A 89 -12.47 -7.31 2.70
C LEU A 89 -13.17 -6.53 3.82
N PRO A 90 -13.84 -7.24 4.70
CA PRO A 90 -14.53 -6.59 5.83
C PRO A 90 -13.53 -6.24 6.95
N GLY A 91 -13.30 -7.14 7.89
CA GLY A 91 -12.33 -6.87 8.99
C GLY A 91 -13.02 -6.14 10.14
N SER A 92 -12.60 -6.39 11.35
CA SER A 92 -13.22 -5.70 12.53
C SER A 92 -12.80 -4.22 12.56
N PRO A 93 -13.64 -3.39 13.13
CA PRO A 93 -13.33 -1.93 13.22
C PRO A 93 -12.21 -1.61 14.22
N ASP A 94 -11.36 -2.55 14.57
CA ASP A 94 -10.27 -2.24 15.53
C ASP A 94 -9.17 -1.42 14.83
N GLY A 95 -9.08 -1.52 13.52
CA GLY A 95 -8.03 -0.75 12.80
C GLY A 95 -6.75 -1.58 12.67
N ASN A 96 -6.48 -2.46 13.62
CA ASN A 96 -5.23 -3.29 13.54
C ASN A 96 -5.31 -4.27 12.37
N GLY A 97 -4.19 -4.71 11.86
CA GLY A 97 -4.19 -5.67 10.71
C GLY A 97 -4.90 -6.96 11.11
N SER A 98 -4.55 -7.53 12.23
CA SER A 98 -5.21 -8.81 12.66
C SER A 98 -6.74 -8.65 12.68
N SER A 99 -7.24 -7.57 13.22
CA SER A 99 -8.72 -7.36 13.26
C SER A 99 -9.24 -6.98 11.87
N SER A 100 -8.61 -6.04 11.22
CA SER A 100 -9.06 -5.65 9.86
C SER A 100 -8.61 -6.71 8.85
N CYS A 101 -7.47 -6.56 8.25
CA CYS A 101 -7.00 -7.59 7.28
C CYS A 101 -5.49 -7.81 7.40
N PRO A 102 -5.11 -9.08 7.53
CA PRO A 102 -3.69 -9.46 7.58
C PRO A 102 -3.18 -9.76 6.17
N THR A 103 -4.00 -10.43 5.40
CA THR A 103 -3.64 -10.80 4.00
C THR A 103 -4.90 -11.31 3.30
N GLY A 104 -4.77 -12.12 2.28
CA GLY A 104 -5.98 -12.64 1.58
C GLY A 104 -5.64 -13.96 0.89
N SER A 105 -4.83 -14.78 1.49
CA SER A 105 -4.46 -16.07 0.86
C SER A 105 -5.54 -17.13 1.14
N SER A 106 -5.98 -17.82 0.12
CA SER A 106 -7.03 -18.87 0.32
C SER A 106 -6.37 -20.15 0.81
N GLY A 107 -5.84 -20.13 2.00
CA GLY A 107 -5.17 -21.33 2.56
C GLY A 107 -3.81 -20.93 3.13
N SER A 1 37.23 -0.20 37.17
CA SER A 1 37.88 0.58 36.09
C SER A 1 39.38 0.21 36.00
N TYR A 2 39.67 -0.97 35.50
CA TYR A 2 41.09 -1.42 35.39
C TYR A 2 41.83 -0.58 34.34
N TYR A 3 42.31 0.57 34.74
CA TYR A 3 43.04 1.46 33.79
C TYR A 3 44.22 0.73 33.13
N HIS A 4 44.82 -0.20 33.82
CA HIS A 4 45.98 -0.95 33.26
C HIS A 4 45.60 -1.68 31.98
N HIS A 5 44.46 -2.33 31.94
CA HIS A 5 44.06 -3.05 30.70
C HIS A 5 42.96 -2.29 29.97
N HIS A 6 43.33 -1.28 29.24
CA HIS A 6 42.31 -0.50 28.48
C HIS A 6 42.13 -1.14 27.11
N HIS A 7 41.59 -2.33 27.07
CA HIS A 7 41.40 -3.03 25.76
C HIS A 7 39.93 -3.44 25.62
N HIS A 8 39.64 -4.29 24.67
CA HIS A 8 38.23 -4.76 24.46
C HIS A 8 37.23 -3.61 24.54
N HIS A 9 37.55 -2.49 23.93
CA HIS A 9 36.61 -1.33 23.97
C HIS A 9 35.47 -1.59 22.97
N ASP A 10 34.57 -2.46 23.34
CA ASP A 10 33.44 -2.80 22.43
C ASP A 10 32.48 -1.61 22.32
N TYR A 11 32.87 -0.60 21.60
CA TYR A 11 31.98 0.59 21.46
C TYR A 11 31.14 0.50 20.18
N ASP A 12 31.44 -0.45 19.31
CA ASP A 12 30.67 -0.59 18.05
C ASP A 12 29.86 -1.89 18.07
N ILE A 13 28.59 -1.79 18.35
CA ILE A 13 27.72 -2.99 18.38
C ILE A 13 27.16 -3.23 16.97
N PRO A 14 27.10 -4.48 16.58
CA PRO A 14 26.58 -4.83 15.23
C PRO A 14 25.09 -4.50 15.11
N THR A 15 24.73 -3.69 14.14
CA THR A 15 23.29 -3.34 13.97
C THR A 15 22.51 -4.60 13.58
N THR A 16 21.53 -4.96 14.37
CA THR A 16 20.74 -6.20 14.06
C THR A 16 19.45 -5.88 13.30
N GLU A 17 18.62 -5.05 13.88
CA GLU A 17 17.31 -4.69 13.24
C GLU A 17 17.46 -4.19 11.80
N ASN A 18 18.60 -3.71 11.46
CA ASN A 18 18.82 -3.21 10.06
C ASN A 18 18.86 -4.38 9.06
N LEU A 19 19.00 -5.57 9.54
CA LEU A 19 19.04 -6.76 8.63
C LEU A 19 17.64 -7.36 8.45
N TYR A 20 16.64 -6.78 9.05
CA TYR A 20 15.26 -7.34 8.92
C TYR A 20 14.55 -6.83 7.65
N PHE A 21 15.25 -6.09 6.83
CA PHE A 21 14.62 -5.56 5.58
C PHE A 21 15.46 -5.94 4.37
N GLN A 22 14.81 -6.22 3.28
CA GLN A 22 15.54 -6.54 2.01
C GLN A 22 15.85 -5.19 1.35
N GLY A 23 14.85 -4.62 0.78
CA GLY A 23 14.96 -3.26 0.20
C GLY A 23 13.98 -2.46 1.03
N ALA A 24 12.85 -2.10 0.50
CA ALA A 24 11.82 -1.45 1.35
C ALA A 24 11.14 -2.63 2.06
N MET A 25 10.23 -3.28 1.37
CA MET A 25 9.60 -4.52 1.92
C MET A 25 10.12 -5.69 1.07
N GLY A 26 9.30 -6.67 0.76
CA GLY A 26 9.79 -7.80 -0.08
C GLY A 26 9.47 -7.54 -1.56
N SER A 27 9.82 -6.37 -2.06
CA SER A 27 9.57 -6.02 -3.51
C SER A 27 8.31 -6.73 -4.05
N GLY A 28 7.18 -6.50 -3.44
CA GLY A 28 5.92 -7.16 -3.91
C GLY A 28 5.21 -6.26 -4.92
N PRO A 29 4.13 -6.78 -5.47
CA PRO A 29 3.33 -6.03 -6.47
C PRO A 29 2.76 -4.74 -5.88
N CYS A 30 2.35 -4.77 -4.64
CA CYS A 30 1.82 -3.53 -4.01
C CYS A 30 2.96 -2.55 -3.80
N ARG A 31 4.10 -3.01 -3.33
CA ARG A 31 5.26 -2.10 -3.15
C ARG A 31 5.58 -1.40 -4.47
N ARG A 32 5.62 -2.14 -5.55
CA ARG A 32 5.90 -1.49 -6.88
C ARG A 32 4.79 -0.47 -7.18
N HIS A 33 3.57 -0.83 -6.90
CA HIS A 33 2.44 0.12 -7.15
C HIS A 33 2.60 1.34 -6.23
N LEU A 34 2.94 1.13 -4.99
CA LEU A 34 3.10 2.29 -4.05
C LEU A 34 4.12 3.28 -4.61
N ASP A 35 5.30 2.84 -4.97
CA ASP A 35 6.31 3.78 -5.53
C ASP A 35 5.76 4.46 -6.78
N SER A 36 5.17 3.70 -7.65
CA SER A 36 4.60 4.27 -8.91
C SER A 36 3.44 5.20 -8.55
N VAL A 37 2.52 4.74 -7.72
CA VAL A 37 1.38 5.61 -7.31
C VAL A 37 1.95 6.83 -6.58
N LEU A 38 2.90 6.63 -5.71
CA LEU A 38 3.50 7.78 -4.97
C LEU A 38 4.07 8.78 -5.97
N GLN A 39 4.87 8.29 -6.88
CA GLN A 39 5.47 9.19 -7.91
C GLN A 39 4.37 9.83 -8.75
N GLN A 40 3.41 9.06 -9.18
CA GLN A 40 2.28 9.61 -9.99
C GLN A 40 1.35 10.46 -9.12
N LEU A 41 1.21 10.12 -7.86
CA LEU A 41 0.27 10.85 -6.95
C LEU A 41 0.46 12.36 -7.02
N GLN A 42 1.67 12.85 -7.00
CA GLN A 42 1.85 14.33 -7.05
C GLN A 42 1.63 14.86 -8.46
N THR A 43 1.79 14.06 -9.46
CA THR A 43 1.59 14.53 -10.84
C THR A 43 0.13 14.26 -11.25
N GLU A 44 -0.37 13.12 -10.90
CA GLU A 44 -1.79 12.75 -11.25
C GLU A 44 -2.72 13.03 -10.07
N VAL A 45 -2.44 14.03 -9.29
CA VAL A 45 -3.30 14.34 -8.10
C VAL A 45 -4.78 14.42 -8.48
N TYR A 46 -5.05 15.01 -9.59
CA TYR A 46 -6.45 15.24 -10.07
C TYR A 46 -7.40 14.04 -10.08
N ARG A 47 -7.02 12.92 -9.57
CA ARG A 47 -7.97 11.74 -9.59
C ARG A 47 -9.32 12.29 -9.09
N GLY A 48 -9.31 12.93 -7.94
CA GLY A 48 -10.54 13.68 -7.56
C GLY A 48 -9.97 15.09 -7.44
N ALA A 49 -9.26 15.35 -6.37
CA ALA A 49 -8.44 16.59 -6.31
C ALA A 49 -6.99 16.10 -6.44
N GLN A 50 -6.60 15.37 -5.39
CA GLN A 50 -5.28 14.66 -5.27
C GLN A 50 -5.56 13.16 -4.97
N THR A 51 -6.80 12.76 -5.07
CA THR A 51 -7.30 11.40 -4.63
C THR A 51 -6.84 10.16 -5.40
N LEU A 52 -5.57 10.02 -5.59
CA LEU A 52 -5.09 8.80 -6.30
C LEU A 52 -5.19 7.59 -5.36
N TYR A 53 -5.36 6.45 -5.92
CA TYR A 53 -5.52 5.18 -5.12
C TYR A 53 -4.18 4.72 -4.53
N VAL A 54 -4.03 4.83 -3.23
CA VAL A 54 -2.75 4.38 -2.60
C VAL A 54 -2.97 3.02 -1.91
N PRO A 55 -2.21 2.05 -2.35
CA PRO A 55 -2.33 0.68 -1.80
C PRO A 55 -1.47 0.48 -0.55
N ASN A 56 -1.90 -0.36 0.36
CA ASN A 56 -1.09 -0.63 1.60
C ASN A 56 -0.43 -1.99 1.42
N CYS A 57 0.85 -2.09 1.63
CA CYS A 57 1.52 -3.40 1.43
C CYS A 57 2.20 -3.87 2.71
N ASP A 58 2.23 -5.16 2.91
CA ASP A 58 2.90 -5.74 4.11
C ASP A 58 4.35 -6.11 3.73
N HIS A 59 5.11 -6.63 4.67
CA HIS A 59 6.54 -7.01 4.37
C HIS A 59 6.64 -7.84 3.08
N ARG A 60 5.60 -8.53 2.70
CA ARG A 60 5.63 -9.34 1.46
C ARG A 60 5.40 -8.42 0.22
N GLY A 61 5.30 -7.14 0.41
CA GLY A 61 5.11 -6.20 -0.74
C GLY A 61 3.73 -6.38 -1.41
N PHE A 62 2.89 -7.25 -0.96
CA PHE A 62 1.54 -7.40 -1.60
C PHE A 62 0.56 -6.40 -0.96
N TYR A 63 -0.58 -6.15 -1.57
CA TYR A 63 -1.58 -5.23 -0.92
C TYR A 63 -2.20 -6.03 0.21
N ARG A 64 -1.62 -6.05 1.37
CA ARG A 64 -2.19 -6.97 2.41
C ARG A 64 -3.45 -6.47 3.11
N LYS A 65 -3.38 -5.40 3.83
CA LYS A 65 -4.60 -4.96 4.58
C LYS A 65 -5.45 -3.84 3.96
N ARG A 66 -4.84 -2.74 3.57
CA ARG A 66 -5.65 -1.57 3.09
C ARG A 66 -5.41 -1.10 1.64
N GLN A 67 -6.46 -0.61 1.02
CA GLN A 67 -6.35 0.03 -0.33
C GLN A 67 -7.32 1.23 -0.29
N CYS A 68 -6.87 2.42 -0.58
CA CYS A 68 -7.82 3.57 -0.47
C CYS A 68 -7.60 4.63 -1.53
N ARG A 69 -8.63 5.34 -1.88
CA ARG A 69 -8.47 6.49 -2.80
C ARG A 69 -7.91 7.57 -1.89
N SER A 70 -6.69 7.97 -2.08
CA SER A 70 -6.07 8.94 -1.12
C SER A 70 -5.51 10.19 -1.79
N SER A 71 -5.36 11.25 -1.03
CA SER A 71 -4.80 12.51 -1.58
C SER A 71 -3.49 12.82 -0.86
N GLN A 72 -2.61 13.55 -1.50
CA GLN A 72 -1.32 13.90 -0.83
C GLN A 72 -1.59 14.62 0.50
N GLY A 73 -2.70 15.31 0.61
CA GLY A 73 -3.02 16.02 1.87
C GLY A 73 -3.56 15.02 2.90
N GLN A 74 -4.49 15.43 3.71
CA GLN A 74 -5.06 14.50 4.75
C GLN A 74 -6.50 14.11 4.41
N ARG A 75 -6.99 14.51 3.26
CA ARG A 75 -8.39 14.16 2.87
C ARG A 75 -8.48 12.72 2.33
N ARG A 76 -7.35 12.08 2.12
CA ARG A 76 -7.33 10.69 1.57
C ARG A 76 -8.58 9.89 1.96
N GLY A 77 -9.38 9.56 0.99
CA GLY A 77 -10.60 8.77 1.24
C GLY A 77 -11.21 8.34 -0.10
N PRO A 78 -11.98 7.30 -0.08
CA PRO A 78 -12.27 6.55 1.17
C PRO A 78 -11.34 5.35 1.33
N CYS A 79 -11.08 4.99 2.55
CA CYS A 79 -10.20 3.81 2.84
C CYS A 79 -11.06 2.56 3.04
N TRP A 80 -10.58 1.42 2.62
CA TRP A 80 -11.37 0.17 2.85
C TRP A 80 -10.44 -1.04 3.02
N CYS A 81 -10.95 -2.12 3.57
CA CYS A 81 -10.10 -3.33 3.81
C CYS A 81 -9.94 -4.13 2.52
N VAL A 82 -8.80 -4.74 2.34
CA VAL A 82 -8.56 -5.53 1.10
C VAL A 82 -7.77 -6.79 1.43
N ASP A 83 -7.70 -7.71 0.50
CA ASP A 83 -6.91 -8.95 0.73
C ASP A 83 -5.58 -8.83 0.01
N ARG A 84 -4.75 -9.83 0.12
CA ARG A 84 -3.40 -9.80 -0.54
C ARG A 84 -3.48 -9.30 -2.01
N MET A 85 -4.57 -9.54 -2.68
CA MET A 85 -4.69 -9.08 -4.10
C MET A 85 -5.04 -7.59 -4.15
N GLY A 86 -5.60 -7.07 -3.11
CA GLY A 86 -5.96 -5.63 -3.09
C GLY A 86 -7.45 -5.44 -3.39
N LYS A 87 -8.25 -6.48 -3.35
CA LYS A 87 -9.72 -6.30 -3.61
C LYS A 87 -10.37 -5.74 -2.35
N SER A 88 -11.61 -5.35 -2.39
CA SER A 88 -12.26 -4.77 -1.18
C SER A 88 -12.93 -5.85 -0.34
N LEU A 89 -12.47 -6.05 0.86
CA LEU A 89 -13.09 -7.07 1.76
C LEU A 89 -14.20 -6.37 2.57
N PRO A 90 -15.05 -7.16 3.19
CA PRO A 90 -16.16 -6.60 4.00
C PRO A 90 -15.67 -6.08 5.36
N GLY A 91 -14.80 -6.81 6.01
CA GLY A 91 -14.29 -6.39 7.35
C GLY A 91 -13.62 -5.01 7.29
N SER A 92 -13.55 -4.34 8.41
CA SER A 92 -12.91 -2.98 8.45
C SER A 92 -11.38 -3.12 8.38
N PRO A 93 -10.76 -2.26 7.60
CA PRO A 93 -9.28 -2.30 7.43
C PRO A 93 -8.53 -1.86 8.69
N ASP A 94 -9.19 -1.22 9.62
CA ASP A 94 -8.50 -0.77 10.85
C ASP A 94 -8.06 -1.96 11.72
N GLY A 95 -8.50 -3.16 11.41
CA GLY A 95 -8.10 -4.33 12.22
C GLY A 95 -9.32 -4.92 12.93
N ASN A 96 -10.39 -4.17 13.04
CA ASN A 96 -11.60 -4.69 13.72
C ASN A 96 -12.22 -5.82 12.88
N GLY A 97 -12.06 -5.75 11.59
CA GLY A 97 -12.60 -6.82 10.71
C GLY A 97 -11.49 -7.86 10.50
N SER A 98 -11.06 -8.49 11.56
CA SER A 98 -9.95 -9.50 11.45
C SER A 98 -10.30 -10.58 10.42
N SER A 99 -11.56 -10.90 10.26
CA SER A 99 -11.94 -11.92 9.24
C SER A 99 -11.52 -11.45 7.85
N SER A 100 -11.44 -10.17 7.64
CA SER A 100 -11.02 -9.64 6.31
C SER A 100 -9.58 -9.14 6.39
N CYS A 101 -9.23 -8.43 7.44
CA CYS A 101 -7.84 -7.92 7.58
C CYS A 101 -7.43 -7.92 9.06
N PRO A 102 -6.25 -8.40 9.34
CA PRO A 102 -5.77 -8.46 10.72
C PRO A 102 -5.01 -7.16 11.09
N THR A 103 -3.70 -7.16 11.00
CA THR A 103 -2.93 -5.94 11.36
C THR A 103 -1.59 -5.89 10.59
N GLY A 104 -0.66 -5.13 11.10
CA GLY A 104 0.67 -5.00 10.44
C GLY A 104 1.41 -3.80 11.03
N SER A 105 1.59 -3.78 12.33
CA SER A 105 2.28 -2.63 12.99
C SER A 105 3.78 -2.66 12.66
N SER A 106 4.14 -2.35 11.44
CA SER A 106 5.58 -2.35 11.06
C SER A 106 5.84 -1.27 10.01
N GLY A 107 5.93 -0.03 10.44
CA GLY A 107 6.15 1.08 9.48
C GLY A 107 5.53 2.36 10.05
N SER A 1 14.60 27.89 8.57
CA SER A 1 13.99 27.06 7.48
C SER A 1 13.51 27.95 6.33
N TYR A 2 13.38 27.40 5.15
CA TYR A 2 12.89 28.21 3.99
C TYR A 2 11.36 28.12 3.94
N TYR A 3 10.85 26.92 3.84
CA TYR A 3 9.37 26.73 3.85
C TYR A 3 8.95 26.28 5.24
N HIS A 4 7.70 26.46 5.60
CA HIS A 4 7.22 26.07 6.97
C HIS A 4 8.00 26.84 8.06
N HIS A 5 7.61 26.73 9.29
CA HIS A 5 8.32 27.48 10.37
C HIS A 5 9.36 26.59 11.05
N HIS A 6 8.93 25.63 11.83
CA HIS A 6 9.91 24.74 12.55
C HIS A 6 9.23 23.46 13.04
N HIS A 7 9.99 22.41 13.24
CA HIS A 7 9.42 21.12 13.76
C HIS A 7 8.44 20.47 12.76
N HIS A 8 7.42 21.17 12.35
CA HIS A 8 6.42 20.58 11.40
C HIS A 8 7.00 20.35 10.01
N HIS A 9 7.76 19.30 9.82
CA HIS A 9 8.29 19.01 8.46
C HIS A 9 7.12 18.66 7.54
N ASP A 10 6.64 19.62 6.79
CA ASP A 10 5.45 19.39 5.91
C ASP A 10 5.54 18.06 5.17
N TYR A 11 4.51 17.26 5.30
CA TYR A 11 4.48 15.94 4.63
C TYR A 11 3.43 15.96 3.52
N ASP A 12 3.82 15.75 2.29
CA ASP A 12 2.83 15.79 1.16
C ASP A 12 2.61 14.39 0.57
N ILE A 13 2.38 13.41 1.39
CA ILE A 13 2.15 12.03 0.88
C ILE A 13 0.95 11.40 1.61
N PRO A 14 -0.05 11.01 0.87
CA PRO A 14 -1.27 10.39 1.48
C PRO A 14 -0.97 8.99 2.05
N THR A 15 0.05 8.88 2.83
CA THR A 15 0.44 7.59 3.46
C THR A 15 1.26 7.84 4.73
N THR A 16 0.95 7.17 5.81
CA THR A 16 1.71 7.41 7.07
C THR A 16 2.98 6.53 7.17
N GLU A 17 2.78 5.25 7.24
CA GLU A 17 3.93 4.28 7.36
C GLU A 17 4.45 3.86 5.98
N ASN A 18 4.27 4.65 4.96
CA ASN A 18 4.76 4.26 3.60
C ASN A 18 6.25 4.55 3.42
N LEU A 19 6.93 4.94 4.47
CA LEU A 19 8.39 5.22 4.34
C LEU A 19 9.17 3.91 4.27
N TYR A 20 9.04 3.07 5.25
CA TYR A 20 9.77 1.76 5.23
C TYR A 20 8.92 0.65 4.62
N PHE A 21 7.75 0.96 4.15
CA PHE A 21 6.87 -0.08 3.55
C PHE A 21 7.24 -0.28 2.07
N GLN A 22 7.69 0.77 1.42
CA GLN A 22 8.07 0.66 -0.02
C GLN A 22 9.58 0.43 -0.18
N GLY A 23 10.21 -0.21 0.77
CA GLY A 23 11.67 -0.42 0.69
C GLY A 23 11.98 -1.70 -0.09
N ALA A 24 12.89 -2.47 0.43
CA ALA A 24 13.29 -3.75 -0.25
C ALA A 24 12.31 -4.89 0.07
N MET A 25 11.09 -4.79 -0.37
CA MET A 25 10.13 -5.91 -0.10
C MET A 25 10.26 -6.96 -1.22
N GLY A 26 9.56 -8.05 -1.11
CA GLY A 26 9.68 -9.14 -2.14
C GLY A 26 9.09 -8.72 -3.50
N SER A 27 9.49 -7.59 -4.04
CA SER A 27 8.99 -7.13 -5.38
C SER A 27 7.59 -7.67 -5.69
N GLY A 28 6.64 -7.41 -4.84
CA GLY A 28 5.27 -7.93 -5.08
C GLY A 28 4.50 -6.99 -6.02
N PRO A 29 3.30 -7.42 -6.39
CA PRO A 29 2.45 -6.61 -7.30
C PRO A 29 2.06 -5.28 -6.66
N CYS A 30 2.03 -5.21 -5.35
CA CYS A 30 1.70 -3.92 -4.69
C CYS A 30 2.95 -3.03 -4.65
N ARG A 31 4.13 -3.61 -4.48
CA ARG A 31 5.38 -2.78 -4.46
C ARG A 31 5.49 -1.94 -5.74
N ARG A 32 5.29 -2.54 -6.89
CA ARG A 32 5.37 -1.75 -8.16
C ARG A 32 4.21 -0.78 -8.25
N HIS A 33 3.03 -1.20 -7.87
CA HIS A 33 1.83 -0.31 -7.91
C HIS A 33 2.02 0.86 -6.96
N LEU A 34 2.44 0.60 -5.74
CA LEU A 34 2.64 1.69 -4.75
C LEU A 34 3.81 2.58 -5.18
N ASP A 35 4.92 1.99 -5.54
CA ASP A 35 6.10 2.82 -5.98
C ASP A 35 5.71 3.74 -7.13
N SER A 36 5.02 3.22 -8.10
CA SER A 36 4.60 4.06 -9.26
C SER A 36 3.57 5.10 -8.79
N VAL A 37 2.57 4.67 -8.05
CA VAL A 37 1.55 5.65 -7.57
C VAL A 37 2.17 6.66 -6.62
N LEU A 38 2.96 6.22 -5.68
CA LEU A 38 3.60 7.19 -4.74
C LEU A 38 4.53 8.12 -5.51
N GLN A 39 5.26 7.61 -6.47
CA GLN A 39 6.15 8.52 -7.26
C GLN A 39 5.29 9.44 -8.14
N GLN A 40 4.29 8.88 -8.78
CA GLN A 40 3.40 9.68 -9.67
C GLN A 40 2.46 10.61 -8.87
N LEU A 41 2.05 10.24 -7.68
CA LEU A 41 1.08 11.09 -6.92
C LEU A 41 1.52 12.57 -6.89
N GLN A 42 2.79 12.85 -6.85
CA GLN A 42 3.21 14.29 -6.85
C GLN A 42 3.11 14.84 -8.27
N THR A 43 3.46 14.05 -9.25
CA THR A 43 3.37 14.52 -10.66
C THR A 43 1.88 14.55 -11.07
N GLU A 44 1.16 13.52 -10.69
CA GLU A 44 -0.30 13.44 -11.01
C GLU A 44 -1.10 13.99 -9.83
N VAL A 45 -0.65 15.07 -9.24
CA VAL A 45 -1.38 15.63 -8.06
C VAL A 45 -2.86 15.86 -8.36
N TYR A 46 -3.21 16.20 -9.55
CA TYR A 46 -4.66 16.44 -9.82
C TYR A 46 -5.50 15.25 -9.36
N ARG A 47 -4.94 14.10 -9.46
CA ARG A 47 -5.61 12.88 -8.93
C ARG A 47 -5.24 12.70 -7.46
N GLY A 48 -3.97 12.79 -7.16
CA GLY A 48 -3.47 12.63 -5.76
C GLY A 48 -4.17 13.63 -4.84
N ALA A 49 -4.41 14.81 -5.33
CA ALA A 49 -5.09 15.84 -4.50
C ALA A 49 -6.58 15.50 -4.37
N GLN A 50 -7.11 14.69 -5.25
CA GLN A 50 -8.58 14.38 -5.19
C GLN A 50 -8.90 12.94 -4.77
N THR A 51 -8.38 11.98 -5.47
CA THR A 51 -8.72 10.55 -5.18
C THR A 51 -7.73 9.54 -5.75
N LEU A 52 -6.47 9.79 -5.65
CA LEU A 52 -5.47 8.83 -6.22
C LEU A 52 -5.38 7.60 -5.31
N TYR A 53 -5.61 6.47 -5.90
CA TYR A 53 -5.62 5.17 -5.15
C TYR A 53 -4.21 4.71 -4.80
N VAL A 54 -3.89 4.74 -3.54
CA VAL A 54 -2.54 4.28 -3.09
C VAL A 54 -2.69 2.96 -2.32
N PRO A 55 -2.07 1.93 -2.84
CA PRO A 55 -2.17 0.58 -2.22
C PRO A 55 -1.15 0.38 -1.10
N ASN A 56 -1.55 -0.24 -0.02
CA ASN A 56 -0.61 -0.53 1.10
C ASN A 56 -0.02 -1.92 0.87
N CYS A 57 1.26 -2.10 1.06
CA CYS A 57 1.84 -3.45 0.80
C CYS A 57 2.69 -3.92 1.98
N ASP A 58 2.75 -5.21 2.18
CA ASP A 58 3.57 -5.78 3.28
C ASP A 58 4.95 -6.17 2.71
N HIS A 59 5.85 -6.62 3.54
CA HIS A 59 7.23 -7.02 3.07
C HIS A 59 7.15 -7.96 1.86
N ARG A 60 6.04 -8.63 1.66
CA ARG A 60 5.92 -9.54 0.48
C ARG A 60 5.48 -8.77 -0.76
N GLY A 61 5.42 -7.46 -0.66
CA GLY A 61 5.03 -6.62 -1.84
C GLY A 61 3.56 -6.81 -2.24
N PHE A 62 2.80 -7.59 -1.52
CA PHE A 62 1.37 -7.78 -1.90
C PHE A 62 0.52 -6.64 -1.32
N TYR A 63 -0.72 -6.51 -1.75
CA TYR A 63 -1.62 -5.44 -1.18
C TYR A 63 -2.13 -6.05 0.12
N ARG A 64 -1.37 -5.98 1.18
CA ARG A 64 -1.80 -6.73 2.38
C ARG A 64 -2.91 -6.13 3.25
N LYS A 65 -2.68 -5.05 3.90
CA LYS A 65 -3.76 -4.52 4.82
C LYS A 65 -4.65 -3.40 4.26
N ARG A 66 -4.07 -2.37 3.72
CA ARG A 66 -4.90 -1.20 3.28
C ARG A 66 -4.86 -0.88 1.79
N GLN A 67 -5.97 -0.41 1.29
CA GLN A 67 -6.05 0.06 -0.13
C GLN A 67 -6.95 1.30 -0.06
N CYS A 68 -6.50 2.44 -0.51
CA CYS A 68 -7.38 3.64 -0.37
C CYS A 68 -7.27 4.63 -1.52
N ARG A 69 -8.36 5.30 -1.82
CA ARG A 69 -8.31 6.38 -2.83
C ARG A 69 -7.96 7.61 -1.99
N SER A 70 -6.89 8.28 -2.29
CA SER A 70 -6.44 9.41 -1.41
C SER A 70 -6.58 10.80 -2.03
N SER A 71 -6.76 11.78 -1.19
CA SER A 71 -6.86 13.19 -1.63
C SER A 71 -6.00 14.07 -0.71
N GLN A 72 -5.35 15.07 -1.22
CA GLN A 72 -4.51 15.95 -0.35
C GLN A 72 -5.38 16.52 0.77
N GLY A 73 -6.57 16.95 0.43
CA GLY A 73 -7.50 17.45 1.46
C GLY A 73 -8.28 16.24 1.96
N GLN A 74 -8.30 16.03 3.23
CA GLN A 74 -9.01 14.82 3.76
C GLN A 74 -10.53 15.05 3.77
N ARG A 75 -11.10 15.25 2.61
CA ARG A 75 -12.58 15.43 2.53
C ARG A 75 -13.20 14.04 2.54
N ARG A 76 -12.71 13.19 1.70
CA ARG A 76 -13.20 11.78 1.62
C ARG A 76 -11.99 10.85 1.40
N GLY A 77 -12.18 9.73 0.76
CA GLY A 77 -11.04 8.81 0.49
C GLY A 77 -11.36 8.00 -0.76
N PRO A 78 -11.89 6.83 -0.56
CA PRO A 78 -12.12 6.27 0.79
C PRO A 78 -11.05 5.24 1.16
N CYS A 79 -10.79 5.07 2.42
CA CYS A 79 -9.79 4.04 2.85
C CYS A 79 -10.54 2.75 3.22
N TRP A 80 -9.94 1.61 3.02
CA TRP A 80 -10.61 0.33 3.40
C TRP A 80 -9.59 -0.79 3.56
N CYS A 81 -9.87 -1.76 4.39
CA CYS A 81 -8.91 -2.89 4.60
C CYS A 81 -9.08 -3.93 3.50
N VAL A 82 -8.04 -4.63 3.16
CA VAL A 82 -8.13 -5.64 2.07
C VAL A 82 -7.40 -6.93 2.44
N ASP A 83 -7.61 -7.97 1.69
CA ASP A 83 -6.90 -9.25 1.96
C ASP A 83 -5.60 -9.26 1.15
N ARG A 84 -4.82 -10.29 1.27
CA ARG A 84 -3.50 -10.37 0.54
C ARG A 84 -3.60 -10.01 -0.95
N MET A 85 -4.75 -10.19 -1.56
CA MET A 85 -4.88 -9.84 -3.01
C MET A 85 -5.14 -8.34 -3.17
N GLY A 86 -5.59 -7.71 -2.13
CA GLY A 86 -5.86 -6.24 -2.21
C GLY A 86 -7.36 -6.00 -2.38
N LYS A 87 -8.18 -7.01 -2.20
CA LYS A 87 -9.64 -6.82 -2.34
C LYS A 87 -10.21 -6.27 -1.04
N SER A 88 -11.20 -5.44 -1.13
CA SER A 88 -11.82 -4.85 0.10
C SER A 88 -12.47 -5.94 0.96
N LEU A 89 -12.12 -5.99 2.21
CA LEU A 89 -12.72 -7.01 3.12
C LEU A 89 -13.95 -6.41 3.82
N PRO A 90 -15.12 -6.85 3.44
CA PRO A 90 -16.36 -6.33 4.09
C PRO A 90 -16.59 -7.06 5.41
N GLY A 91 -17.02 -8.29 5.35
CA GLY A 91 -17.25 -9.09 6.59
C GLY A 91 -16.65 -10.47 6.35
N SER A 92 -15.35 -10.54 6.26
CA SER A 92 -14.68 -11.84 5.98
C SER A 92 -14.81 -12.81 7.16
N PRO A 93 -15.52 -13.90 6.95
CA PRO A 93 -15.70 -14.92 8.02
C PRO A 93 -14.41 -15.75 8.22
N ASP A 94 -13.26 -15.17 7.96
CA ASP A 94 -11.97 -15.93 8.11
C ASP A 94 -11.67 -16.22 9.58
N GLY A 95 -12.22 -15.47 10.50
CA GLY A 95 -11.93 -15.71 11.94
C GLY A 95 -10.61 -15.02 12.29
N ASN A 96 -9.57 -15.32 11.55
CA ASN A 96 -8.25 -14.68 11.79
C ASN A 96 -8.35 -13.19 11.42
N GLY A 97 -7.32 -12.42 11.66
CA GLY A 97 -7.35 -10.95 11.33
C GLY A 97 -7.98 -10.69 9.96
N SER A 98 -7.92 -11.64 9.04
CA SER A 98 -8.53 -11.43 7.70
C SER A 98 -9.99 -10.94 7.81
N SER A 99 -10.64 -11.21 8.92
CA SER A 99 -12.04 -10.71 9.09
C SER A 99 -12.04 -9.18 8.96
N SER A 100 -11.07 -8.53 9.55
CA SER A 100 -10.98 -7.04 9.44
C SER A 100 -9.78 -6.68 8.56
N CYS A 101 -8.61 -7.05 9.00
CA CYS A 101 -7.35 -6.79 8.21
C CYS A 101 -6.32 -7.85 8.58
N PRO A 102 -5.41 -8.15 7.67
CA PRO A 102 -4.39 -9.20 7.94
C PRO A 102 -3.52 -8.80 9.13
N THR A 103 -2.73 -7.78 9.01
CA THR A 103 -1.88 -7.35 10.17
C THR A 103 -2.66 -6.32 11.00
N GLY A 104 -3.74 -6.74 11.59
CA GLY A 104 -4.56 -5.80 12.41
C GLY A 104 -5.81 -6.53 12.90
N SER A 105 -5.65 -7.59 13.63
CA SER A 105 -6.83 -8.35 14.14
C SER A 105 -7.45 -7.60 15.33
N SER A 106 -8.53 -8.11 15.87
CA SER A 106 -9.19 -7.42 17.03
C SER A 106 -9.55 -8.46 18.11
N GLY A 107 -8.59 -9.27 18.50
CA GLY A 107 -8.87 -10.30 19.54
C GLY A 107 -8.45 -11.67 18.99
N SER A 1 39.35 -6.53 27.61
CA SER A 1 38.39 -6.74 28.75
C SER A 1 38.58 -8.13 29.35
N TYR A 2 37.96 -8.40 30.47
CA TYR A 2 38.11 -9.74 31.11
C TYR A 2 37.92 -10.85 30.07
N TYR A 3 38.81 -11.81 30.05
CA TYR A 3 38.70 -12.93 29.05
C TYR A 3 37.57 -13.89 29.42
N HIS A 4 36.34 -13.44 29.37
CA HIS A 4 35.19 -14.34 29.69
C HIS A 4 34.40 -14.63 28.42
N HIS A 5 33.80 -15.80 28.32
CA HIS A 5 33.03 -16.18 27.09
C HIS A 5 33.97 -16.23 25.88
N HIS A 6 34.76 -17.27 25.76
CA HIS A 6 35.70 -17.37 24.61
C HIS A 6 34.94 -17.61 23.31
N HIS A 7 33.95 -18.48 23.34
CA HIS A 7 33.17 -18.75 22.09
C HIS A 7 32.17 -17.60 21.86
N HIS A 8 32.59 -16.58 21.16
CA HIS A 8 31.69 -15.43 20.91
C HIS A 8 30.53 -15.83 19.99
N HIS A 9 30.74 -16.77 19.10
CA HIS A 9 29.64 -17.19 18.18
C HIS A 9 28.52 -17.91 18.96
N ASP A 10 27.29 -17.70 18.57
CA ASP A 10 26.14 -18.37 19.27
C ASP A 10 25.20 -18.97 18.20
N TYR A 11 23.91 -18.92 18.41
CA TYR A 11 22.97 -19.50 17.40
C TYR A 11 22.80 -18.50 16.26
N ASP A 12 23.79 -18.39 15.40
CA ASP A 12 23.72 -17.44 14.26
C ASP A 12 23.56 -18.24 12.98
N ILE A 13 22.43 -18.11 12.36
CA ILE A 13 22.16 -18.88 11.10
C ILE A 13 22.76 -18.13 9.90
N PRO A 14 23.72 -18.76 9.27
CA PRO A 14 24.39 -18.17 8.08
C PRO A 14 23.40 -18.12 6.90
N THR A 15 22.61 -17.10 6.84
CA THR A 15 21.60 -17.00 5.74
C THR A 15 22.02 -15.90 4.75
N THR A 16 22.19 -16.24 3.50
CA THR A 16 22.60 -15.22 2.49
C THR A 16 21.39 -14.78 1.65
N GLU A 17 20.78 -15.69 0.94
CA GLU A 17 19.61 -15.34 0.08
C GLU A 17 18.42 -14.84 0.91
N ASN A 18 18.45 -15.04 2.19
CA ASN A 18 17.31 -14.55 3.02
C ASN A 18 17.48 -13.06 3.34
N LEU A 19 18.60 -12.50 3.00
CA LEU A 19 18.83 -11.04 3.27
C LEU A 19 17.88 -10.22 2.41
N TYR A 20 17.92 -10.39 1.11
CA TYR A 20 16.96 -9.61 0.25
C TYR A 20 15.55 -10.14 0.41
N PHE A 21 15.41 -11.28 1.03
CA PHE A 21 14.06 -11.85 1.27
C PHE A 21 13.36 -11.05 2.37
N GLN A 22 14.13 -10.46 3.26
CA GLN A 22 13.52 -9.64 4.35
C GLN A 22 13.82 -8.15 4.11
N GLY A 23 14.14 -7.79 2.90
CA GLY A 23 14.43 -6.36 2.58
C GLY A 23 13.37 -5.88 1.61
N ALA A 24 13.52 -6.18 0.34
CA ALA A 24 12.48 -5.78 -0.65
C ALA A 24 11.32 -6.76 -0.56
N MET A 25 10.15 -6.40 -1.02
CA MET A 25 9.01 -7.37 -0.92
C MET A 25 9.27 -8.59 -1.80
N GLY A 26 8.62 -9.68 -1.50
CA GLY A 26 8.81 -10.93 -2.28
C GLY A 26 8.03 -10.87 -3.60
N SER A 27 8.48 -10.05 -4.52
CA SER A 27 7.79 -9.93 -5.86
C SER A 27 6.28 -9.70 -5.70
N GLY A 28 5.90 -8.51 -5.33
CA GLY A 28 4.44 -8.20 -5.19
C GLY A 28 4.09 -7.02 -6.10
N PRO A 29 2.90 -7.04 -6.65
CA PRO A 29 2.46 -5.95 -7.56
C PRO A 29 2.25 -4.63 -6.80
N CYS A 30 1.84 -4.69 -5.56
CA CYS A 30 1.63 -3.43 -4.79
C CYS A 30 2.98 -2.77 -4.48
N ARG A 31 4.02 -3.52 -4.20
CA ARG A 31 5.34 -2.88 -3.89
C ARG A 31 5.79 -2.05 -5.11
N ARG A 32 5.70 -2.62 -6.29
CA ARG A 32 6.10 -1.83 -7.50
C ARG A 32 5.09 -0.69 -7.67
N HIS A 33 3.85 -0.95 -7.32
CA HIS A 33 2.81 0.11 -7.41
C HIS A 33 3.16 1.23 -6.44
N LEU A 34 3.53 0.88 -5.23
CA LEU A 34 3.90 1.92 -4.21
C LEU A 34 5.05 2.78 -4.75
N ASP A 35 6.08 2.18 -5.28
CA ASP A 35 7.22 2.97 -5.83
C ASP A 35 6.71 3.91 -6.93
N SER A 36 5.91 3.38 -7.82
CA SER A 36 5.35 4.21 -8.93
C SER A 36 4.36 5.23 -8.36
N VAL A 37 3.47 4.81 -7.50
CA VAL A 37 2.52 5.79 -6.88
C VAL A 37 3.32 6.84 -6.14
N LEU A 38 4.35 6.45 -5.45
CA LEU A 38 5.20 7.43 -4.74
C LEU A 38 5.74 8.44 -5.75
N GLN A 39 6.24 7.97 -6.87
CA GLN A 39 6.76 8.91 -7.90
C GLN A 39 5.59 9.68 -8.54
N GLN A 40 4.54 8.97 -8.84
CA GLN A 40 3.34 9.60 -9.48
C GLN A 40 2.57 10.52 -8.52
N LEU A 41 2.54 10.19 -7.25
CA LEU A 41 1.74 11.01 -6.28
C LEU A 41 2.02 12.50 -6.39
N GLN A 42 3.25 12.93 -6.50
CA GLN A 42 3.50 14.39 -6.59
C GLN A 42 2.99 14.98 -7.91
N THR A 43 2.87 14.18 -8.92
CA THR A 43 2.39 14.70 -10.23
C THR A 43 0.94 14.25 -10.48
N GLU A 44 0.56 13.11 -9.97
CA GLU A 44 -0.81 12.58 -10.24
C GLU A 44 -1.82 12.97 -9.16
N VAL A 45 -1.57 14.00 -8.40
CA VAL A 45 -2.59 14.38 -7.36
C VAL A 45 -3.98 14.53 -8.02
N TYR A 46 -3.96 15.07 -9.19
CA TYR A 46 -5.21 15.32 -10.01
C TYR A 46 -6.06 14.10 -10.31
N ARG A 47 -5.78 12.97 -9.76
CA ARG A 47 -6.58 11.75 -10.10
C ARG A 47 -8.06 12.13 -10.03
N GLY A 48 -8.49 12.71 -8.95
CA GLY A 48 -9.86 13.29 -8.97
C GLY A 48 -9.56 14.77 -8.74
N ALA A 49 -9.26 15.14 -7.51
CA ALA A 49 -8.67 16.49 -7.28
C ALA A 49 -7.22 16.20 -6.90
N GLN A 50 -7.10 15.66 -5.69
CA GLN A 50 -5.81 15.19 -5.09
C GLN A 50 -5.97 13.72 -4.57
N THR A 51 -7.10 13.11 -4.84
CA THR A 51 -7.46 11.72 -4.31
C THR A 51 -6.71 10.56 -4.96
N LEU A 52 -5.43 10.65 -5.07
CA LEU A 52 -4.66 9.54 -5.69
C LEU A 52 -4.59 8.39 -4.69
N TYR A 53 -4.96 7.22 -5.14
CA TYR A 53 -5.01 6.00 -4.26
C TYR A 53 -3.59 5.46 -3.99
N VAL A 54 -3.34 5.05 -2.76
CA VAL A 54 -2.01 4.48 -2.41
C VAL A 54 -2.18 3.00 -2.01
N PRO A 55 -1.30 2.17 -2.51
CA PRO A 55 -1.34 0.71 -2.24
C PRO A 55 -0.60 0.33 -0.95
N ASN A 56 -1.02 -0.72 -0.29
CA ASN A 56 -0.33 -1.17 0.97
C ASN A 56 0.37 -2.51 0.72
N CYS A 57 1.54 -2.70 1.26
CA CYS A 57 2.25 -3.99 1.02
C CYS A 57 2.76 -4.66 2.28
N ASP A 58 2.81 -5.94 2.20
CA ASP A 58 3.38 -6.80 3.25
C ASP A 58 4.73 -7.29 2.68
N HIS A 59 5.51 -8.02 3.44
CA HIS A 59 6.82 -8.52 2.89
C HIS A 59 6.64 -9.15 1.49
N ARG A 60 5.45 -9.60 1.16
CA ARG A 60 5.20 -10.22 -0.18
C ARG A 60 4.92 -9.16 -1.27
N GLY A 61 4.96 -7.90 -0.94
CA GLY A 61 4.71 -6.84 -1.97
C GLY A 61 3.26 -6.84 -2.48
N PHE A 62 2.41 -7.69 -1.96
CA PHE A 62 0.99 -7.68 -2.44
C PHE A 62 0.18 -6.70 -1.58
N TYR A 63 -1.04 -6.40 -1.96
CA TYR A 63 -1.88 -5.47 -1.14
C TYR A 63 -2.23 -6.24 0.12
N ARG A 64 -1.46 -6.10 1.18
CA ARG A 64 -1.78 -6.98 2.34
C ARG A 64 -2.95 -6.53 3.23
N LYS A 65 -2.85 -5.42 3.88
CA LYS A 65 -3.97 -5.02 4.78
C LYS A 65 -4.99 -4.01 4.22
N ARG A 66 -4.52 -2.90 3.70
CA ARG A 66 -5.47 -1.85 3.25
C ARG A 66 -5.38 -1.48 1.76
N GLN A 67 -6.31 -0.66 1.34
CA GLN A 67 -6.36 -0.07 -0.03
C GLN A 67 -6.87 1.36 0.21
N CYS A 68 -6.19 2.40 -0.21
CA CYS A 68 -6.73 3.75 0.14
C CYS A 68 -6.80 4.75 -1.00
N ARG A 69 -7.88 5.48 -1.01
CA ARG A 69 -8.06 6.61 -1.96
C ARG A 69 -7.70 7.82 -1.11
N SER A 70 -6.72 8.59 -1.51
CA SER A 70 -6.28 9.71 -0.62
C SER A 70 -6.20 11.06 -1.30
N SER A 71 -6.73 12.06 -0.63
CA SER A 71 -6.65 13.46 -1.15
C SER A 71 -5.72 14.25 -0.24
N GLN A 72 -5.29 15.43 -0.64
CA GLN A 72 -4.37 16.24 0.23
C GLN A 72 -4.95 16.36 1.65
N GLY A 73 -6.24 16.52 1.77
CA GLY A 73 -6.87 16.62 3.12
C GLY A 73 -8.00 15.60 3.19
N GLN A 74 -9.09 15.92 3.85
CA GLN A 74 -10.23 14.96 3.91
C GLN A 74 -11.24 15.25 2.80
N ARG A 75 -10.81 15.78 1.69
CA ARG A 75 -11.76 16.08 0.58
C ARG A 75 -12.35 14.77 0.03
N ARG A 76 -11.51 13.88 -0.41
CA ARG A 76 -12.02 12.60 -0.98
C ARG A 76 -11.10 11.41 -0.68
N GLY A 77 -11.51 10.58 0.22
CA GLY A 77 -10.73 9.33 0.50
C GLY A 77 -11.40 8.27 -0.36
N PRO A 78 -11.78 7.16 0.22
CA PRO A 78 -11.50 6.76 1.63
C PRO A 78 -10.59 5.51 1.63
N CYS A 79 -9.91 5.25 2.70
CA CYS A 79 -9.09 3.99 2.75
C CYS A 79 -9.89 2.85 3.38
N TRP A 80 -9.69 1.63 2.94
CA TRP A 80 -10.43 0.48 3.53
C TRP A 80 -9.51 -0.75 3.65
N CYS A 81 -9.91 -1.74 4.40
CA CYS A 81 -9.06 -2.96 4.58
C CYS A 81 -9.31 -3.97 3.46
N VAL A 82 -8.31 -4.73 3.09
CA VAL A 82 -8.48 -5.73 1.99
C VAL A 82 -7.63 -6.97 2.23
N ASP A 83 -7.86 -8.01 1.45
CA ASP A 83 -7.06 -9.25 1.59
C ASP A 83 -5.78 -9.11 0.76
N ARG A 84 -4.96 -10.11 0.79
CA ARG A 84 -3.67 -10.08 0.02
C ARG A 84 -3.87 -9.63 -1.45
N MET A 85 -5.02 -9.87 -2.01
CA MET A 85 -5.25 -9.46 -3.43
C MET A 85 -5.67 -7.99 -3.50
N GLY A 86 -6.16 -7.45 -2.42
CA GLY A 86 -6.58 -6.02 -2.41
C GLY A 86 -8.10 -5.88 -2.46
N LYS A 87 -8.84 -6.94 -2.22
CA LYS A 87 -10.31 -6.84 -2.25
C LYS A 87 -10.83 -6.37 -0.88
N SER A 88 -11.75 -5.45 -0.86
CA SER A 88 -12.30 -4.96 0.44
C SER A 88 -12.68 -6.16 1.31
N LEU A 89 -11.94 -6.39 2.36
CA LEU A 89 -12.21 -7.55 3.25
C LEU A 89 -13.11 -7.17 4.43
N PRO A 90 -14.35 -7.56 4.38
CA PRO A 90 -15.28 -7.29 5.49
C PRO A 90 -15.01 -8.30 6.62
N GLY A 91 -15.98 -8.55 7.45
CA GLY A 91 -15.79 -9.53 8.55
C GLY A 91 -15.17 -8.84 9.77
N SER A 92 -14.82 -9.60 10.78
CA SER A 92 -14.22 -9.00 12.01
C SER A 92 -12.77 -9.48 12.20
N PRO A 93 -12.06 -8.79 13.04
CA PRO A 93 -10.63 -9.15 13.30
C PRO A 93 -10.52 -10.46 14.08
N ASP A 94 -11.50 -10.76 14.90
CA ASP A 94 -11.45 -12.04 15.67
C ASP A 94 -11.70 -13.24 14.74
N GLY A 95 -12.00 -12.99 13.48
CA GLY A 95 -12.26 -14.11 12.54
C GLY A 95 -11.37 -13.95 11.31
N ASN A 96 -11.58 -12.90 10.55
CA ASN A 96 -10.75 -12.67 9.33
C ASN A 96 -9.54 -11.76 9.62
N GLY A 97 -9.28 -11.47 10.88
CA GLY A 97 -8.12 -10.58 11.24
C GLY A 97 -6.88 -10.90 10.39
N SER A 98 -6.49 -12.14 10.30
CA SER A 98 -5.29 -12.49 9.48
C SER A 98 -5.49 -12.08 8.01
N SER A 99 -6.66 -12.30 7.47
CA SER A 99 -6.91 -11.91 6.05
C SER A 99 -7.19 -10.40 5.96
N SER A 100 -8.10 -9.89 6.76
CA SER A 100 -8.39 -8.42 6.70
C SER A 100 -7.42 -7.69 7.63
N CYS A 101 -7.89 -7.16 8.73
CA CYS A 101 -6.94 -6.45 9.63
C CYS A 101 -7.44 -6.43 11.08
N PRO A 102 -6.56 -6.76 12.00
CA PRO A 102 -6.89 -6.70 13.44
C PRO A 102 -6.62 -5.28 13.93
N THR A 103 -5.49 -4.74 13.57
CA THR A 103 -5.11 -3.35 13.95
C THR A 103 -4.90 -2.53 12.68
N GLY A 104 -4.67 -1.24 12.81
CA GLY A 104 -4.47 -0.39 11.60
C GLY A 104 -3.03 -0.54 11.06
N SER A 105 -2.32 0.54 10.92
CA SER A 105 -0.92 0.45 10.40
C SER A 105 0.07 0.63 11.55
N SER A 106 1.35 0.70 11.25
CA SER A 106 2.36 0.88 12.34
C SER A 106 2.08 2.18 13.11
N GLY A 107 1.90 3.27 12.41
CA GLY A 107 1.62 4.56 13.07
C GLY A 107 2.01 5.70 12.15
N SER A 1 20.40 -15.47 -20.78
CA SER A 1 19.75 -15.86 -19.50
C SER A 1 18.86 -14.69 -19.00
N TYR A 2 17.58 -14.78 -19.20
CA TYR A 2 16.67 -13.69 -18.72
C TYR A 2 15.30 -14.28 -18.34
N TYR A 3 14.24 -13.99 -19.07
CA TYR A 3 12.88 -14.53 -18.73
C TYR A 3 12.43 -13.98 -17.37
N HIS A 4 13.07 -14.39 -16.30
CA HIS A 4 12.71 -13.88 -14.94
C HIS A 4 11.19 -13.97 -14.71
N HIS A 5 10.63 -15.15 -14.73
CA HIS A 5 9.16 -15.32 -14.50
C HIS A 5 8.37 -14.54 -15.56
N HIS A 6 7.14 -14.18 -15.27
CA HIS A 6 6.33 -13.43 -16.27
C HIS A 6 6.82 -11.97 -16.35
N HIS A 7 6.74 -11.24 -15.27
CA HIS A 7 7.22 -9.83 -15.30
C HIS A 7 8.73 -9.82 -15.11
N HIS A 8 9.46 -10.08 -16.16
CA HIS A 8 10.95 -10.11 -16.09
C HIS A 8 11.51 -8.89 -15.36
N HIS A 9 12.37 -9.10 -14.41
CA HIS A 9 12.99 -7.95 -13.67
C HIS A 9 14.38 -7.67 -14.24
N ASP A 10 15.05 -6.67 -13.73
CA ASP A 10 16.41 -6.33 -14.27
C ASP A 10 17.50 -6.51 -13.20
N TYR A 11 17.19 -6.17 -11.99
CA TYR A 11 18.19 -6.31 -10.89
C TYR A 11 18.43 -7.79 -10.57
N ASP A 12 19.29 -8.06 -9.62
CA ASP A 12 19.57 -9.48 -9.25
C ASP A 12 18.72 -9.86 -8.03
N ILE A 13 19.24 -10.72 -7.19
CA ILE A 13 18.48 -11.15 -5.98
C ILE A 13 18.57 -10.10 -4.87
N PRO A 14 17.62 -10.13 -3.98
CA PRO A 14 17.58 -9.16 -2.84
C PRO A 14 18.75 -9.40 -1.88
N THR A 15 19.79 -8.62 -2.00
CA THR A 15 20.96 -8.78 -1.07
C THR A 15 20.66 -8.08 0.27
N THR A 16 21.64 -8.00 1.13
CA THR A 16 21.43 -7.33 2.45
C THR A 16 20.99 -5.89 2.23
N GLU A 17 21.81 -5.13 1.56
CA GLU A 17 21.46 -3.70 1.28
C GLU A 17 20.11 -3.61 0.55
N ASN A 18 19.72 -4.65 -0.12
CA ASN A 18 18.41 -4.63 -0.85
C ASN A 18 17.27 -4.52 0.15
N LEU A 19 17.52 -4.87 1.37
CA LEU A 19 16.46 -4.75 2.43
C LEU A 19 16.43 -3.29 2.88
N TYR A 20 17.60 -2.70 3.05
CA TYR A 20 17.68 -1.26 3.45
C TYR A 20 17.03 -0.43 2.34
N PHE A 21 17.41 -0.74 1.15
CA PHE A 21 16.83 -0.07 -0.05
C PHE A 21 15.78 -0.99 -0.65
N GLN A 22 14.90 -1.47 0.18
CA GLN A 22 13.82 -2.44 -0.24
C GLN A 22 13.06 -1.97 -1.49
N GLY A 23 13.66 -2.12 -2.64
CA GLY A 23 12.97 -1.71 -3.89
C GLY A 23 11.85 -2.71 -4.14
N ALA A 24 12.18 -3.90 -4.59
CA ALA A 24 11.14 -4.94 -4.81
C ALA A 24 10.84 -5.64 -3.48
N MET A 25 9.61 -6.04 -3.24
CA MET A 25 9.28 -6.74 -1.96
C MET A 25 9.48 -8.24 -2.13
N GLY A 26 8.92 -9.05 -1.26
CA GLY A 26 9.10 -10.52 -1.38
C GLY A 26 8.29 -11.03 -2.58
N SER A 27 8.74 -10.75 -3.79
CA SER A 27 8.02 -11.21 -5.02
C SER A 27 6.55 -10.80 -4.97
N GLY A 28 6.27 -9.53 -4.78
CA GLY A 28 4.84 -9.07 -4.72
C GLY A 28 4.63 -7.94 -5.74
N PRO A 29 3.55 -8.03 -6.46
CA PRO A 29 3.23 -6.99 -7.49
C PRO A 29 2.75 -5.66 -6.86
N CYS A 30 2.46 -5.65 -5.58
CA CYS A 30 2.01 -4.37 -4.95
C CYS A 30 3.19 -3.41 -4.81
N ARG A 31 4.36 -3.88 -4.42
CA ARG A 31 5.51 -2.94 -4.27
C ARG A 31 5.75 -2.15 -5.56
N ARG A 32 5.77 -2.80 -6.70
CA ARG A 32 5.98 -2.05 -7.97
C ARG A 32 4.81 -1.10 -8.21
N HIS A 33 3.61 -1.53 -7.89
CA HIS A 33 2.42 -0.62 -8.06
C HIS A 33 2.53 0.52 -7.05
N LEU A 34 2.87 0.20 -5.82
CA LEU A 34 3.01 1.25 -4.78
C LEU A 34 4.16 2.18 -5.16
N ASP A 35 5.31 1.65 -5.47
CA ASP A 35 6.46 2.54 -5.84
C ASP A 35 6.08 3.45 -6.99
N SER A 36 5.47 2.90 -8.02
CA SER A 36 5.06 3.74 -9.18
C SER A 36 4.06 4.78 -8.69
N VAL A 37 3.01 4.35 -8.02
CA VAL A 37 2.02 5.33 -7.49
C VAL A 37 2.72 6.28 -6.52
N LEU A 38 3.57 5.76 -5.66
CA LEU A 38 4.30 6.62 -4.69
C LEU A 38 5.10 7.66 -5.45
N GLN A 39 5.80 7.26 -6.47
CA GLN A 39 6.60 8.26 -7.26
C GLN A 39 5.64 9.17 -8.06
N GLN A 40 4.66 8.58 -8.69
CA GLN A 40 3.70 9.38 -9.52
C GLN A 40 2.74 10.24 -8.68
N LEU A 41 2.27 9.77 -7.55
CA LEU A 41 1.30 10.58 -6.75
C LEU A 41 1.81 12.00 -6.53
N GLN A 42 3.10 12.21 -6.38
CA GLN A 42 3.60 13.60 -6.19
C GLN A 42 3.31 14.44 -7.44
N THR A 43 3.41 13.85 -8.59
CA THR A 43 3.14 14.59 -9.85
C THR A 43 1.67 14.41 -10.25
N GLU A 44 1.06 13.32 -9.86
CA GLU A 44 -0.36 13.08 -10.25
C GLU A 44 -1.34 13.74 -9.27
N VAL A 45 -0.91 14.70 -8.50
CA VAL A 45 -1.86 15.35 -7.55
C VAL A 45 -2.95 16.10 -8.33
N TYR A 46 -2.71 16.43 -9.56
CA TYR A 46 -3.73 17.16 -10.35
C TYR A 46 -5.01 16.34 -10.48
N ARG A 47 -4.86 15.14 -10.91
CA ARG A 47 -6.03 14.23 -11.05
C ARG A 47 -6.29 13.49 -9.73
N GLY A 48 -5.25 13.28 -8.99
CA GLY A 48 -5.37 12.55 -7.70
C GLY A 48 -5.66 13.51 -6.54
N ALA A 49 -5.83 14.79 -6.79
CA ALA A 49 -6.10 15.74 -5.68
C ALA A 49 -7.31 15.27 -4.87
N GLN A 50 -8.32 14.75 -5.52
CA GLN A 50 -9.50 14.27 -4.76
C GLN A 50 -9.64 12.74 -4.81
N THR A 51 -8.78 12.05 -5.49
CA THR A 51 -8.93 10.56 -5.55
C THR A 51 -7.66 9.80 -5.96
N LEU A 52 -6.51 10.23 -5.53
CA LEU A 52 -5.27 9.51 -5.91
C LEU A 52 -5.17 8.28 -5.01
N TYR A 53 -5.14 7.12 -5.59
CA TYR A 53 -5.10 5.87 -4.76
C TYR A 53 -3.68 5.37 -4.50
N VAL A 54 -3.41 4.95 -3.29
CA VAL A 54 -2.07 4.39 -2.94
C VAL A 54 -2.26 2.99 -2.33
N PRO A 55 -1.58 2.02 -2.89
CA PRO A 55 -1.69 0.62 -2.41
C PRO A 55 -0.77 0.37 -1.21
N ASN A 56 -1.25 -0.39 -0.24
CA ASN A 56 -0.40 -0.71 0.96
C ASN A 56 0.10 -2.15 0.82
N CYS A 57 1.38 -2.37 0.78
CA CYS A 57 1.88 -3.76 0.61
C CYS A 57 2.76 -4.17 1.80
N ASP A 58 2.66 -5.41 2.20
CA ASP A 58 3.50 -5.92 3.32
C ASP A 58 4.86 -6.34 2.74
N HIS A 59 5.80 -6.73 3.57
CA HIS A 59 7.14 -7.17 3.07
C HIS A 59 7.00 -8.18 1.92
N ARG A 60 5.87 -8.84 1.83
CA ARG A 60 5.66 -9.85 0.72
C ARG A 60 5.30 -9.15 -0.61
N GLY A 61 5.38 -7.84 -0.66
CA GLY A 61 5.08 -7.12 -1.94
C GLY A 61 3.60 -7.21 -2.33
N PHE A 62 2.76 -7.82 -1.54
CA PHE A 62 1.32 -7.92 -1.92
C PHE A 62 0.50 -6.87 -1.15
N TYR A 63 -0.66 -6.49 -1.65
CA TYR A 63 -1.51 -5.51 -0.89
C TYR A 63 -2.00 -6.27 0.32
N ARG A 64 -1.36 -6.18 1.46
CA ARG A 64 -1.85 -7.05 2.56
C ARG A 64 -3.12 -6.55 3.25
N LYS A 65 -3.07 -5.44 3.91
CA LYS A 65 -4.29 -4.92 4.61
C LYS A 65 -5.01 -3.77 3.91
N ARG A 66 -4.28 -2.81 3.38
CA ARG A 66 -4.94 -1.56 2.88
C ARG A 66 -4.92 -1.27 1.39
N GLN A 67 -5.94 -0.54 1.01
CA GLN A 67 -6.10 0.03 -0.36
C GLN A 67 -6.71 1.41 -0.09
N CYS A 68 -6.13 2.50 -0.51
CA CYS A 68 -6.76 3.81 -0.13
C CYS A 68 -6.82 4.84 -1.24
N ARG A 69 -7.91 5.56 -1.29
CA ARG A 69 -8.04 6.67 -2.28
C ARG A 69 -7.69 7.94 -1.52
N SER A 70 -7.05 8.89 -2.15
CA SER A 70 -6.65 10.12 -1.40
C SER A 70 -7.35 11.38 -1.90
N SER A 71 -7.81 12.20 -0.98
CA SER A 71 -8.46 13.48 -1.34
C SER A 71 -7.85 14.57 -0.46
N GLN A 72 -7.45 15.68 -1.03
CA GLN A 72 -6.81 16.77 -0.21
C GLN A 72 -7.86 17.64 0.50
N GLY A 73 -9.11 17.31 0.45
CA GLY A 73 -10.15 18.14 1.14
C GLY A 73 -10.53 17.50 2.46
N GLN A 74 -11.77 17.61 2.85
CA GLN A 74 -12.22 17.00 4.14
C GLN A 74 -12.45 15.50 3.98
N ARG A 75 -12.37 14.99 2.79
CA ARG A 75 -12.59 13.53 2.57
C ARG A 75 -11.30 12.73 2.87
N ARG A 76 -10.18 13.42 3.10
CA ARG A 76 -8.86 12.74 3.37
C ARG A 76 -8.96 11.21 3.39
N GLY A 77 -8.95 10.63 2.23
CA GLY A 77 -9.08 9.15 2.10
C GLY A 77 -10.15 8.87 1.04
N PRO A 78 -10.97 7.88 1.26
CA PRO A 78 -10.88 7.01 2.45
C PRO A 78 -10.18 5.69 2.11
N CYS A 79 -9.50 5.12 3.06
CA CYS A 79 -8.86 3.82 2.81
C CYS A 79 -9.76 2.69 3.29
N TRP A 80 -9.70 1.55 2.68
CA TRP A 80 -10.54 0.41 3.14
C TRP A 80 -9.67 -0.82 3.35
N CYS A 81 -10.11 -1.74 4.16
CA CYS A 81 -9.30 -2.97 4.42
C CYS A 81 -9.44 -3.94 3.26
N VAL A 82 -8.37 -4.56 2.86
CA VAL A 82 -8.41 -5.52 1.70
C VAL A 82 -7.63 -6.79 2.05
N ASP A 83 -7.76 -7.81 1.26
CA ASP A 83 -6.99 -9.06 1.54
C ASP A 83 -5.64 -8.97 0.82
N ARG A 84 -4.83 -9.97 1.01
CA ARG A 84 -3.46 -10.00 0.38
C ARG A 84 -3.52 -9.71 -1.14
N MET A 85 -4.60 -10.05 -1.80
CA MET A 85 -4.69 -9.79 -3.26
C MET A 85 -5.12 -8.35 -3.52
N GLY A 86 -5.64 -7.68 -2.54
CA GLY A 86 -6.07 -6.27 -2.74
C GLY A 86 -7.60 -6.18 -2.82
N LYS A 87 -8.32 -7.26 -2.60
CA LYS A 87 -9.79 -7.19 -2.68
C LYS A 87 -10.29 -6.35 -1.51
N SER A 88 -11.18 -5.45 -1.78
CA SER A 88 -11.72 -4.60 -0.69
C SER A 88 -12.71 -5.38 0.17
N LEU A 89 -12.54 -5.33 1.45
CA LEU A 89 -13.48 -6.04 2.35
C LEU A 89 -14.67 -5.12 2.62
N PRO A 90 -15.80 -5.69 2.95
CA PRO A 90 -17.02 -4.88 3.21
C PRO A 90 -16.84 -3.97 4.43
N GLY A 91 -16.30 -4.50 5.49
CA GLY A 91 -16.08 -3.67 6.71
C GLY A 91 -17.27 -3.83 7.66
N SER A 92 -17.00 -3.97 8.93
CA SER A 92 -18.11 -4.12 9.91
C SER A 92 -18.16 -2.90 10.84
N PRO A 93 -19.29 -2.71 11.48
CA PRO A 93 -19.43 -1.56 12.42
C PRO A 93 -18.48 -1.73 13.61
N ASP A 94 -18.12 -2.94 13.92
CA ASP A 94 -17.17 -3.17 15.05
C ASP A 94 -15.73 -3.09 14.54
N GLY A 95 -15.53 -2.66 13.32
CA GLY A 95 -14.14 -2.55 12.77
C GLY A 95 -13.53 -1.23 13.19
N ASN A 96 -13.17 -1.11 14.44
CA ASN A 96 -12.57 0.18 14.93
C ASN A 96 -11.11 0.27 14.46
N GLY A 97 -10.59 1.47 14.36
CA GLY A 97 -9.17 1.64 13.91
C GLY A 97 -9.13 1.81 12.40
N SER A 98 -9.83 2.78 11.89
CA SER A 98 -9.85 3.01 10.41
C SER A 98 -8.47 3.45 9.90
N SER A 99 -7.67 4.08 10.74
CA SER A 99 -6.31 4.54 10.28
C SER A 99 -5.52 3.34 9.73
N SER A 100 -5.41 2.28 10.47
CA SER A 100 -4.69 1.08 9.96
C SER A 100 -5.67 0.24 9.13
N CYS A 101 -6.53 -0.49 9.79
CA CYS A 101 -7.56 -1.28 9.06
C CYS A 101 -8.74 -1.51 10.01
N PRO A 102 -9.93 -1.29 9.53
CA PRO A 102 -11.14 -1.48 10.37
C PRO A 102 -11.55 -2.95 10.42
N THR A 103 -11.78 -3.56 9.29
CA THR A 103 -12.18 -4.99 9.27
C THR A 103 -11.25 -5.78 8.35
N GLY A 104 -10.32 -6.51 8.91
CA GLY A 104 -9.37 -7.29 8.07
C GLY A 104 -8.22 -7.77 8.96
N SER A 105 -8.51 -8.53 9.98
CA SER A 105 -7.44 -9.03 10.88
C SER A 105 -7.68 -10.51 11.20
N SER A 106 -6.63 -11.27 11.33
CA SER A 106 -6.78 -12.72 11.65
C SER A 106 -6.71 -12.91 13.17
N GLY A 107 -7.70 -12.43 13.89
CA GLY A 107 -7.69 -12.56 15.37
C GLY A 107 -7.49 -11.18 15.99
#